data_7FEO
# 
_entry.id   7FEO 
# 
_audit_conform.dict_name       mmcif_pdbx.dic 
_audit_conform.dict_version    5.380 
_audit_conform.dict_location   http://mmcif.pdb.org/dictionaries/ascii/mmcif_pdbx.dic 
# 
loop_
_database_2.database_id 
_database_2.database_code 
_database_2.pdbx_database_accession 
_database_2.pdbx_DOI 
PDB   7FEO         pdb_00007feo 10.2210/pdb7feo/pdb 
WWPDB D_1300023381 ?            ?                   
# 
_pdbx_database_status.status_code                     REL 
_pdbx_database_status.status_code_sf                  REL 
_pdbx_database_status.status_code_mr                  ? 
_pdbx_database_status.entry_id                        7FEO 
_pdbx_database_status.recvd_initial_deposition_date   2021-07-21 
_pdbx_database_status.SG_entry                        Y 
_pdbx_database_status.deposit_site                    PDBJ 
_pdbx_database_status.process_site                    PDBJ 
_pdbx_database_status.status_code_cs                  ? 
_pdbx_database_status.status_code_nmr_data            ? 
_pdbx_database_status.methods_development_category    ? 
_pdbx_database_status.pdb_format_compatible           Y 
# 
loop_
_audit_author.name 
_audit_author.pdbx_ordinal 
_audit_author.identifier_ORCID 
'Zhou, M.Q.'                           1 ? 
'Wu, Z.B.'                             2 ? 
'Liu, K.'                              3 ? 
'Min, J.R.'                            4 ? 
'Structural Genomics Consortium (SGC)' 5 ? 
# 
_citation.abstract                  ? 
_citation.abstract_id_CAS           ? 
_citation.book_id_ISBN              ? 
_citation.book_publisher            ? 
_citation.book_publisher_city       ? 
_citation.book_title                ? 
_citation.coordinate_linkage        ? 
_citation.country                   UK 
_citation.database_id_Medline       ? 
_citation.details                   ? 
_citation.id                        primary 
_citation.journal_abbrev            J.Mol.Biol. 
_citation.journal_id_ASTM           JMOBAK 
_citation.journal_id_CSD            0070 
_citation.journal_id_ISSN           1089-8638 
_citation.journal_full              ? 
_citation.journal_issue             ? 
_citation.journal_volume            434 
_citation.language                  ? 
_citation.page_first                167404 
_citation.page_last                 167404 
_citation.title                     'Family-wide Characterization of Methylated DNA Binding Ability of Arabidopsis MBDs.' 
_citation.year                      2022 
_citation.database_id_CSD           ? 
_citation.pdbx_database_id_DOI      10.1016/j.jmb.2021.167404 
_citation.pdbx_database_id_PubMed   34919920 
_citation.pdbx_database_id_patent   ? 
_citation.unpublished_flag          ? 
# 
loop_
_citation_author.citation_id 
_citation_author.name 
_citation_author.ordinal 
_citation_author.identifier_ORCID 
primary 'Wu, Z.'    1 ? 
primary 'Chen, S.'  2 ? 
primary 'Zhou, M.'  3 ? 
primary 'Jia, L.'   4 ? 
primary 'Li, Z.'    5 ? 
primary 'Zhang, X.' 6 ? 
primary 'Min, J.'   7 ? 
primary 'Liu, K.'   8 ? 
# 
_cell.angle_alpha                  90.000 
_cell.angle_alpha_esd              ? 
_cell.angle_beta                   90.000 
_cell.angle_beta_esd               ? 
_cell.angle_gamma                  90.000 
_cell.angle_gamma_esd              ? 
_cell.entry_id                     7FEO 
_cell.details                      ? 
_cell.formula_units_Z              ? 
_cell.length_a                     72.852 
_cell.length_a_esd                 ? 
_cell.length_b                     72.852 
_cell.length_b_esd                 ? 
_cell.length_c                     120.905 
_cell.length_c_esd                 ? 
_cell.volume                       ? 
_cell.volume_esd                   ? 
_cell.Z_PDB                        32 
_cell.reciprocal_angle_alpha       ? 
_cell.reciprocal_angle_beta        ? 
_cell.reciprocal_angle_gamma       ? 
_cell.reciprocal_angle_alpha_esd   ? 
_cell.reciprocal_angle_beta_esd    ? 
_cell.reciprocal_angle_gamma_esd   ? 
_cell.reciprocal_length_a          ? 
_cell.reciprocal_length_b          ? 
_cell.reciprocal_length_c          ? 
_cell.reciprocal_length_a_esd      ? 
_cell.reciprocal_length_b_esd      ? 
_cell.reciprocal_length_c_esd      ? 
_cell.pdbx_unique_axis             ? 
# 
_symmetry.entry_id                         7FEO 
_symmetry.cell_setting                     ? 
_symmetry.Int_Tables_number                98 
_symmetry.space_group_name_Hall            ? 
_symmetry.space_group_name_H-M             'I 41 2 2' 
_symmetry.pdbx_full_space_group_name_H-M   ? 
# 
loop_
_entity.id 
_entity.type 
_entity.src_method 
_entity.pdbx_description 
_entity.formula_weight 
_entity.pdbx_number_of_molecules 
_entity.pdbx_ec 
_entity.pdbx_mutation 
_entity.pdbx_fragment 
_entity.details 
1 polymer     man 'Methyl-CpG-binding domain-containing protein 5' 8230.116 2  ? ? ? ? 
2 non-polymer syn 'SULFATE ION'                                    96.063   3  ? ? ? ? 
3 water       nat water                                            18.015   12 ? ? ? ? 
# 
_entity_name_com.entity_id   1 
_entity_name_com.name        'AtMBD5,MBD05,Methyl-CpG-binding protein MBD5' 
# 
_entity_poly.entity_id                      1 
_entity_poly.type                           'polypeptide(L)' 
_entity_poly.nstd_linkage                   no 
_entity_poly.nstd_monomer                   no 
_entity_poly.pdbx_seq_one_letter_code       GTPGDDNWLPPDWRTEIRVRTSGTKAGTVDKFYYEPITGRKFRSKNEVLYYLEHGTPKKKSVKTAENGDSHS 
_entity_poly.pdbx_seq_one_letter_code_can   GTPGDDNWLPPDWRTEIRVRTSGTKAGTVDKFYYEPITGRKFRSKNEVLYYLEHGTPKKKSVKTAENGDSHS 
_entity_poly.pdbx_strand_id                 A,B 
_entity_poly.pdbx_target_identifier         ? 
# 
loop_
_entity_poly_seq.entity_id 
_entity_poly_seq.num 
_entity_poly_seq.mon_id 
_entity_poly_seq.hetero 
1 1  GLY n 
1 2  THR n 
1 3  PRO n 
1 4  GLY n 
1 5  ASP n 
1 6  ASP n 
1 7  ASN n 
1 8  TRP n 
1 9  LEU n 
1 10 PRO n 
1 11 PRO n 
1 12 ASP n 
1 13 TRP n 
1 14 ARG n 
1 15 THR n 
1 16 GLU n 
1 17 ILE n 
1 18 ARG n 
1 19 VAL n 
1 20 ARG n 
1 21 THR n 
1 22 SER n 
1 23 GLY n 
1 24 THR n 
1 25 LYS n 
1 26 ALA n 
1 27 GLY n 
1 28 THR n 
1 29 VAL n 
1 30 ASP n 
1 31 LYS n 
1 32 PHE n 
1 33 TYR n 
1 34 TYR n 
1 35 GLU n 
1 36 PRO n 
1 37 ILE n 
1 38 THR n 
1 39 GLY n 
1 40 ARG n 
1 41 LYS n 
1 42 PHE n 
1 43 ARG n 
1 44 SER n 
1 45 LYS n 
1 46 ASN n 
1 47 GLU n 
1 48 VAL n 
1 49 LEU n 
1 50 TYR n 
1 51 TYR n 
1 52 LEU n 
1 53 GLU n 
1 54 HIS n 
1 55 GLY n 
1 56 THR n 
1 57 PRO n 
1 58 LYS n 
1 59 LYS n 
1 60 LYS n 
1 61 SER n 
1 62 VAL n 
1 63 LYS n 
1 64 THR n 
1 65 ALA n 
1 66 GLU n 
1 67 ASN n 
1 68 GLY n 
1 69 ASP n 
1 70 SER n 
1 71 HIS n 
1 72 SER n 
# 
_entity_src_gen.entity_id                          1 
_entity_src_gen.pdbx_src_id                        1 
_entity_src_gen.pdbx_alt_source_flag               sample 
_entity_src_gen.pdbx_seq_type                      'Biological sequence' 
_entity_src_gen.pdbx_beg_seq_num                   1 
_entity_src_gen.pdbx_end_seq_num                   72 
_entity_src_gen.gene_src_common_name               'Mouse-ear cress' 
_entity_src_gen.gene_src_genus                     ? 
_entity_src_gen.pdbx_gene_src_gene                 'MBD5, At3g46580, F12A12.100' 
_entity_src_gen.gene_src_species                   ? 
_entity_src_gen.gene_src_strain                    ? 
_entity_src_gen.gene_src_tissue                    ? 
_entity_src_gen.gene_src_tissue_fraction           ? 
_entity_src_gen.gene_src_details                   ? 
_entity_src_gen.pdbx_gene_src_fragment             ? 
_entity_src_gen.pdbx_gene_src_scientific_name      'Arabidopsis thaliana' 
_entity_src_gen.pdbx_gene_src_ncbi_taxonomy_id     3702 
_entity_src_gen.pdbx_gene_src_variant              ? 
_entity_src_gen.pdbx_gene_src_cell_line            ? 
_entity_src_gen.pdbx_gene_src_atcc                 ? 
_entity_src_gen.pdbx_gene_src_organ                ? 
_entity_src_gen.pdbx_gene_src_organelle            ? 
_entity_src_gen.pdbx_gene_src_cell                 ? 
_entity_src_gen.pdbx_gene_src_cellular_location    ? 
_entity_src_gen.host_org_common_name               ? 
_entity_src_gen.pdbx_host_org_scientific_name      'Escherichia coli BL21(DE3)' 
_entity_src_gen.pdbx_host_org_ncbi_taxonomy_id     469008 
_entity_src_gen.host_org_genus                     ? 
_entity_src_gen.pdbx_host_org_gene                 ? 
_entity_src_gen.pdbx_host_org_organ                ? 
_entity_src_gen.host_org_species                   ? 
_entity_src_gen.pdbx_host_org_tissue               ? 
_entity_src_gen.pdbx_host_org_tissue_fraction      ? 
_entity_src_gen.pdbx_host_org_strain               ? 
_entity_src_gen.pdbx_host_org_variant              ? 
_entity_src_gen.pdbx_host_org_cell_line            ? 
_entity_src_gen.pdbx_host_org_atcc                 ? 
_entity_src_gen.pdbx_host_org_culture_collection   ? 
_entity_src_gen.pdbx_host_org_cell                 ? 
_entity_src_gen.pdbx_host_org_organelle            ? 
_entity_src_gen.pdbx_host_org_cellular_location    ? 
_entity_src_gen.pdbx_host_org_vector_type          ? 
_entity_src_gen.pdbx_host_org_vector               ? 
_entity_src_gen.host_org_details                   ? 
_entity_src_gen.expression_system_id               ? 
_entity_src_gen.plasmid_name                       ? 
_entity_src_gen.plasmid_details                    ? 
_entity_src_gen.pdbx_description                   ? 
# 
_struct_ref.id                         1 
_struct_ref.db_name                    UNP 
_struct_ref.db_code                    MBD5_ARATH 
_struct_ref.pdbx_db_accession          Q9SNC0 
_struct_ref.pdbx_db_isoform            ? 
_struct_ref.entity_id                  1 
_struct_ref.pdbx_seq_one_letter_code   TPGDDNWLPPDWRTEIRVRTSGTKAGTVDKFYYEPITGRKFRSKNEVLYYLEHGTPKKKSVKTAENGDSHS 
_struct_ref.pdbx_align_begin           28 
# 
loop_
_struct_ref_seq.align_id 
_struct_ref_seq.ref_id 
_struct_ref_seq.pdbx_PDB_id_code 
_struct_ref_seq.pdbx_strand_id 
_struct_ref_seq.seq_align_beg 
_struct_ref_seq.pdbx_seq_align_beg_ins_code 
_struct_ref_seq.seq_align_end 
_struct_ref_seq.pdbx_seq_align_end_ins_code 
_struct_ref_seq.pdbx_db_accession 
_struct_ref_seq.db_align_beg 
_struct_ref_seq.pdbx_db_align_beg_ins_code 
_struct_ref_seq.db_align_end 
_struct_ref_seq.pdbx_db_align_end_ins_code 
_struct_ref_seq.pdbx_auth_seq_align_beg 
_struct_ref_seq.pdbx_auth_seq_align_end 
1 1 7FEO A 2 ? 72 ? Q9SNC0 28 ? 98 ? 28 98 
2 1 7FEO B 2 ? 72 ? Q9SNC0 28 ? 98 ? 28 98 
# 
loop_
_struct_ref_seq_dif.align_id 
_struct_ref_seq_dif.pdbx_pdb_id_code 
_struct_ref_seq_dif.mon_id 
_struct_ref_seq_dif.pdbx_pdb_strand_id 
_struct_ref_seq_dif.seq_num 
_struct_ref_seq_dif.pdbx_pdb_ins_code 
_struct_ref_seq_dif.pdbx_seq_db_name 
_struct_ref_seq_dif.pdbx_seq_db_accession_code 
_struct_ref_seq_dif.db_mon_id 
_struct_ref_seq_dif.pdbx_seq_db_seq_num 
_struct_ref_seq_dif.details 
_struct_ref_seq_dif.pdbx_auth_seq_num 
_struct_ref_seq_dif.pdbx_ordinal 
1 7FEO GLY A 1 ? UNP Q9SNC0 ? ? 'expression tag' 27 1 
2 7FEO GLY B 1 ? UNP Q9SNC0 ? ? 'expression tag' 27 2 
# 
loop_
_chem_comp.id 
_chem_comp.type 
_chem_comp.mon_nstd_flag 
_chem_comp.name 
_chem_comp.pdbx_synonyms 
_chem_comp.formula 
_chem_comp.formula_weight 
ALA 'L-peptide linking' y ALANINE         ? 'C3 H7 N O2'     89.093  
ARG 'L-peptide linking' y ARGININE        ? 'C6 H15 N4 O2 1' 175.209 
ASN 'L-peptide linking' y ASPARAGINE      ? 'C4 H8 N2 O3'    132.118 
ASP 'L-peptide linking' y 'ASPARTIC ACID' ? 'C4 H7 N O4'     133.103 
GLU 'L-peptide linking' y 'GLUTAMIC ACID' ? 'C5 H9 N O4'     147.129 
GLY 'peptide linking'   y GLYCINE         ? 'C2 H5 N O2'     75.067  
HIS 'L-peptide linking' y HISTIDINE       ? 'C6 H10 N3 O2 1' 156.162 
HOH non-polymer         . WATER           ? 'H2 O'           18.015  
ILE 'L-peptide linking' y ISOLEUCINE      ? 'C6 H13 N O2'    131.173 
LEU 'L-peptide linking' y LEUCINE         ? 'C6 H13 N O2'    131.173 
LYS 'L-peptide linking' y LYSINE          ? 'C6 H15 N2 O2 1' 147.195 
PHE 'L-peptide linking' y PHENYLALANINE   ? 'C9 H11 N O2'    165.189 
PRO 'L-peptide linking' y PROLINE         ? 'C5 H9 N O2'     115.130 
SER 'L-peptide linking' y SERINE          ? 'C3 H7 N O3'     105.093 
SO4 non-polymer         . 'SULFATE ION'   ? 'O4 S -2'        96.063  
THR 'L-peptide linking' y THREONINE       ? 'C4 H9 N O3'     119.119 
TRP 'L-peptide linking' y TRYPTOPHAN      ? 'C11 H12 N2 O2'  204.225 
TYR 'L-peptide linking' y TYROSINE        ? 'C9 H11 N O3'    181.189 
VAL 'L-peptide linking' y VALINE          ? 'C5 H11 N O2'    117.146 
# 
_exptl.absorpt_coefficient_mu     ? 
_exptl.absorpt_correction_T_max   ? 
_exptl.absorpt_correction_T_min   ? 
_exptl.absorpt_correction_type    ? 
_exptl.absorpt_process_details    ? 
_exptl.entry_id                   7FEO 
_exptl.crystals_number            1 
_exptl.details                    ? 
_exptl.method                     'X-RAY DIFFRACTION' 
_exptl.method_details             ? 
# 
_exptl_crystal.colour                      ? 
_exptl_crystal.density_diffrn              ? 
_exptl_crystal.density_Matthews            2.44 
_exptl_crystal.density_method              ? 
_exptl_crystal.density_percent_sol         49.52 
_exptl_crystal.description                 ? 
_exptl_crystal.F_000                       ? 
_exptl_crystal.id                          1 
_exptl_crystal.preparation                 ? 
_exptl_crystal.size_max                    ? 
_exptl_crystal.size_mid                    ? 
_exptl_crystal.size_min                    ? 
_exptl_crystal.size_rad                    ? 
_exptl_crystal.colour_lustre               ? 
_exptl_crystal.colour_modifier             ? 
_exptl_crystal.colour_primary              ? 
_exptl_crystal.density_meas                ? 
_exptl_crystal.density_meas_esd            ? 
_exptl_crystal.density_meas_gt             ? 
_exptl_crystal.density_meas_lt             ? 
_exptl_crystal.density_meas_temp           ? 
_exptl_crystal.density_meas_temp_esd       ? 
_exptl_crystal.density_meas_temp_gt        ? 
_exptl_crystal.density_meas_temp_lt        ? 
_exptl_crystal.pdbx_crystal_image_url      ? 
_exptl_crystal.pdbx_crystal_image_format   ? 
_exptl_crystal.pdbx_mosaicity              ? 
_exptl_crystal.pdbx_mosaicity_esd          ? 
# 
_exptl_crystal_grow.apparatus       ? 
_exptl_crystal_grow.atmosphere      ? 
_exptl_crystal_grow.crystal_id      1 
_exptl_crystal_grow.details         ? 
_exptl_crystal_grow.method          'VAPOR DIFFUSION, SITTING DROP' 
_exptl_crystal_grow.method_ref      ? 
_exptl_crystal_grow.pH              5.5 
_exptl_crystal_grow.pressure        ? 
_exptl_crystal_grow.pressure_esd    ? 
_exptl_crystal_grow.seeding         ? 
_exptl_crystal_grow.seeding_ref     ? 
_exptl_crystal_grow.temp            291 
_exptl_crystal_grow.temp_details    ? 
_exptl_crystal_grow.temp_esd        ? 
_exptl_crystal_grow.time            ? 
_exptl_crystal_grow.pdbx_details    '2M ammonium sulphate, 0.2M Sodium Chloride, 0.1M cacodylate pH5.5' 
_exptl_crystal_grow.pdbx_pH_range   ? 
# 
_diffrn.ambient_environment              ? 
_diffrn.ambient_temp                     100 
_diffrn.ambient_temp_details             ? 
_diffrn.ambient_temp_esd                 ? 
_diffrn.crystal_id                       1 
_diffrn.crystal_support                  ? 
_diffrn.crystal_treatment                ? 
_diffrn.details                          ? 
_diffrn.id                               1 
_diffrn.ambient_pressure                 ? 
_diffrn.ambient_pressure_esd             ? 
_diffrn.ambient_pressure_gt              ? 
_diffrn.ambient_pressure_lt              ? 
_diffrn.ambient_temp_gt                  ? 
_diffrn.ambient_temp_lt                  ? 
_diffrn.pdbx_serial_crystal_experiment   N 
# 
_diffrn_detector.details                      ? 
_diffrn_detector.detector                     CCD 
_diffrn_detector.diffrn_id                    1 
_diffrn_detector.type                         'RIGAKU SATURN A200' 
_diffrn_detector.area_resol_mean              ? 
_diffrn_detector.dtime                        ? 
_diffrn_detector.pdbx_frames_total            ? 
_diffrn_detector.pdbx_collection_time_total   ? 
_diffrn_detector.pdbx_collection_date         2019-03-15 
_diffrn_detector.pdbx_frequency               ? 
# 
_diffrn_radiation.collimation                      ? 
_diffrn_radiation.diffrn_id                        1 
_diffrn_radiation.filter_edge                      ? 
_diffrn_radiation.inhomogeneity                    ? 
_diffrn_radiation.monochromator                    ? 
_diffrn_radiation.polarisn_norm                    ? 
_diffrn_radiation.polarisn_ratio                   ? 
_diffrn_radiation.probe                            ? 
_diffrn_radiation.type                             ? 
_diffrn_radiation.xray_symbol                      ? 
_diffrn_radiation.wavelength_id                    1 
_diffrn_radiation.pdbx_monochromatic_or_laue_m_l   M 
_diffrn_radiation.pdbx_wavelength_list             ? 
_diffrn_radiation.pdbx_wavelength                  ? 
_diffrn_radiation.pdbx_diffrn_protocol             'SINGLE WAVELENGTH' 
_diffrn_radiation.pdbx_analyzer                    ? 
_diffrn_radiation.pdbx_scattering_type             x-ray 
# 
_diffrn_radiation_wavelength.id           1 
_diffrn_radiation_wavelength.wavelength   1.54 
_diffrn_radiation_wavelength.wt           1.0 
# 
_diffrn_source.current                     ? 
_diffrn_source.details                     ? 
_diffrn_source.diffrn_id                   1 
_diffrn_source.power                       ? 
_diffrn_source.size                        ? 
_diffrn_source.source                      'ROTATING ANODE' 
_diffrn_source.target                      ? 
_diffrn_source.type                        'RIGAKU FR-E SUPERBRIGHT' 
_diffrn_source.voltage                     ? 
_diffrn_source.take-off_angle              ? 
_diffrn_source.pdbx_wavelength_list        1.54 
_diffrn_source.pdbx_wavelength             ? 
_diffrn_source.pdbx_synchrotron_beamline   ? 
_diffrn_source.pdbx_synchrotron_site       ? 
# 
_reflns.B_iso_Wilson_estimate                          ? 
_reflns.entry_id                                       7FEO 
_reflns.data_reduction_details                         ? 
_reflns.data_reduction_method                          ? 
_reflns.d_resolution_high                              2.2 
_reflns.d_resolution_low                               36.45 
_reflns.details                                        ? 
_reflns.limit_h_max                                    ? 
_reflns.limit_h_min                                    ? 
_reflns.limit_k_max                                    ? 
_reflns.limit_k_min                                    ? 
_reflns.limit_l_max                                    ? 
_reflns.limit_l_min                                    ? 
_reflns.number_all                                     ? 
_reflns.number_obs                                     8605 
_reflns.observed_criterion                             ? 
_reflns.observed_criterion_F_max                       ? 
_reflns.observed_criterion_F_min                       ? 
_reflns.observed_criterion_I_max                       ? 
_reflns.observed_criterion_I_min                       ? 
_reflns.observed_criterion_sigma_F                     ? 
_reflns.observed_criterion_sigma_I                     ? 
_reflns.percent_possible_obs                           99.91 
_reflns.R_free_details                                 ? 
_reflns.Rmerge_F_all                                   ? 
_reflns.Rmerge_F_obs                                   ? 
_reflns.Friedel_coverage                               ? 
_reflns.number_gt                                      ? 
_reflns.threshold_expression                           ? 
_reflns.pdbx_redundancy                                14.3 
_reflns.pdbx_Rmerge_I_obs                              ? 
_reflns.pdbx_Rmerge_I_all                              ? 
_reflns.pdbx_Rsym_value                                ? 
_reflns.pdbx_netI_over_av_sigmaI                       ? 
_reflns.pdbx_netI_over_sigmaI                          29.76 
_reflns.pdbx_res_netI_over_av_sigmaI_2                 ? 
_reflns.pdbx_res_netI_over_sigmaI_2                    ? 
_reflns.pdbx_chi_squared                               ? 
_reflns.pdbx_scaling_rejects                           ? 
_reflns.pdbx_d_res_high_opt                            ? 
_reflns.pdbx_d_res_low_opt                             ? 
_reflns.pdbx_d_res_opt_method                          ? 
_reflns.phase_calculation_details                      ? 
_reflns.pdbx_Rrim_I_all                                ? 
_reflns.pdbx_Rpim_I_all                                ? 
_reflns.pdbx_d_opt                                     ? 
_reflns.pdbx_number_measured_all                       ? 
_reflns.pdbx_diffrn_id                                 1 
_reflns.pdbx_ordinal                                   1 
_reflns.pdbx_CC_half                                   1.000 
_reflns.pdbx_CC_star                                   ? 
_reflns.pdbx_R_split                                   ? 
_reflns.pdbx_aniso_diffraction_limit_axis_1_ortho[1]   ? 
_reflns.pdbx_aniso_diffraction_limit_axis_1_ortho[2]   ? 
_reflns.pdbx_aniso_diffraction_limit_axis_1_ortho[3]   ? 
_reflns.pdbx_aniso_diffraction_limit_axis_2_ortho[1]   ? 
_reflns.pdbx_aniso_diffraction_limit_axis_2_ortho[2]   ? 
_reflns.pdbx_aniso_diffraction_limit_axis_2_ortho[3]   ? 
_reflns.pdbx_aniso_diffraction_limit_axis_3_ortho[1]   ? 
_reflns.pdbx_aniso_diffraction_limit_axis_3_ortho[2]   ? 
_reflns.pdbx_aniso_diffraction_limit_axis_3_ortho[3]   ? 
_reflns.pdbx_aniso_diffraction_limit_1                 ? 
_reflns.pdbx_aniso_diffraction_limit_2                 ? 
_reflns.pdbx_aniso_diffraction_limit_3                 ? 
_reflns.pdbx_aniso_B_tensor_eigenvector_1_ortho[1]     ? 
_reflns.pdbx_aniso_B_tensor_eigenvector_1_ortho[2]     ? 
_reflns.pdbx_aniso_B_tensor_eigenvector_1_ortho[3]     ? 
_reflns.pdbx_aniso_B_tensor_eigenvector_2_ortho[1]     ? 
_reflns.pdbx_aniso_B_tensor_eigenvector_2_ortho[2]     ? 
_reflns.pdbx_aniso_B_tensor_eigenvector_2_ortho[3]     ? 
_reflns.pdbx_aniso_B_tensor_eigenvector_3_ortho[1]     ? 
_reflns.pdbx_aniso_B_tensor_eigenvector_3_ortho[2]     ? 
_reflns.pdbx_aniso_B_tensor_eigenvector_3_ortho[3]     ? 
_reflns.pdbx_aniso_B_tensor_eigenvalue_1               ? 
_reflns.pdbx_aniso_B_tensor_eigenvalue_2               ? 
_reflns.pdbx_aniso_B_tensor_eigenvalue_3               ? 
_reflns.pdbx_orthogonalization_convention              ? 
_reflns.pdbx_percent_possible_ellipsoidal              ? 
_reflns.pdbx_percent_possible_spherical                ? 
_reflns.pdbx_percent_possible_ellipsoidal_anomalous    ? 
_reflns.pdbx_percent_possible_spherical_anomalous      ? 
_reflns.pdbx_redundancy_anomalous                      ? 
_reflns.pdbx_CC_half_anomalous                         ? 
_reflns.pdbx_absDiff_over_sigma_anomalous              ? 
_reflns.pdbx_percent_possible_anomalous                ? 
_reflns.pdbx_observed_signal_threshold                 ? 
_reflns.pdbx_signal_type                               ? 
_reflns.pdbx_signal_details                            ? 
_reflns.pdbx_signal_software_id                        ? 
# 
_reflns_shell.d_res_high                                    2.2 
_reflns_shell.d_res_low                                     2.28 
_reflns_shell.meanI_over_sigI_all                           ? 
_reflns_shell.meanI_over_sigI_obs                           ? 
_reflns_shell.number_measured_all                           ? 
_reflns_shell.number_measured_obs                           ? 
_reflns_shell.number_possible                               ? 
_reflns_shell.number_unique_all                             ? 
_reflns_shell.number_unique_obs                             854 
_reflns_shell.percent_possible_all                          ? 
_reflns_shell.percent_possible_obs                          ? 
_reflns_shell.Rmerge_F_all                                  ? 
_reflns_shell.Rmerge_F_obs                                  ? 
_reflns_shell.Rmerge_I_all                                  ? 
_reflns_shell.Rmerge_I_obs                                  ? 
_reflns_shell.meanI_over_sigI_gt                            ? 
_reflns_shell.meanI_over_uI_all                             ? 
_reflns_shell.meanI_over_uI_gt                              ? 
_reflns_shell.number_measured_gt                            ? 
_reflns_shell.number_unique_gt                              ? 
_reflns_shell.percent_possible_gt                           ? 
_reflns_shell.Rmerge_F_gt                                   ? 
_reflns_shell.Rmerge_I_gt                                   ? 
_reflns_shell.pdbx_redundancy                               ? 
_reflns_shell.pdbx_Rsym_value                               ? 
_reflns_shell.pdbx_chi_squared                              ? 
_reflns_shell.pdbx_netI_over_sigmaI_all                     ? 
_reflns_shell.pdbx_netI_over_sigmaI_obs                     ? 
_reflns_shell.pdbx_Rrim_I_all                               ? 
_reflns_shell.pdbx_Rpim_I_all                               ? 
_reflns_shell.pdbx_rejects                                  ? 
_reflns_shell.pdbx_ordinal                                  1 
_reflns_shell.pdbx_diffrn_id                                1 
_reflns_shell.pdbx_CC_half                                  0.93 
_reflns_shell.pdbx_CC_star                                  ? 
_reflns_shell.pdbx_R_split                                  ? 
_reflns_shell.pdbx_percent_possible_ellipsoidal             ? 
_reflns_shell.pdbx_percent_possible_spherical               ? 
_reflns_shell.pdbx_percent_possible_ellipsoidal_anomalous   ? 
_reflns_shell.pdbx_percent_possible_spherical_anomalous     ? 
_reflns_shell.pdbx_redundancy_anomalous                     ? 
_reflns_shell.pdbx_CC_half_anomalous                        ? 
_reflns_shell.pdbx_absDiff_over_sigma_anomalous             ? 
_reflns_shell.pdbx_percent_possible_anomalous               ? 
# 
_refine.aniso_B[1][1]                            0.0900 
_refine.aniso_B[1][2]                            -0.0000 
_refine.aniso_B[1][3]                            -0.0000 
_refine.aniso_B[2][2]                            0.0900 
_refine.aniso_B[2][3]                            0.0000 
_refine.aniso_B[3][3]                            -0.1800 
_refine.B_iso_max                                138.730 
_refine.B_iso_mean                               68.6580 
_refine.B_iso_min                                32.430 
_refine.correlation_coeff_Fo_to_Fc               0.9510 
_refine.correlation_coeff_Fo_to_Fc_free          0.9410 
_refine.details                                  
'HYDROGENS HAVE BEEN ADDED IN THE RIDING POSITIONS U VALUES      : REFINED INDIVIDUALLY' 
_refine.diff_density_max                         ? 
_refine.diff_density_max_esd                     ? 
_refine.diff_density_min                         ? 
_refine.diff_density_min_esd                     ? 
_refine.diff_density_rms                         ? 
_refine.diff_density_rms_esd                     ? 
_refine.entry_id                                 7FEO 
_refine.pdbx_refine_id                           'X-RAY DIFFRACTION' 
_refine.ls_abs_structure_details                 ? 
_refine.ls_abs_structure_Flack                   ? 
_refine.ls_abs_structure_Flack_esd               ? 
_refine.ls_abs_structure_Rogers                  ? 
_refine.ls_abs_structure_Rogers_esd              ? 
_refine.ls_d_res_high                            2.2000 
_refine.ls_d_res_low                             36.4500 
_refine.ls_extinction_coef                       ? 
_refine.ls_extinction_coef_esd                   ? 
_refine.ls_extinction_expression                 ? 
_refine.ls_extinction_method                     ? 
_refine.ls_goodness_of_fit_all                   ? 
_refine.ls_goodness_of_fit_all_esd               ? 
_refine.ls_goodness_of_fit_obs                   ? 
_refine.ls_goodness_of_fit_obs_esd               ? 
_refine.ls_hydrogen_treatment                    ? 
_refine.ls_matrix_type                           ? 
_refine.ls_number_constraints                    ? 
_refine.ls_number_parameters                     ? 
_refine.ls_number_reflns_all                     ? 
_refine.ls_number_reflns_obs                     7774 
_refine.ls_number_reflns_R_free                  832 
_refine.ls_number_reflns_R_work                  ? 
_refine.ls_number_restraints                     ? 
_refine.ls_percent_reflns_obs                    99.9200 
_refine.ls_percent_reflns_R_free                 9.7000 
_refine.ls_R_factor_all                          ? 
_refine.ls_R_factor_obs                          0.2365 
_refine.ls_R_factor_R_free                       0.2653 
_refine.ls_R_factor_R_free_error                 ? 
_refine.ls_R_factor_R_free_error_details         ? 
_refine.ls_R_factor_R_work                       0.2332 
_refine.ls_R_Fsqd_factor_obs                     ? 
_refine.ls_R_I_factor_obs                        ? 
_refine.ls_redundancy_reflns_all                 ? 
_refine.ls_redundancy_reflns_obs                 ? 
_refine.ls_restrained_S_all                      ? 
_refine.ls_restrained_S_obs                      ? 
_refine.ls_shift_over_esd_max                    ? 
_refine.ls_shift_over_esd_mean                   ? 
_refine.ls_structure_factor_coef                 ? 
_refine.ls_weighting_details                     ? 
_refine.ls_weighting_scheme                      ? 
_refine.ls_wR_factor_all                         ? 
_refine.ls_wR_factor_obs                         ? 
_refine.ls_wR_factor_R_free                      ? 
_refine.ls_wR_factor_R_work                      ? 
_refine.occupancy_max                            ? 
_refine.occupancy_min                            ? 
_refine.solvent_model_details                    MASK 
_refine.solvent_model_param_bsol                 ? 
_refine.solvent_model_param_ksol                 ? 
_refine.pdbx_R_complete                          ? 
_refine.ls_R_factor_gt                           ? 
_refine.ls_goodness_of_fit_gt                    ? 
_refine.ls_goodness_of_fit_ref                   ? 
_refine.ls_shift_over_su_max                     ? 
_refine.ls_shift_over_su_max_lt                  ? 
_refine.ls_shift_over_su_mean                    ? 
_refine.ls_shift_over_su_mean_lt                 ? 
_refine.pdbx_ls_sigma_I                          ? 
_refine.pdbx_ls_sigma_F                          0.000 
_refine.pdbx_ls_sigma_Fsqd                       ? 
_refine.pdbx_data_cutoff_high_absF               ? 
_refine.pdbx_data_cutoff_high_rms_absF           ? 
_refine.pdbx_data_cutoff_low_absF                ? 
_refine.pdbx_isotropic_thermal_model             ? 
_refine.pdbx_ls_cross_valid_method               THROUGHOUT 
_refine.pdbx_method_to_determine_struct          'MOLECULAR REPLACEMENT' 
_refine.pdbx_starting_model                      6c1t 
_refine.pdbx_stereochemistry_target_values       'MAXIMUM LIKELIHOOD' 
_refine.pdbx_R_Free_selection_details            RANDOM 
_refine.pdbx_stereochem_target_val_spec_case     ? 
_refine.pdbx_overall_ESU_R                       0.2370 
_refine.pdbx_overall_ESU_R_Free                  0.2010 
_refine.pdbx_solvent_vdw_probe_radii             1.2000 
_refine.pdbx_solvent_ion_probe_radii             0.8000 
_refine.pdbx_solvent_shrinkage_radii             0.8000 
_refine.pdbx_real_space_R                        ? 
_refine.pdbx_density_correlation                 ? 
_refine.pdbx_pd_number_of_powder_patterns        ? 
_refine.pdbx_pd_number_of_points                 ? 
_refine.pdbx_pd_meas_number_of_points            ? 
_refine.pdbx_pd_proc_ls_prof_R_factor            ? 
_refine.pdbx_pd_proc_ls_prof_wR_factor           ? 
_refine.pdbx_pd_Marquardt_correlation_coeff      ? 
_refine.pdbx_pd_Fsqrd_R_factor                   ? 
_refine.pdbx_pd_ls_matrix_band_width             ? 
_refine.pdbx_overall_phase_error                 ? 
_refine.pdbx_overall_SU_R_free_Cruickshank_DPI   ? 
_refine.pdbx_overall_SU_R_free_Blow_DPI          ? 
_refine.pdbx_overall_SU_R_Blow_DPI               ? 
_refine.pdbx_TLS_residual_ADP_flag               ? 
_refine.pdbx_diffrn_id                           1 
_refine.overall_SU_B                             6.8840 
_refine.overall_SU_ML                            0.1700 
_refine.overall_SU_R_Cruickshank_DPI             ? 
_refine.overall_SU_R_free                        ? 
_refine.overall_FOM_free_R_set                   ? 
_refine.overall_FOM_work_R_set                   ? 
_refine.pdbx_average_fsc_overall                 ? 
_refine.pdbx_average_fsc_work                    ? 
_refine.pdbx_average_fsc_free                    ? 
# 
_refine_hist.pdbx_refine_id                   'X-RAY DIFFRACTION' 
_refine_hist.cycle_id                         final 
_refine_hist.details                          ? 
_refine_hist.d_res_high                       2.2000 
_refine_hist.d_res_low                        36.4500 
_refine_hist.number_atoms_solvent             12 
_refine_hist.number_atoms_total               845 
_refine_hist.number_reflns_all                ? 
_refine_hist.number_reflns_obs                ? 
_refine_hist.number_reflns_R_free             ? 
_refine_hist.number_reflns_R_work             ? 
_refine_hist.R_factor_all                     ? 
_refine_hist.R_factor_obs                     ? 
_refine_hist.R_factor_R_free                  ? 
_refine_hist.R_factor_R_work                  ? 
_refine_hist.pdbx_number_residues_total       99 
_refine_hist.pdbx_B_iso_mean_ligand           74.74 
_refine_hist.pdbx_B_iso_mean_solvent          64.54 
_refine_hist.pdbx_number_atoms_protein        818 
_refine_hist.pdbx_number_atoms_nucleic_acid   0 
_refine_hist.pdbx_number_atoms_ligand         15 
_refine_hist.pdbx_number_atoms_lipid          ? 
_refine_hist.pdbx_number_atoms_carb           ? 
_refine_hist.pdbx_pseudo_atom_details         ? 
# 
loop_
_refine_ls_restr.pdbx_refine_id 
_refine_ls_restr.criterion 
_refine_ls_restr.dev_ideal 
_refine_ls_restr.dev_ideal_target 
_refine_ls_restr.number 
_refine_ls_restr.rejects 
_refine_ls_restr.type 
_refine_ls_restr.weight 
_refine_ls_restr.pdbx_restraint_function 
'X-RAY DIFFRACTION' ? 0.008  0.012  876  ? r_bond_refined_d       ? ? 
'X-RAY DIFFRACTION' ? 0.001  0.017  773  ? r_bond_other_d         ? ? 
'X-RAY DIFFRACTION' ? 1.585  1.673  1192 ? r_angle_refined_deg    ? ? 
'X-RAY DIFFRACTION' ? 1.222  1.592  1771 ? r_angle_other_deg      ? ? 
'X-RAY DIFFRACTION' ? 8.064  5.000  100  ? r_dihedral_angle_1_deg ? ? 
'X-RAY DIFFRACTION' ? 21.991 19.259 54   ? r_dihedral_angle_2_deg ? ? 
'X-RAY DIFFRACTION' ? 14.711 15.000 134  ? r_dihedral_angle_3_deg ? ? 
'X-RAY DIFFRACTION' ? 15.928 15.000 10   ? r_dihedral_angle_4_deg ? ? 
'X-RAY DIFFRACTION' ? 0.065  0.200  105  ? r_chiral_restr         ? ? 
'X-RAY DIFFRACTION' ? 0.008  0.020  972  ? r_gen_planes_refined   ? ? 
'X-RAY DIFFRACTION' ? 0.001  0.020  232  ? r_gen_planes_other     ? ? 
# 
_refine_ls_shell.pdbx_refine_id                   'X-RAY DIFFRACTION' 
_refine_ls_shell.d_res_high                       2.2000 
_refine_ls_shell.d_res_low                        2.2570 
_refine_ls_shell.number_reflns_all                615 
_refine_ls_shell.number_reflns_obs                ? 
_refine_ls_shell.number_reflns_R_free             49 
_refine_ls_shell.number_reflns_R_work             566 
_refine_ls_shell.percent_reflns_obs               100.0000 
_refine_ls_shell.percent_reflns_R_free            ? 
_refine_ls_shell.R_factor_all                     ? 
_refine_ls_shell.R_factor_obs                     ? 
_refine_ls_shell.R_factor_R_free                  0.3120 
_refine_ls_shell.R_factor_R_free_error            0.0000 
_refine_ls_shell.R_factor_R_work                  0.2870 
_refine_ls_shell.redundancy_reflns_all            ? 
_refine_ls_shell.redundancy_reflns_obs            ? 
_refine_ls_shell.wR_factor_all                    ? 
_refine_ls_shell.wR_factor_obs                    ? 
_refine_ls_shell.wR_factor_R_free                 ? 
_refine_ls_shell.wR_factor_R_work                 ? 
_refine_ls_shell.pdbx_R_complete                  ? 
_refine_ls_shell.pdbx_total_number_of_bins_used   20 
_refine_ls_shell.pdbx_phase_error                 ? 
_refine_ls_shell.pdbx_fsc_work                    ? 
_refine_ls_shell.pdbx_fsc_free                    ? 
# 
_struct.entry_id                     7FEO 
_struct.title                        'Crystal structure of AtMBD5 MBD domain' 
_struct.pdbx_model_details           ? 
_struct.pdbx_formula_weight          ? 
_struct.pdbx_formula_weight_method   ? 
_struct.pdbx_model_type_details      ? 
_struct.pdbx_CASP_flag               N 
# 
_struct_keywords.entry_id        7FEO 
_struct_keywords.text            
'MBD domain, DNA binding protein, Arabidopsis thaliana, Structural Genomics, Structural Genomics Consortium, SGC' 
_struct_keywords.pdbx_keywords   'DNA BINDING PROTEIN' 
# 
loop_
_struct_asym.id 
_struct_asym.pdbx_blank_PDB_chainid_flag 
_struct_asym.pdbx_modified 
_struct_asym.entity_id 
_struct_asym.details 
A N N 1 ? 
B N N 1 ? 
C N N 2 ? 
D N N 2 ? 
E N N 2 ? 
F N N 3 ? 
G N N 3 ? 
# 
loop_
_struct_conf.conf_type_id 
_struct_conf.id 
_struct_conf.pdbx_PDB_helix_id 
_struct_conf.beg_label_comp_id 
_struct_conf.beg_label_asym_id 
_struct_conf.beg_label_seq_id 
_struct_conf.pdbx_beg_PDB_ins_code 
_struct_conf.end_label_comp_id 
_struct_conf.end_label_asym_id 
_struct_conf.end_label_seq_id 
_struct_conf.pdbx_end_PDB_ins_code 
_struct_conf.beg_auth_comp_id 
_struct_conf.beg_auth_asym_id 
_struct_conf.beg_auth_seq_id 
_struct_conf.end_auth_comp_id 
_struct_conf.end_auth_asym_id 
_struct_conf.end_auth_seq_id 
_struct_conf.pdbx_PDB_helix_class 
_struct_conf.details 
_struct_conf.pdbx_PDB_helix_length 
HELX_P HELX_P1 AA1 SER A 44 ? GLY A 55 ? SER A 70 GLY A 81 1 ? 12 
HELX_P HELX_P2 AA2 SER B 22 ? ALA B 26 ? SER B 48 ALA B 52 5 ? 5  
HELX_P HELX_P3 AA3 SER B 44 ? HIS B 54 ? SER B 70 HIS B 80 1 ? 11 
# 
_struct_conf_type.id          HELX_P 
_struct_conf_type.criteria    ? 
_struct_conf_type.reference   ? 
# 
_struct_sheet.id               AA1 
_struct_sheet.type             ? 
_struct_sheet.number_strands   6 
_struct_sheet.details          ? 
# 
loop_
_struct_sheet_order.sheet_id 
_struct_sheet_order.range_id_1 
_struct_sheet_order.range_id_2 
_struct_sheet_order.offset 
_struct_sheet_order.sense 
AA1 1 2 ? anti-parallel 
AA1 2 3 ? anti-parallel 
AA1 3 4 ? anti-parallel 
AA1 4 5 ? anti-parallel 
AA1 5 6 ? anti-parallel 
# 
loop_
_struct_sheet_range.sheet_id 
_struct_sheet_range.id 
_struct_sheet_range.beg_label_comp_id 
_struct_sheet_range.beg_label_asym_id 
_struct_sheet_range.beg_label_seq_id 
_struct_sheet_range.pdbx_beg_PDB_ins_code 
_struct_sheet_range.end_label_comp_id 
_struct_sheet_range.end_label_asym_id 
_struct_sheet_range.end_label_seq_id 
_struct_sheet_range.pdbx_end_PDB_ins_code 
_struct_sheet_range.beg_auth_comp_id 
_struct_sheet_range.beg_auth_asym_id 
_struct_sheet_range.beg_auth_seq_id 
_struct_sheet_range.end_auth_comp_id 
_struct_sheet_range.end_auth_asym_id 
_struct_sheet_range.end_auth_seq_id 
AA1 1 LYS A 41 ? PHE A 42 ? LYS A 67 PHE A 68 
AA1 2 VAL A 29 ? TYR A 34 ? VAL A 55 TYR A 60 
AA1 3 ARG A 14 ? ARG A 20 ? ARG A 40 ARG A 46 
AA1 4 ARG B 14 ? ARG B 20 ? ARG B 40 ARG B 46 
AA1 5 VAL B 29 ? TYR B 34 ? VAL B 55 TYR B 60 
AA1 6 LYS B 41 ? PHE B 42 ? LYS B 67 PHE B 68 
# 
loop_
_pdbx_struct_sheet_hbond.sheet_id 
_pdbx_struct_sheet_hbond.range_id_1 
_pdbx_struct_sheet_hbond.range_id_2 
_pdbx_struct_sheet_hbond.range_1_label_atom_id 
_pdbx_struct_sheet_hbond.range_1_label_comp_id 
_pdbx_struct_sheet_hbond.range_1_label_asym_id 
_pdbx_struct_sheet_hbond.range_1_label_seq_id 
_pdbx_struct_sheet_hbond.range_1_PDB_ins_code 
_pdbx_struct_sheet_hbond.range_1_auth_atom_id 
_pdbx_struct_sheet_hbond.range_1_auth_comp_id 
_pdbx_struct_sheet_hbond.range_1_auth_asym_id 
_pdbx_struct_sheet_hbond.range_1_auth_seq_id 
_pdbx_struct_sheet_hbond.range_2_label_atom_id 
_pdbx_struct_sheet_hbond.range_2_label_comp_id 
_pdbx_struct_sheet_hbond.range_2_label_asym_id 
_pdbx_struct_sheet_hbond.range_2_label_seq_id 
_pdbx_struct_sheet_hbond.range_2_PDB_ins_code 
_pdbx_struct_sheet_hbond.range_2_auth_atom_id 
_pdbx_struct_sheet_hbond.range_2_auth_comp_id 
_pdbx_struct_sheet_hbond.range_2_auth_asym_id 
_pdbx_struct_sheet_hbond.range_2_auth_seq_id 
AA1 1 2 O PHE A 42 ? O PHE A 68 N TYR A 33 ? N TYR A 59 
AA1 2 3 O TYR A 34 ? O TYR A 60 N ARG A 14 ? N ARG A 40 
AA1 3 4 N ILE A 17 ? N ILE A 43 O VAL B 19 ? O VAL B 45 
AA1 4 5 N ARG B 18 ? N ARG B 44 O ASP B 30 ? O ASP B 56 
AA1 5 6 N TYR B 33 ? N TYR B 59 O PHE B 42 ? O PHE B 68 
# 
_atom_sites.entry_id                    7FEO 
_atom_sites.Cartn_transf_matrix[1][1]   ? 
_atom_sites.Cartn_transf_matrix[1][2]   ? 
_atom_sites.Cartn_transf_matrix[1][3]   ? 
_atom_sites.Cartn_transf_matrix[2][1]   ? 
_atom_sites.Cartn_transf_matrix[2][2]   ? 
_atom_sites.Cartn_transf_matrix[2][3]   ? 
_atom_sites.Cartn_transf_matrix[3][1]   ? 
_atom_sites.Cartn_transf_matrix[3][2]   ? 
_atom_sites.Cartn_transf_matrix[3][3]   ? 
_atom_sites.Cartn_transf_vector[1]      ? 
_atom_sites.Cartn_transf_vector[2]      ? 
_atom_sites.Cartn_transf_vector[3]      ? 
_atom_sites.fract_transf_matrix[1][1]   -0.00414676 
_atom_sites.fract_transf_matrix[1][2]   0.00661902 
_atom_sites.fract_transf_matrix[1][3]   -0.01128699 
_atom_sites.fract_transf_matrix[2][1]   0.01113840 
_atom_sites.fract_transf_matrix[2][2]   -0.00442746 
_atom_sites.fract_transf_matrix[2][3]   -0.00668856 
_atom_sites.fract_transf_matrix[3][1]   -0.00413738 
_atom_sites.fract_transf_matrix[3][2]   -0.00673675 
_atom_sites.fract_transf_matrix[3][3]   -0.00243058 
_atom_sites.fract_transf_vector[1]      1.108725 
_atom_sites.fract_transf_vector[2]      0.311463 
_atom_sites.fract_transf_vector[3]      0.041157 
_atom_sites.solution_primary            ? 
_atom_sites.solution_secondary          ? 
_atom_sites.solution_hydrogens          ? 
_atom_sites.special_details             ? 
# 
loop_
_atom_type.symbol 
C 
N 
O 
S 
# 
loop_
_atom_site.group_PDB 
_atom_site.id 
_atom_site.type_symbol 
_atom_site.label_atom_id 
_atom_site.label_alt_id 
_atom_site.label_comp_id 
_atom_site.label_asym_id 
_atom_site.label_entity_id 
_atom_site.label_seq_id 
_atom_site.pdbx_PDB_ins_code 
_atom_site.Cartn_x 
_atom_site.Cartn_y 
_atom_site.Cartn_z 
_atom_site.occupancy 
_atom_site.B_iso_or_equiv 
_atom_site.pdbx_formal_charge 
_atom_site.auth_seq_id 
_atom_site.auth_comp_id 
_atom_site.auth_asym_id 
_atom_site.auth_atom_id 
_atom_site.pdbx_PDB_model_num 
ATOM   1   N N   . ASP A 1 6  ? -9.718  -5.243  15.549  1.00 85.34  ? 32  ASP A N   1 
ATOM   2   C CA  . ASP A 1 6  ? -8.563  -4.354  15.851  1.00 83.60  ? 32  ASP A CA  1 
ATOM   3   C C   . ASP A 1 6  ? -8.953  -3.358  16.963  1.00 67.61  ? 32  ASP A C   1 
ATOM   4   O O   . ASP A 1 6  ? -8.351  -2.274  17.021  1.00 64.57  ? 32  ASP A O   1 
ATOM   5   C CB  . ASP A 1 6  ? -8.097  -3.591  14.602  1.00 76.44  ? 32  ASP A CB  1 
ATOM   6   C CG  . ASP A 1 6  ? -7.274  -4.388  13.598  1.00 80.33  ? 32  ASP A CG  1 
ATOM   7   O OD1 . ASP A 1 6  ? -7.191  -3.941  12.430  1.00 83.54  ? 32  ASP A OD1 1 
ATOM   8   O OD2 . ASP A 1 6  ? -6.707  -5.437  13.977  1.00 80.84  ? 32  ASP A OD2 1 
ATOM   9   N N   . ASN A 1 7  ? -9.930  -3.691  17.805  1.00 69.76  ? 33  ASN A N   1 
ATOM   10  C CA  . ASN A 1 7  ? -10.304 -2.909  19.018  1.00 79.23  ? 33  ASN A CA  1 
ATOM   11  C C   . ASN A 1 7  ? -9.055  -2.464  19.809  1.00 84.50  ? 33  ASN A C   1 
ATOM   12  O O   . ASN A 1 7  ? -9.189  -1.433  20.471  1.00 78.59  ? 33  ASN A O   1 
ATOM   13  C CB  . ASN A 1 7  ? -11.226 -3.717  19.936  1.00 89.52  ? 33  ASN A CB  1 
ATOM   14  C CG  . ASN A 1 7  ? -10.646 -5.056  20.366  1.00 88.29  ? 33  ASN A CG  1 
ATOM   15  O OD1 . ASN A 1 7  ? -9.561  -5.130  20.938  1.00 82.64  ? 33  ASN A OD1 1 
ATOM   16  N ND2 . ASN A 1 7  ? -11.370 -6.130  20.100  1.00 102.95 ? 33  ASN A ND2 1 
ATOM   17  N N   . TRP A 1 8  ? -7.927  -3.222  19.767  1.00 64.83  ? 34  TRP A N   1 
ATOM   18  C CA  . TRP A 1 8  ? -6.644  -2.991  20.488  1.00 59.30  ? 34  TRP A CA  1 
ATOM   19  C C   . TRP A 1 8  ? -5.902  -1.763  19.955  1.00 57.10  ? 34  TRP A C   1 
ATOM   20  O O   . TRP A 1 8  ? -4.997  -1.259  20.628  1.00 57.00  ? 34  TRP A O   1 
ATOM   21  C CB  . TRP A 1 8  ? -5.737  -4.219  20.402  1.00 58.02  ? 34  TRP A CB  1 
ATOM   22  C CG  . TRP A 1 8  ? -5.380  -4.606  19.000  1.00 61.97  ? 34  TRP A CG  1 
ATOM   23  C CD1 . TRP A 1 8  ? -6.036  -5.514  18.212  1.00 50.63  ? 34  TRP A CD1 1 
ATOM   24  C CD2 . TRP A 1 8  ? -4.318  -4.057  18.195  1.00 47.29  ? 34  TRP A CD2 1 
ATOM   25  N NE1 . TRP A 1 8  ? -5.423  -5.601  16.993  1.00 55.82  ? 34  TRP A NE1 1 
ATOM   26  C CE2 . TRP A 1 8  ? -4.364  -4.727  16.950  1.00 56.65  ? 34  TRP A CE2 1 
ATOM   27  C CE3 . TRP A 1 8  ? -3.293  -3.140  18.430  1.00 50.21  ? 34  TRP A CE3 1 
ATOM   28  C CZ2 . TRP A 1 8  ? -3.447  -4.471  15.923  1.00 56.04  ? 34  TRP A CZ2 1 
ATOM   29  C CZ3 . TRP A 1 8  ? -2.396  -2.881  17.412  1.00 58.47  ? 34  TRP A CZ3 1 
ATOM   30  C CH2 . TRP A 1 8  ? -2.485  -3.523  16.172  1.00 50.71  ? 34  TRP A CH2 1 
ATOM   31  N N   . LEU A 1 9  ? -6.264  -1.293  18.777  1.00 58.50  ? 35  LEU A N   1 
ATOM   32  C CA  . LEU A 1 9  ? -5.564  -0.197  18.079  1.00 59.35  ? 35  LEU A CA  1 
ATOM   33  C C   . LEU A 1 9  ? -5.945  1.119   18.757  1.00 57.55  ? 35  LEU A C   1 
ATOM   34  O O   . LEU A 1 9  ? -7.072  1.294   19.183  1.00 62.34  ? 35  LEU A O   1 
ATOM   35  C CB  . LEU A 1 9  ? -6.019  -0.302  16.616  1.00 65.24  ? 35  LEU A CB  1 
ATOM   36  C CG  . LEU A 1 9  ? -5.064  0.178   15.531  1.00 63.81  ? 35  LEU A CG  1 
ATOM   37  C CD1 . LEU A 1 9  ? -3.657  -0.331  15.724  1.00 59.56  ? 35  LEU A CD1 1 
ATOM   38  C CD2 . LEU A 1 9  ? -5.580  -0.242  14.173  1.00 68.12  ? 35  LEU A CD2 1 
ATOM   39  N N   . PRO A 1 10 ? -5.031  2.079   18.994  1.00 55.45  ? 36  PRO A N   1 
ATOM   40  C CA  . PRO A 1 10 ? -5.432  3.388   19.501  1.00 63.24  ? 36  PRO A CA  1 
ATOM   41  C C   . PRO A 1 10 ? -6.242  4.192   18.482  1.00 64.09  ? 36  PRO A C   1 
ATOM   42  O O   . PRO A 1 10 ? -6.288  3.852   17.300  1.00 56.01  ? 36  PRO A O   1 
ATOM   43  C CB  . PRO A 1 10 ? -4.099  4.099   19.752  1.00 63.75  ? 36  PRO A CB  1 
ATOM   44  C CG  . PRO A 1 10 ? -3.093  2.985   19.821  1.00 61.02  ? 36  PRO A CG  1 
ATOM   45  C CD  . PRO A 1 10 ? -3.589  1.977   18.817  1.00 54.24  ? 36  PRO A CD  1 
ATOM   46  N N   . PRO A 1 11 ? -6.921  5.281   18.892  1.00 67.13  ? 37  PRO A N   1 
ATOM   47  C CA  . PRO A 1 11 ? -7.802  6.006   17.974  1.00 64.92  ? 37  PRO A CA  1 
ATOM   48  C C   . PRO A 1 11 ? -6.967  6.646   16.858  1.00 55.62  ? 37  PRO A C   1 
ATOM   49  O O   . PRO A 1 11 ? -5.803  6.973   17.065  1.00 58.77  ? 37  PRO A O   1 
ATOM   50  C CB  . PRO A 1 11 ? -8.511  7.043   18.869  1.00 70.67  ? 37  PRO A CB  1 
ATOM   51  C CG  . PRO A 1 11 ? -7.547  7.235   20.034  1.00 79.25  ? 37  PRO A CG  1 
ATOM   52  C CD  . PRO A 1 11 ? -6.885  5.881   20.235  1.00 72.72  ? 37  PRO A CD  1 
ATOM   53  N N   . ASP A 1 12 ? -7.544  6.731   15.664  1.00 63.06  ? 38  ASP A N   1 
ATOM   54  C CA  . ASP A 1 12 ? -6.977  7.524   14.541  1.00 65.57  ? 38  ASP A CA  1 
ATOM   55  C C   . ASP A 1 12 ? -5.803  6.776   13.915  1.00 58.74  ? 38  ASP A C   1 
ATOM   56  O O   . ASP A 1 12 ? -5.168  7.361   13.005  1.00 65.81  ? 38  ASP A O   1 
ATOM   57  C CB  . ASP A 1 12 ? -6.516  8.908   15.015  1.00 78.64  ? 38  ASP A CB  1 
ATOM   58  C CG  . ASP A 1 12 ? -7.474  10.035  14.709  1.00 81.14  ? 38  ASP A CG  1 
ATOM   59  O OD1 . ASP A 1 12 ? -7.002  11.191  14.651  1.00 105.93 ? 38  ASP A OD1 1 
ATOM   60  O OD2 . ASP A 1 12 ? -8.668  9.751   14.546  1.00 82.53  ? 38  ASP A OD2 1 
ATOM   61  N N   . TRP A 1 13 ? -5.494  5.552   14.370  1.00 53.82  ? 39  TRP A N   1 
ATOM   62  C CA  . TRP A 1 13 ? -4.625  4.662   13.562  1.00 51.62  ? 39  TRP A CA  1 
ATOM   63  C C   . TRP A 1 13 ? -5.405  4.250   12.306  1.00 49.05  ? 39  TRP A C   1 
ATOM   64  O O   . TRP A 1 13 ? -6.622  3.993   12.393  1.00 58.41  ? 39  TRP A O   1 
ATOM   65  C CB  . TRP A 1 13 ? -4.123  3.461   14.349  1.00 55.51  ? 39  TRP A CB  1 
ATOM   66  C CG  . TRP A 1 13 ? -3.005  3.846   15.252  1.00 50.46  ? 39  TRP A CG  1 
ATOM   67  C CD1 . TRP A 1 13 ? -3.106  4.652   16.348  1.00 54.57  ? 39  TRP A CD1 1 
ATOM   68  C CD2 . TRP A 1 13 ? -1.622  3.488   15.135  1.00 52.78  ? 39  TRP A CD2 1 
ATOM   69  N NE1 . TRP A 1 13 ? -1.879  4.857   16.898  1.00 51.45  ? 39  TRP A NE1 1 
ATOM   70  C CE2 . TRP A 1 13 ? -0.945  4.159   16.180  1.00 55.11  ? 39  TRP A CE2 1 
ATOM   71  C CE3 . TRP A 1 13 ? -0.884  2.722   14.238  1.00 50.61  ? 39  TRP A CE3 1 
ATOM   72  C CZ2 . TRP A 1 13 ? 0.426   4.029   16.378  1.00 56.72  ? 39  TRP A CZ2 1 
ATOM   73  C CZ3 . TRP A 1 13 ? 0.481   2.631   14.404  1.00 58.50  ? 39  TRP A CZ3 1 
ATOM   74  C CH2 . TRP A 1 13 ? 1.121   3.265   15.467  1.00 66.39  ? 39  TRP A CH2 1 
ATOM   75  N N   . ARG A 1 14 ? -4.710  4.180   11.178  1.00 52.06  ? 40  ARG A N   1 
ATOM   76  C CA  . ARG A 1 14 ? -5.271  3.711   9.892   1.00 54.88  ? 40  ARG A CA  1 
ATOM   77  C C   . ARG A 1 14 ? -4.770  2.296   9.582   1.00 52.73  ? 40  ARG A C   1 
ATOM   78  O O   . ARG A 1 14 ? -3.562  2.016   9.763   1.00 52.49  ? 40  ARG A O   1 
ATOM   79  C CB  . ARG A 1 14 ? -4.876  4.668   8.776   1.00 61.74  ? 40  ARG A CB  1 
ATOM   80  C CG  . ARG A 1 14 ? -5.256  4.128   7.408   1.00 64.16  ? 40  ARG A CG  1 
ATOM   81  C CD  . ARG A 1 14 ? -4.934  5.160   6.386   1.00 60.41  ? 40  ARG A CD  1 
ATOM   82  N NE  . ARG A 1 14 ? -5.819  6.313   6.440   1.00 59.17  ? 40  ARG A NE  1 
ATOM   83  C CZ  . ARG A 1 14 ? -5.705  7.349   5.621   1.00 61.75  ? 40  ARG A CZ  1 
ATOM   84  N NH1 . ARG A 1 14 ? -4.767  7.343   4.690   1.00 54.92  ? 40  ARG A NH1 1 
ATOM   85  N NH2 . ARG A 1 14 ? -6.519  8.387   5.730   1.00 66.75  ? 40  ARG A NH2 1 
ATOM   86  N N   . THR A 1 15 ? -5.664  1.452   9.078   1.00 53.91  ? 41  THR A N   1 
ATOM   87  C CA  . THR A 1 15 ? -5.330  0.098   8.567   1.00 50.72  ? 41  THR A CA  1 
ATOM   88  C C   . THR A 1 15 ? -5.667  0.013   7.075   1.00 54.81  ? 41  THR A C   1 
ATOM   89  O O   . THR A 1 15 ? -6.631  0.672   6.586   1.00 48.82  ? 41  THR A O   1 
ATOM   90  C CB  . THR A 1 15 ? -6.056  -0.992  9.349   1.00 50.88  ? 41  THR A CB  1 
ATOM   91  O OG1 . THR A 1 15 ? -7.422  -0.678  9.129   1.00 55.97  ? 41  THR A OG1 1 
ATOM   92  C CG2 . THR A 1 15 ? -5.760  -0.986  10.836  1.00 58.78  ? 41  THR A CG2 1 
ATOM   93  N N   . GLU A 1 16 ? -4.930  -0.828  6.376   1.00 50.86  ? 42  GLU A N   1 
ATOM   94  C CA  . GLU A 1 16 ? -5.246  -1.185  4.982   1.00 54.99  ? 42  GLU A CA  1 
ATOM   95  C C   . GLU A 1 16 ? -4.657  -2.563  4.729   1.00 58.74  ? 42  GLU A C   1 
ATOM   96  O O   . GLU A 1 16 ? -3.829  -3.014  5.571   1.00 52.93  ? 42  GLU A O   1 
ATOM   97  C CB  . GLU A 1 16 ? -4.725  -0.126  4.013   1.00 59.09  ? 42  GLU A CB  1 
ATOM   98  C CG  . GLU A 1 16 ? -3.265  -0.289  3.683   1.00 58.49  ? 42  GLU A CG  1 
ATOM   99  C CD  . GLU A 1 16 ? -2.602  0.800   2.865   1.00 60.33  ? 42  GLU A CD  1 
ATOM   100 O OE1 . GLU A 1 16 ? -3.298  1.732   2.376   1.00 62.49  ? 42  GLU A OE1 1 
ATOM   101 O OE2 . GLU A 1 16 ? -1.366  0.717   2.727   1.00 62.62  ? 42  GLU A OE2 1 
ATOM   102 N N   . ILE A 1 17 ? -5.117  -3.204  3.649   1.00 59.03  ? 43  ILE A N   1 
ATOM   103 C CA  . ILE A 1 17 ? -4.451  -4.400  3.052   1.00 53.29  ? 43  ILE A CA  1 
ATOM   104 C C   . ILE A 1 17 ? -3.938  -4.019  1.666   1.00 48.59  ? 43  ILE A C   1 
ATOM   105 O O   . ILE A 1 17 ? -4.642  -3.283  0.931   1.00 53.95  ? 43  ILE A O   1 
ATOM   106 C CB  . ILE A 1 17 ? -5.376  -5.620  3.035   1.00 51.00  ? 43  ILE A CB  1 
ATOM   107 C CG1 . ILE A 1 17 ? -6.707  -5.306  2.354   1.00 57.43  ? 43  ILE A CG1 1 
ATOM   108 C CG2 . ILE A 1 17 ? -5.574  -6.146  4.449   1.00 55.63  ? 43  ILE A CG2 1 
ATOM   109 C CD1 . ILE A 1 17 ? -7.453  -6.538  1.905   1.00 57.27  ? 43  ILE A CD1 1 
ATOM   110 N N   . ARG A 1 18 ? -2.708  -4.424  1.396   1.00 51.14  ? 44  ARG A N   1 
ATOM   111 C CA  . ARG A 1 18 ? -2.059  -4.429  0.066   1.00 58.01  ? 44  ARG A CA  1 
ATOM   112 C C   . ARG A 1 18 ? -2.247  -5.837  -0.536  1.00 59.31  ? 44  ARG A C   1 
ATOM   113 O O   . ARG A 1 18 ? -1.869  -6.828  0.131   1.00 62.22  ? 44  ARG A O   1 
ATOM   114 C CB  . ARG A 1 18 ? -0.592  -4.020  0.237   1.00 60.72  ? 44  ARG A CB  1 
ATOM   115 N N   . VAL A 1 19 ? -2.854  -5.955  -1.717  1.00 53.84  ? 45  VAL A N   1 
ATOM   116 C CA  . VAL A 1 19 ? -2.908  -7.257  -2.446  1.00 56.33  ? 45  VAL A CA  1 
ATOM   117 C C   . VAL A 1 19 ? -2.067  -7.123  -3.716  1.00 52.35  ? 45  VAL A C   1 
ATOM   118 O O   . VAL A 1 19 ? -2.279  -6.182  -4.474  1.00 51.94  ? 45  VAL A O   1 
ATOM   119 C CB  . VAL A 1 19 ? -4.338  -7.725  -2.764  1.00 56.21  ? 45  VAL A CB  1 
ATOM   120 C CG1 . VAL A 1 19 ? -4.317  -9.153  -3.306  1.00 55.52  ? 45  VAL A CG1 1 
ATOM   121 C CG2 . VAL A 1 19 ? -5.267  -7.622  -1.559  1.00 61.49  ? 45  VAL A CG2 1 
ATOM   122 N N   . ARG A 1 20 ? -1.098  -8.003  -3.895  1.00 51.25  ? 46  ARG A N   1 
ATOM   123 C CA  . ARG A 1 20 ? -0.344  -8.109  -5.168  1.00 57.30  ? 46  ARG A CA  1 
ATOM   124 C C   . ARG A 1 20 ? -1.291  -8.634  -6.257  1.00 51.70  ? 46  ARG A C   1 
ATOM   125 O O   . ARG A 1 20 ? -2.018  -9.612  -6.006  1.00 52.94  ? 46  ARG A O   1 
ATOM   126 C CB  . ARG A 1 20 ? 0.835   -9.069  -5.013  1.00 67.77  ? 46  ARG A CB  1 
ATOM   127 C CG  . ARG A 1 20 ? 2.047   -8.469  -4.318  1.00 84.02  ? 46  ARG A CG  1 
ATOM   128 C CD  . ARG A 1 20 ? 2.809   -7.507  -5.216  1.00 98.21  ? 46  ARG A CD  1 
ATOM   129 N NE  . ARG A 1 20 ? 4.246   -7.750  -5.155  1.00 107.20 ? 46  ARG A NE  1 
ATOM   130 C CZ  . ARG A 1 20 ? 4.891   -8.715  -5.815  1.00 116.39 ? 46  ARG A CZ  1 
ATOM   131 N NH1 . ARG A 1 20 ? 4.237   -9.564  -6.600  1.00 121.57 ? 46  ARG A NH1 1 
ATOM   132 N NH2 . ARG A 1 20 ? 6.202   -8.825  -5.684  1.00 127.81 ? 46  ARG A NH2 1 
ATOM   133 N N   . THR A 1 21 ? -1.298  -7.977  -7.407  1.00 50.45  ? 47  THR A N   1 
ATOM   134 C CA  . THR A 1 21 ? -2.203  -8.263  -8.537  1.00 61.58  ? 47  THR A CA  1 
ATOM   135 C C   . THR A 1 21 ? -1.363  -8.686  -9.743  1.00 58.07  ? 47  THR A C   1 
ATOM   136 O O   . THR A 1 21 ? -1.964  -8.967  -10.731 1.00 59.67  ? 47  THR A O   1 
ATOM   137 C CB  . THR A 1 21 ? -3.140  -7.074  -8.824  1.00 55.88  ? 47  THR A CB  1 
ATOM   138 O OG1 . THR A 1 21 ? -2.331  -5.919  -9.018  1.00 63.37  ? 47  THR A OG1 1 
ATOM   139 C CG2 . THR A 1 21 ? -4.136  -6.823  -7.710  1.00 56.22  ? 47  THR A CG2 1 
ATOM   140 N N   . SER A 1 22 ? -0.033  -8.759  -9.644  1.00 58.57  ? 48  SER A N   1 
ATOM   141 C CA  . SER A 1 22 ? 0.846   -9.217  -10.755 1.00 65.42  ? 48  SER A CA  1 
ATOM   142 C C   . SER A 1 22 ? 1.988   -10.043 -10.182 1.00 57.30  ? 48  SER A C   1 
ATOM   143 O O   . SER A 1 22 ? 2.215   -9.954  -8.979  1.00 55.54  ? 48  SER A O   1 
ATOM   144 C CB  . SER A 1 22 ? 1.364   -8.057  -11.583 1.00 74.94  ? 48  SER A CB  1 
ATOM   145 O OG  . SER A 1 22 ? 2.084   -7.138  -10.761 1.00 66.57  ? 48  SER A OG  1 
ATOM   146 N N   . GLY A 1 23 ? 2.604   -10.891 -11.017 1.00 70.48  ? 49  GLY A N   1 
ATOM   147 C CA  . GLY A 1 23 ? 3.822   -11.653 -10.674 1.00 62.00  ? 49  GLY A CA  1 
ATOM   148 C C   . GLY A 1 23 ? 3.544   -12.914 -9.872  1.00 68.80  ? 49  GLY A C   1 
ATOM   149 O O   . GLY A 1 23 ? 2.375   -13.241 -9.634  1.00 73.92  ? 49  GLY A O   1 
ATOM   150 N N   . THR A 1 24 ? 4.627   -13.590 -9.494  1.00 68.03  ? 50  THR A N   1 
ATOM   151 C CA  . THR A 1 24 ? 4.715   -14.848 -8.713  1.00 77.22  ? 50  THR A CA  1 
ATOM   152 C C   . THR A 1 24 ? 3.889   -14.735 -7.437  1.00 68.67  ? 50  THR A C   1 
ATOM   153 O O   . THR A 1 24 ? 3.311   -15.749 -7.018  1.00 74.83  ? 50  THR A O   1 
ATOM   154 C CB  . THR A 1 24 ? 6.180   -15.132 -8.332  1.00 90.03  ? 50  THR A CB  1 
ATOM   155 O OG1 . THR A 1 24 ? 6.956   -15.226 -9.527  1.00 95.54  ? 50  THR A OG1 1 
ATOM   156 C CG2 . THR A 1 24 ? 6.364   -16.390 -7.513  1.00 92.76  ? 50  THR A CG2 1 
ATOM   157 N N   . LYS A 1 25 ? 3.877   -13.557 -6.823  1.00 70.86  ? 51  LYS A N   1 
ATOM   158 C CA  . LYS A 1 25 ? 3.290   -13.348 -5.475  1.00 69.38  ? 51  LYS A CA  1 
ATOM   159 C C   . LYS A 1 25 ? 1.861   -12.797 -5.614  1.00 64.17  ? 51  LYS A C   1 
ATOM   160 O O   . LYS A 1 25 ? 1.274   -12.442 -4.580  1.00 59.35  ? 51  LYS A O   1 
ATOM   161 C CB  . LYS A 1 25 ? 4.230   -12.446 -4.661  1.00 66.31  ? 51  LYS A CB  1 
ATOM   162 N N   . ALA A 1 26 ? 1.304   -12.749 -6.831  1.00 58.86  ? 52  ALA A N   1 
ATOM   163 C CA  . ALA A 1 26 ? -0.112  -12.381 -7.072  1.00 55.82  ? 52  ALA A CA  1 
ATOM   164 C C   . ALA A 1 26 ? -1.026  -13.048 -6.023  1.00 53.90  ? 52  ALA A C   1 
ATOM   165 O O   . ALA A 1 26 ? -0.902  -14.245 -5.809  1.00 49.70  ? 52  ALA A O   1 
ATOM   166 C CB  . ALA A 1 26 ? -0.502  -12.752 -8.469  1.00 55.09  ? 52  ALA A CB  1 
ATOM   167 N N   . GLY A 1 27 ? -1.929  -12.291 -5.392  1.00 55.29  ? 53  GLY A N   1 
ATOM   168 C CA  . GLY A 1 27 ? -2.884  -12.822 -4.394  1.00 50.16  ? 53  GLY A CA  1 
ATOM   169 C C   . GLY A 1 27 ? -2.341  -12.729 -2.967  1.00 51.02  ? 53  GLY A C   1 
ATOM   170 O O   . GLY A 1 27 ? -3.068  -13.071 -2.030  1.00 53.53  ? 53  GLY A O   1 
ATOM   171 N N   . THR A 1 28 ? -1.106  -12.280 -2.786  1.00 49.88  ? 54  THR A N   1 
ATOM   172 C CA  . THR A 1 28 ? -0.499  -12.055 -1.451  1.00 59.70  ? 54  THR A CA  1 
ATOM   173 C C   . THR A 1 28 ? -1.144  -10.810 -0.824  1.00 58.08  ? 54  THR A C   1 
ATOM   174 O O   . THR A 1 28 ? -1.280  -9.827  -1.522  1.00 54.30  ? 54  THR A O   1 
ATOM   175 C CB  . THR A 1 28 ? 1.023   -11.951 -1.540  1.00 65.07  ? 54  THR A CB  1 
ATOM   176 O OG1 . THR A 1 28 ? 1.433   -13.162 -2.174  1.00 59.38  ? 54  THR A OG1 1 
ATOM   177 C CG2 . THR A 1 28 ? 1.698   -11.806 -0.189  1.00 67.37  ? 54  THR A CG2 1 
ATOM   178 N N   . VAL A 1 29 ? -1.614  -10.943 0.415   1.00 60.09  ? 55  VAL A N   1 
ATOM   179 C CA  . VAL A 1 29 ? -2.285  -9.908  1.244   1.00 65.65  ? 55  VAL A CA  1 
ATOM   180 C C   . VAL A 1 29 ? -1.350  -9.549  2.395   1.00 60.28  ? 55  VAL A C   1 
ATOM   181 O O   . VAL A 1 29 ? -1.016  -10.445 3.150   1.00 57.79  ? 55  VAL A O   1 
ATOM   182 C CB  . VAL A 1 29 ? -3.615  -10.435 1.791   1.00 62.01  ? 55  VAL A CB  1 
ATOM   183 C CG1 . VAL A 1 29 ? -4.372  -9.363  2.566   1.00 69.75  ? 55  VAL A CG1 1 
ATOM   184 C CG2 . VAL A 1 29 ? -4.458  -10.993 0.659   1.00 63.10  ? 55  VAL A CG2 1 
ATOM   185 N N   . ASP A 1 30 ? -0.953  -8.283  2.485   1.00 55.07  ? 56  ASP A N   1 
ATOM   186 C CA  . ASP A 1 30 ? -0.156  -7.713  3.597   1.00 57.70  ? 56  ASP A CA  1 
ATOM   187 C C   . ASP A 1 30 ? -0.987  -6.668  4.368   1.00 59.14  ? 56  ASP A C   1 
ATOM   188 O O   . ASP A 1 30 ? -1.533  -5.748  3.752   1.00 53.34  ? 56  ASP A O   1 
ATOM   189 C CB  . ASP A 1 30 ? 1.129   -7.137  3.018   1.00 58.31  ? 56  ASP A CB  1 
ATOM   190 C CG  . ASP A 1 30 ? 1.973   -8.205  2.349   1.00 62.45  ? 56  ASP A CG  1 
ATOM   191 O OD1 . ASP A 1 30 ? 2.092   -9.272  2.945   1.00 65.12  ? 56  ASP A OD1 1 
ATOM   192 O OD2 . ASP A 1 30 ? 2.505   -7.937  1.244   1.00 72.71  ? 56  ASP A OD2 1 
ATOM   193 N N   . LYS A 1 31 ? -1.083  -6.824  5.680   1.00 59.52  ? 57  LYS A N   1 
ATOM   194 C CA  . LYS A 1 31 ? -1.744  -5.870  6.604   1.00 58.38  ? 57  LYS A CA  1 
ATOM   195 C C   . LYS A 1 31 ? -0.726  -4.772  6.964   1.00 60.07  ? 57  LYS A C   1 
ATOM   196 O O   . LYS A 1 31 ? 0.427   -5.086  7.312   1.00 54.99  ? 57  LYS A O   1 
ATOM   197 C CB  . LYS A 1 31 ? -2.276  -6.673  7.792   1.00 60.38  ? 57  LYS A CB  1 
ATOM   198 C CG  . LYS A 1 31 ? -3.607  -6.208  8.360   1.00 83.69  ? 57  LYS A CG  1 
ATOM   199 C CD  . LYS A 1 31 ? -4.298  -7.280  9.197   1.00 91.54  ? 57  LYS A CD  1 
ATOM   200 C CE  . LYS A 1 31 ? -5.626  -6.836  9.768   1.00 99.62  ? 57  LYS A CE  1 
ATOM   201 N NZ  . LYS A 1 31 ? -5.473  -5.715  10.731  1.00 108.37 ? 57  LYS A NZ  1 
ATOM   202 N N   . PHE A 1 32 ? -1.109  -3.508  6.806   1.00 53.47  ? 58  PHE A N   1 
ATOM   203 C CA  . PHE A 1 32 ? -0.325  -2.329  7.247   1.00 57.77  ? 58  PHE A CA  1 
ATOM   204 C C   . PHE A 1 32 ? -1.142  -1.490  8.223   1.00 59.28  ? 58  PHE A C   1 
ATOM   205 O O   . PHE A 1 32 ? -2.382  -1.395  8.087   1.00 54.62  ? 58  PHE A O   1 
ATOM   206 C CB  . PHE A 1 32 ? 0.095   -1.449  6.075   1.00 57.55  ? 58  PHE A CB  1 
ATOM   207 C CG  . PHE A 1 32 ? 1.084   -2.133  5.174   1.00 68.20  ? 58  PHE A CG  1 
ATOM   208 C CD1 . PHE A 1 32 ? 2.366   -2.395  5.615   1.00 84.67  ? 58  PHE A CD1 1 
ATOM   209 C CD2 . PHE A 1 32 ? 0.717   -2.569  3.913   1.00 71.10  ? 58  PHE A CD2 1 
ATOM   210 C CE1 . PHE A 1 32 ? 3.273   -3.059  4.803   1.00 92.87  ? 58  PHE A CE1 1 
ATOM   211 C CE2 . PHE A 1 32 ? 1.626   -3.225  3.099   1.00 81.43  ? 58  PHE A CE2 1 
ATOM   212 C CZ  . PHE A 1 32 ? 2.901   -3.477  3.547   1.00 85.46  ? 58  PHE A CZ  1 
ATOM   213 N N   . TYR A 1 33 ? -0.413  -0.860  9.141   1.00 53.74  ? 59  TYR A N   1 
ATOM   214 C CA  . TYR A 1 33 ? -0.905  0.034   10.202  1.00 54.75  ? 59  TYR A CA  1 
ATOM   215 C C   . TYR A 1 33 ? -0.117  1.344   10.175  1.00 52.13  ? 59  TYR A C   1 
ATOM   216 O O   . TYR A 1 33 ? 1.128   1.317   10.141  1.00 56.66  ? 59  TYR A O   1 
ATOM   217 C CB  . TYR A 1 33 ? -0.679  -0.636  11.543  1.00 55.00  ? 59  TYR A CB  1 
ATOM   218 C CG  . TYR A 1 33 ? -1.285  -2.003  11.668  1.00 50.68  ? 59  TYR A CG  1 
ATOM   219 C CD1 . TYR A 1 33 ? -0.561  -3.148  11.366  1.00 58.53  ? 59  TYR A CD1 1 
ATOM   220 C CD2 . TYR A 1 33 ? -2.561  -2.152  12.179  1.00 53.18  ? 59  TYR A CD2 1 
ATOM   221 C CE1 . TYR A 1 33 ? -1.118  -4.406  11.539  1.00 48.77  ? 59  TYR A CE1 1 
ATOM   222 C CE2 . TYR A 1 33 ? -3.148  -3.396  12.309  1.00 50.15  ? 59  TYR A CE2 1 
ATOM   223 C CZ  . TYR A 1 33 ? -2.409  -4.525  12.025  1.00 51.25  ? 59  TYR A CZ  1 
ATOM   224 O OH  . TYR A 1 33 ? -3.008  -5.720  12.236  1.00 53.13  ? 59  TYR A OH  1 
ATOM   225 N N   . TYR A 1 34 ? -0.834  2.465   10.152  1.00 52.22  ? 60  TYR A N   1 
ATOM   226 C CA  . TYR A 1 34 ? -0.242  3.813   9.994   1.00 57.12  ? 60  TYR A CA  1 
ATOM   227 C C   . TYR A 1 34 ? -0.555  4.622   11.253  1.00 52.24  ? 60  TYR A C   1 
ATOM   228 O O   . TYR A 1 34 ? -1.737  4.794   11.584  1.00 50.37  ? 60  TYR A O   1 
ATOM   229 C CB  . TYR A 1 34 ? -0.754  4.519   8.731   1.00 59.21  ? 60  TYR A CB  1 
ATOM   230 C CG  . TYR A 1 34 ? -0.349  3.871   7.432   1.00 59.15  ? 60  TYR A CG  1 
ATOM   231 C CD1 . TYR A 1 34 ? 0.790   4.255   6.742   1.00 70.78  ? 60  TYR A CD1 1 
ATOM   232 C CD2 . TYR A 1 34 ? -1.129  2.876   6.875   1.00 65.48  ? 60  TYR A CD2 1 
ATOM   233 C CE1 . TYR A 1 34 ? 1.150   3.651   5.540   1.00 72.58  ? 60  TYR A CE1 1 
ATOM   234 C CE2 . TYR A 1 34 ? -0.798  2.276   5.672   1.00 73.71  ? 60  TYR A CE2 1 
ATOM   235 C CZ  . TYR A 1 34 ? 0.353   2.654   5.005   1.00 74.60  ? 60  TYR A CZ  1 
ATOM   236 O OH  . TYR A 1 34 ? 0.660   2.018   3.840   1.00 72.77  ? 60  TYR A OH  1 
ATOM   237 N N   . GLU A 1 35 ? 0.496   5.165   11.873  1.00 57.07  ? 61  GLU A N   1 
ATOM   238 C CA  . GLU A 1 35 ? 0.431   6.100   13.027  1.00 53.38  ? 61  GLU A CA  1 
ATOM   239 C C   . GLU A 1 35 ? -0.276  7.391   12.616  1.00 52.19  ? 61  GLU A C   1 
ATOM   240 O O   . GLU A 1 35 ? 0.015   7.961   11.574  1.00 48.98  ? 61  GLU A O   1 
ATOM   241 C CB  . GLU A 1 35 ? 1.844   6.446   13.467  1.00 54.01  ? 61  GLU A CB  1 
ATOM   242 C CG  . GLU A 1 35 ? 1.884   7.369   14.678  1.00 58.60  ? 61  GLU A CG  1 
ATOM   243 C CD  . GLU A 1 35 ? 3.259   7.469   15.307  1.00 54.18  ? 61  GLU A CD  1 
ATOM   244 O OE1 . GLU A 1 35 ? 4.270   7.465   14.541  1.00 57.91  ? 61  GLU A OE1 1 
ATOM   245 O OE2 . GLU A 1 35 ? 3.318   7.528   16.552  1.00 61.50  ? 61  GLU A OE2 1 
ATOM   246 N N   . PRO A 1 36 ? -1.201  7.929   13.428  1.00 58.24  ? 62  PRO A N   1 
ATOM   247 C CA  . PRO A 1 36 ? -1.798  9.223   13.109  1.00 56.43  ? 62  PRO A CA  1 
ATOM   248 C C   . PRO A 1 36 ? -0.710  10.296  12.942  1.00 54.34  ? 62  PRO A C   1 
ATOM   249 O O   . PRO A 1 36 ? 0.306   10.236  13.601  1.00 53.67  ? 62  PRO A O   1 
ATOM   250 C CB  . PRO A 1 36 ? -2.753  9.499   14.272  1.00 53.96  ? 62  PRO A CB  1 
ATOM   251 C CG  . PRO A 1 36 ? -2.330  8.538   15.378  1.00 60.71  ? 62  PRO A CG  1 
ATOM   252 C CD  . PRO A 1 36 ? -1.712  7.346   14.680  1.00 61.15  ? 62  PRO A CD  1 
ATOM   253 N N   . ILE A 1 37 ? -0.906  11.159  11.943  1.00 53.62  ? 63  ILE A N   1 
ATOM   254 C CA  . ILE A 1 37 ? -0.124  12.394  11.629  1.00 53.67  ? 63  ILE A CA  1 
ATOM   255 C C   . ILE A 1 37 ? 1.264   12.042  11.062  1.00 60.70  ? 63  ILE A C   1 
ATOM   256 O O   . ILE A 1 37 ? 1.659   12.656  10.099  1.00 58.93  ? 63  ILE A O   1 
ATOM   257 C CB  . ILE A 1 37 ? 0.001   13.322  12.858  1.00 56.24  ? 63  ILE A CB  1 
ATOM   258 C CG1 . ILE A 1 37 ? -1.237  13.352  13.760  1.00 51.37  ? 63  ILE A CG1 1 
ATOM   259 C CG2 . ILE A 1 37 ? 0.390   14.713  12.395  1.00 65.84  ? 63  ILE A CG2 1 
ATOM   260 C CD1 . ILE A 1 37 ? -2.548  13.662  13.056  1.00 54.68  ? 63  ILE A CD1 1 
ATOM   261 N N   . THR A 1 38 ? 2.035   11.138  11.659  1.00 61.13  ? 64  THR A N   1 
ATOM   262 C CA  . THR A 1 38 ? 3.429   10.887  11.200  1.00 58.79  ? 64  THR A CA  1 
ATOM   263 C C   . THR A 1 38 ? 3.393   10.099  9.882   1.00 60.63  ? 64  THR A C   1 
ATOM   264 O O   . THR A 1 38 ? 4.359   10.187  9.116   1.00 64.53  ? 64  THR A O   1 
ATOM   265 C CB  . THR A 1 38 ? 4.235   10.196  12.301  1.00 59.51  ? 64  THR A CB  1 
ATOM   266 O OG1 . THR A 1 38 ? 3.800   8.835   12.350  1.00 57.46  ? 64  THR A OG1 1 
ATOM   267 C CG2 . THR A 1 38 ? 4.062   10.845  13.665  1.00 56.07  ? 64  THR A CG2 1 
ATOM   268 N N   . GLY A 1 39 ? 2.329   9.330   9.643   1.00 63.57  ? 65  GLY A N   1 
ATOM   269 C CA  . GLY A 1 39 ? 2.240   8.381   8.511   1.00 63.03  ? 65  GLY A CA  1 
ATOM   270 C C   . GLY A 1 39 ? 3.195   7.202   8.675   1.00 69.60  ? 65  GLY A C   1 
ATOM   271 O O   . GLY A 1 39 ? 3.329   6.402   7.740   1.00 65.42  ? 65  GLY A O   1 
ATOM   272 N N   . ARG A 1 40 ? 3.844   7.053   9.827   1.00 63.60  ? 66  ARG A N   1 
ATOM   273 C CA  . ARG A 1 40 ? 4.792   5.932   10.017  1.00 63.71  ? 66  ARG A CA  1 
ATOM   274 C C   . ARG A 1 40 ? 4.050   4.600   9.863   1.00 64.41  ? 66  ARG A C   1 
ATOM   275 O O   . ARG A 1 40 ? 2.962   4.455   10.454  1.00 56.29  ? 66  ARG A O   1 
ATOM   276 C CB  . ARG A 1 40 ? 5.493   5.995   11.374  1.00 68.02  ? 66  ARG A CB  1 
ATOM   277 C CG  . ARG A 1 40 ? 6.732   5.110   11.432  1.00 72.64  ? 66  ARG A CG  1 
ATOM   278 C CD  . ARG A 1 40 ? 7.637   5.436   12.602  1.00 81.96  ? 66  ARG A CD  1 
ATOM   279 N NE  . ARG A 1 40 ? 8.338   4.232   13.024  1.00 87.86  ? 66  ARG A NE  1 
ATOM   280 C CZ  . ARG A 1 40 ? 8.974   4.083   14.178  1.00 89.34  ? 66  ARG A CZ  1 
ATOM   281 N NH1 . ARG A 1 40 ? 8.999   5.069   15.058  1.00 98.92  ? 66  ARG A NH1 1 
ATOM   282 N NH2 . ARG A 1 40 ? 9.566   2.937   14.457  1.00 87.24  ? 66  ARG A NH2 1 
ATOM   283 N N   . LYS A 1 41 ? 4.718   3.642   9.220   1.00 60.14  ? 67  LYS A N   1 
ATOM   284 C CA  . LYS A 1 41 ? 4.168   2.371   8.705   1.00 67.47  ? 67  LYS A CA  1 
ATOM   285 C C   . LYS A 1 41 ? 4.581   1.227   9.631   1.00 59.84  ? 67  LYS A C   1 
ATOM   286 O O   . LYS A 1 41 ? 5.742   1.151   9.943   1.00 57.06  ? 67  LYS A O   1 
ATOM   287 C CB  . LYS A 1 41 ? 4.714   2.192   7.282   1.00 74.69  ? 67  LYS A CB  1 
ATOM   288 C CG  . LYS A 1 41 ? 4.353   0.899   6.567   1.00 79.65  ? 67  LYS A CG  1 
ATOM   289 C CD  . LYS A 1 41 ? 5.050   0.742   5.230   1.00 85.31  ? 67  LYS A CD  1 
ATOM   290 C CE  . LYS A 1 41 ? 5.048   2.013   4.405   1.00 95.99  ? 67  LYS A CE  1 
ATOM   291 N NZ  . LYS A 1 41 ? 5.423   1.744   2.995   1.00 111.28 ? 67  LYS A NZ  1 
ATOM   292 N N   . PHE A 1 42 ? 3.647   0.347   10.011  1.00 57.18  ? 68  PHE A N   1 
ATOM   293 C CA  . PHE A 1 42 ? 3.913   -0.932  10.716  1.00 55.78  ? 68  PHE A CA  1 
ATOM   294 C C   . PHE A 1 42 ? 3.209   -2.106  10.031  1.00 56.59  ? 68  PHE A C   1 
ATOM   295 O O   . PHE A 1 42 ? 2.120   -1.929  9.454   1.00 56.49  ? 68  PHE A O   1 
ATOM   296 C CB  . PHE A 1 42 ? 3.443   -0.855  12.162  1.00 59.27  ? 68  PHE A CB  1 
ATOM   297 C CG  . PHE A 1 42 ? 4.110   0.238   12.946  1.00 58.46  ? 68  PHE A CG  1 
ATOM   298 C CD1 . PHE A 1 42 ? 3.650   1.543   12.861  1.00 56.35  ? 68  PHE A CD1 1 
ATOM   299 C CD2 . PHE A 1 42 ? 5.194   -0.045  13.768  1.00 56.30  ? 68  PHE A CD2 1 
ATOM   300 C CE1 . PHE A 1 42 ? 4.263   2.551   13.594  1.00 58.50  ? 68  PHE A CE1 1 
ATOM   301 C CE2 . PHE A 1 42 ? 5.795   0.964   14.507  1.00 60.04  ? 68  PHE A CE2 1 
ATOM   302 C CZ  . PHE A 1 42 ? 5.320   2.259   14.421  1.00 60.94  ? 68  PHE A CZ  1 
ATOM   303 N N   . ARG A 1 43 ? 3.787   -3.300  10.185  1.00 57.60  ? 69  ARG A N   1 
ATOM   304 C CA  . ARG A 1 43 ? 3.447   -4.503  9.384   1.00 59.33  ? 69  ARG A CA  1 
ATOM   305 C C   . ARG A 1 43 ? 2.828   -5.558  10.282  1.00 57.60  ? 69  ARG A C   1 
ATOM   306 O O   . ARG A 1 43 ? 2.427   -6.578  9.749   1.00 64.69  ? 69  ARG A O   1 
ATOM   307 C CB  . ARG A 1 43 ? 4.678   -5.099  8.693   1.00 64.74  ? 69  ARG A CB  1 
ATOM   308 C CG  . ARG A 1 43 ? 5.231   -4.254  7.558   1.00 73.08  ? 69  ARG A CG  1 
ATOM   309 C CD  . ARG A 1 43 ? 6.732   -4.444  7.341   1.00 88.49  ? 69  ARG A CD  1 
ATOM   310 N NE  . ARG A 1 43 ? 7.411   -3.199  6.963   1.00 108.09 ? 69  ARG A NE  1 
ATOM   311 C CZ  . ARG A 1 43 ? 7.395   -2.630  5.746   1.00 120.92 ? 69  ARG A CZ  1 
ATOM   312 N NH1 . ARG A 1 43 ? 8.047   -1.494  5.538   1.00 122.81 ? 69  ARG A NH1 1 
ATOM   313 N NH2 . ARG A 1 43 ? 6.738   -3.187  4.741   1.00 119.33 ? 69  ARG A NH2 1 
ATOM   314 N N   . SER A 1 44 ? 2.709   -5.331  11.585  1.00 58.16  ? 70  SER A N   1 
ATOM   315 C CA  . SER A 1 44 ? 1.956   -6.284  12.446  1.00 58.45  ? 70  SER A CA  1 
ATOM   316 C C   . SER A 1 44 ? 1.509   -5.656  13.757  1.00 53.43  ? 70  SER A C   1 
ATOM   317 O O   . SER A 1 44 ? 2.021   -4.586  14.128  1.00 54.53  ? 70  SER A O   1 
ATOM   318 C CB  . SER A 1 44 ? 2.773   -7.513  12.755  1.00 61.16  ? 70  SER A CB  1 
ATOM   319 O OG  . SER A 1 44 ? 3.807   -7.168  13.645  1.00 55.50  ? 70  SER A OG  1 
ATOM   320 N N   . LYS A 1 45 ? 0.629   -6.381  14.444  1.00 53.05  ? 71  LYS A N   1 
ATOM   321 C CA  . LYS A 1 45 ? 0.068   -6.005  15.755  1.00 57.91  ? 71  LYS A CA  1 
ATOM   322 C C   . LYS A 1 45 ? 1.227   -5.870  16.741  1.00 63.29  ? 71  LYS A C   1 
ATOM   323 O O   . LYS A 1 45 ? 1.359   -4.792  17.383  1.00 62.63  ? 71  LYS A O   1 
ATOM   324 C CB  . LYS A 1 45 ? -0.977  -7.036  16.194  1.00 57.78  ? 71  LYS A CB  1 
ATOM   325 C CG  . LYS A 1 45 ? -1.442  -6.892  17.635  1.00 61.31  ? 71  LYS A CG  1 
ATOM   326 C CD  . LYS A 1 45 ? -2.658  -7.714  18.001  1.00 62.85  ? 71  LYS A CD  1 
ATOM   327 C CE  . LYS A 1 45 ? -3.009  -7.509  19.463  1.00 69.51  ? 71  LYS A CE  1 
ATOM   328 N NZ  . LYS A 1 45 ? -4.229  -8.246  19.870  1.00 72.03  ? 71  LYS A NZ  1 
ATOM   329 N N   . ASN A 1 46 ? 2.058   -6.907  16.844  1.00 61.47  ? 72  ASN A N   1 
ATOM   330 C CA  . ASN A 1 46 ? 3.192   -6.920  17.802  1.00 60.60  ? 72  ASN A CA  1 
ATOM   331 C C   . ASN A 1 46 ? 4.127   -5.749  17.505  1.00 50.70  ? 72  ASN A C   1 
ATOM   332 O O   . ASN A 1 46 ? 4.657   -5.192  18.465  1.00 52.37  ? 72  ASN A O   1 
ATOM   333 C CB  . ASN A 1 46 ? 3.917   -8.266  17.835  1.00 64.90  ? 72  ASN A CB  1 
ATOM   334 C CG  . ASN A 1 46 ? 3.064   -9.363  18.429  1.00 67.70  ? 72  ASN A CG  1 
ATOM   335 O OD1 . ASN A 1 46 ? 2.046   -9.115  19.083  1.00 70.89  ? 72  ASN A OD1 1 
ATOM   336 N ND2 . ASN A 1 46 ? 3.472   -10.598 18.195  1.00 75.48  ? 72  ASN A ND2 1 
ATOM   337 N N   . GLU A 1 47 ? 4.330   -5.353  16.247  1.00 55.45  ? 73  GLU A N   1 
ATOM   338 C CA  . GLU A 1 47 ? 5.289   -4.246  15.962  1.00 64.01  ? 73  GLU A CA  1 
ATOM   339 C C   . GLU A 1 47 ? 4.690   -2.925  16.468  1.00 60.56  ? 73  GLU A C   1 
ATOM   340 O O   . GLU A 1 47 ? 5.443   -2.036  16.895  1.00 61.11  ? 73  GLU A O   1 
ATOM   341 C CB  . GLU A 1 47 ? 5.579   -4.064  14.474  1.00 68.16  ? 73  GLU A CB  1 
ATOM   342 C CG  . GLU A 1 47 ? 6.535   -5.073  13.867  1.00 79.70  ? 73  GLU A CG  1 
ATOM   343 C CD  . GLU A 1 47 ? 6.527   -4.975  12.345  1.00 80.99  ? 73  GLU A CD  1 
ATOM   344 O OE1 . GLU A 1 47 ? 6.396   -6.016  11.690  1.00 92.18  ? 73  GLU A OE1 1 
ATOM   345 O OE2 . GLU A 1 47 ? 6.580   -3.841  11.821  1.00 78.64  ? 73  GLU A OE2 1 
ATOM   346 N N   . VAL A 1 48 ? 3.368   -2.779  16.361  1.00 59.73  ? 74  VAL A N   1 
ATOM   347 C CA  . VAL A 1 48 ? 2.657   -1.568  16.855  1.00 54.80  ? 74  VAL A CA  1 
ATOM   348 C C   . VAL A 1 48 ? 2.719   -1.556  18.398  1.00 51.78  ? 74  VAL A C   1 
ATOM   349 O O   . VAL A 1 48 ? 3.109   -0.543  18.968  1.00 54.46  ? 74  VAL A O   1 
ATOM   350 C CB  . VAL A 1 48 ? 1.212   -1.534  16.333  1.00 51.09  ? 74  VAL A CB  1 
ATOM   351 C CG1 . VAL A 1 48 ? 0.430   -0.441  17.041  1.00 53.15  ? 74  VAL A CG1 1 
ATOM   352 C CG2 . VAL A 1 48 ? 1.189   -1.341  14.824  1.00 51.92  ? 74  VAL A CG2 1 
ATOM   353 N N   . LEU A 1 49 ? 2.332   -2.640  19.059  1.00 46.95  ? 75  LEU A N   1 
ATOM   354 C CA  . LEU A 1 49 ? 2.350   -2.699  20.544  1.00 54.99  ? 75  LEU A CA  1 
ATOM   355 C C   . LEU A 1 49 ? 3.785   -2.534  21.037  1.00 58.14  ? 75  LEU A C   1 
ATOM   356 O O   . LEU A 1 49 ? 3.998   -1.749  21.970  1.00 56.56  ? 75  LEU A O   1 
ATOM   357 C CB  . LEU A 1 49 ? 1.745   -4.022  20.999  1.00 54.52  ? 75  LEU A CB  1 
ATOM   358 C CG  . LEU A 1 49 ? 0.277   -4.211  20.633  1.00 54.74  ? 75  LEU A CG  1 
ATOM   359 C CD1 . LEU A 1 49 ? -0.209  -5.557  21.124  1.00 56.21  ? 75  LEU A CD1 1 
ATOM   360 C CD2 . LEU A 1 49 ? -0.564  -3.091  21.216  1.00 60.21  ? 75  LEU A CD2 1 
ATOM   361 N N   . TYR A 1 50 ? 4.772   -3.102  20.346  1.00 62.49  ? 76  TYR A N   1 
ATOM   362 C CA  . TYR A 1 50 ? 6.183   -2.827  20.716  1.00 60.48  ? 76  TYR A CA  1 
ATOM   363 C C   . TYR A 1 50 ? 6.436   -1.316  20.700  1.00 62.61  ? 76  TYR A C   1 
ATOM   364 O O   . TYR A 1 50 ? 6.999   -0.781  21.659  1.00 65.11  ? 76  TYR A O   1 
ATOM   365 C CB  . TYR A 1 50 ? 7.162   -3.535  19.784  1.00 69.98  ? 76  TYR A CB  1 
ATOM   366 C CG  . TYR A 1 50 ? 8.576   -3.494  20.298  1.00 76.19  ? 76  TYR A CG  1 
ATOM   367 C CD1 . TYR A 1 50 ? 9.475   -2.534  19.847  1.00 76.24  ? 76  TYR A CD1 1 
ATOM   368 C CD2 . TYR A 1 50 ? 9.001   -4.399  21.267  1.00 76.96  ? 76  TYR A CD2 1 
ATOM   369 C CE1 . TYR A 1 50 ? 10.771  -2.485  20.343  1.00 90.30  ? 76  TYR A CE1 1 
ATOM   370 C CE2 . TYR A 1 50 ? 10.297  -4.367  21.761  1.00 81.31  ? 76  TYR A CE2 1 
ATOM   371 C CZ  . TYR A 1 50 ? 11.181  -3.408  21.297  1.00 82.64  ? 76  TYR A CZ  1 
ATOM   372 O OH  . TYR A 1 50 ? 12.449  -3.365  21.790  1.00 92.58  ? 76  TYR A OH  1 
ATOM   373 N N   . TYR A 1 51 ? 6.081   -0.644  19.606  1.00 60.17  ? 77  TYR A N   1 
ATOM   374 C CA  . TYR A 1 51 ? 6.361   0.796   19.409  1.00 58.90  ? 77  TYR A CA  1 
ATOM   375 C C   . TYR A 1 51 ? 5.625   1.640   20.461  1.00 61.32  ? 77  TYR A C   1 
ATOM   376 O O   . TYR A 1 51 ? 6.191   2.600   21.007  1.00 59.64  ? 77  TYR A O   1 
ATOM   377 C CB  . TYR A 1 51 ? 5.974   1.197   17.992  1.00 63.39  ? 77  TYR A CB  1 
ATOM   378 C CG  . TYR A 1 51 ? 5.886   2.684   17.780  1.00 59.06  ? 77  TYR A CG  1 
ATOM   379 C CD1 . TYR A 1 51 ? 7.018   3.446   17.548  1.00 66.40  ? 77  TYR A CD1 1 
ATOM   380 C CD2 . TYR A 1 51 ? 4.661   3.321   17.783  1.00 61.24  ? 77  TYR A CD2 1 
ATOM   381 C CE1 . TYR A 1 51 ? 6.935   4.813   17.344  1.00 66.32  ? 77  TYR A CE1 1 
ATOM   382 C CE2 . TYR A 1 51 ? 4.553   4.683   17.564  1.00 60.49  ? 77  TYR A CE2 1 
ATOM   383 C CZ  . TYR A 1 51 ? 5.693   5.426   17.339  1.00 69.00  ? 77  TYR A CZ  1 
ATOM   384 O OH  . TYR A 1 51 ? 5.578   6.761   17.137  1.00 67.70  ? 77  TYR A OH  1 
ATOM   385 N N   . LEU A 1 52 ? 4.377   1.305   20.775  1.00 54.72  ? 78  LEU A N   1 
ATOM   386 C CA  . LEU A 1 52 ? 3.609   2.108   21.761  1.00 54.84  ? 78  LEU A CA  1 
ATOM   387 C C   . LEU A 1 52 ? 4.330   2.033   23.108  1.00 61.12  ? 78  LEU A C   1 
ATOM   388 O O   . LEU A 1 52 ? 4.255   2.999   23.893  1.00 57.81  ? 78  LEU A O   1 
ATOM   389 C CB  . LEU A 1 52 ? 2.177   1.583   21.861  1.00 53.70  ? 78  LEU A CB  1 
ATOM   390 C CG  . LEU A 1 52 ? 1.283   1.900   20.651  1.00 56.49  ? 78  LEU A CG  1 
ATOM   391 C CD1 . LEU A 1 52 ? -0.079  1.281   20.805  1.00 53.52  ? 78  LEU A CD1 1 
ATOM   392 C CD2 . LEU A 1 52 ? 1.176   3.407   20.399  1.00 56.63  ? 78  LEU A CD2 1 
ATOM   393 N N   . GLU A 1 53 ? 4.981   0.909   23.388  1.00 67.02  ? 79  GLU A N   1 
ATOM   394 C CA  . GLU A 1 53 ? 5.619   0.678   24.704  1.00 64.00  ? 79  GLU A CA  1 
ATOM   395 C C   . GLU A 1 53 ? 6.964   1.421   24.746  1.00 70.92  ? 79  GLU A C   1 
ATOM   396 O O   . GLU A 1 53 ? 7.231   2.037   25.781  1.00 75.56  ? 79  GLU A O   1 
ATOM   397 C CB  . GLU A 1 53 ? 5.753   -0.817  24.988  1.00 68.35  ? 79  GLU A CB  1 
ATOM   398 C CG  . GLU A 1 53 ? 6.750   -1.086  26.097  1.00 81.63  ? 79  GLU A CG  1 
ATOM   399 C CD  . GLU A 1 53 ? 6.615   -2.403  26.839  1.00 81.50  ? 79  GLU A CD  1 
ATOM   400 O OE1 . GLU A 1 53 ? 5.870   -3.280  26.369  1.00 85.07  ? 79  GLU A OE1 1 
ATOM   401 O OE2 . GLU A 1 53 ? 7.262   -2.540  27.903  1.00 95.24  ? 79  GLU A OE2 1 
ATOM   402 N N   . HIS A 1 54 ? 7.750   1.410   23.658  1.00 68.68  ? 80  HIS A N   1 
ATOM   403 C CA  . HIS A 1 54 ? 9.196   1.755   23.672  1.00 67.22  ? 80  HIS A CA  1 
ATOM   404 C C   . HIS A 1 54 ? 9.472   3.083   22.951  1.00 75.01  ? 80  HIS A C   1 
ATOM   405 O O   . HIS A 1 54 ? 10.492  3.693   23.282  1.00 71.28  ? 80  HIS A O   1 
ATOM   406 C CB  . HIS A 1 54 ? 10.025  0.562   23.157  1.00 72.49  ? 80  HIS A CB  1 
ATOM   407 C CG  . HIS A 1 54 ? 10.010  -0.628  24.073  1.00 77.54  ? 80  HIS A CG  1 
ATOM   408 N ND1 . HIS A 1 54 ? 9.603   -1.893  23.656  1.00 79.60  ? 80  HIS A ND1 1 
ATOM   409 C CD2 . HIS A 1 54 ? 10.334  -0.763  25.384  1.00 77.32  ? 80  HIS A CD2 1 
ATOM   410 C CE1 . HIS A 1 54 ? 9.686   -2.747  24.666  1.00 75.81  ? 80  HIS A CE1 1 
ATOM   411 N NE2 . HIS A 1 54 ? 10.120  -2.077  25.739  1.00 73.48  ? 80  HIS A NE2 1 
ATOM   412 N N   . GLY A 1 55 ? 8.616   3.540   22.030  1.00 67.23  ? 81  GLY A N   1 
ATOM   413 C CA  . GLY A 1 55 ? 8.762   4.850   21.357  1.00 78.81  ? 81  GLY A CA  1 
ATOM   414 C C   . GLY A 1 55 ? 9.983   4.917   20.447  1.00 77.13  ? 81  GLY A C   1 
ATOM   415 O O   . GLY A 1 55 ? 10.176  4.046   19.587  1.00 91.37  ? 81  GLY A O   1 
ATOM   416 N N   . ASN B 1 7  ? -4.728  -3.963  -20.024 1.00 104.68 ? 33  ASN B N   1 
ATOM   417 C CA  . ASN B 1 7  ? -3.507  -4.393  -20.776 1.00 114.64 ? 33  ASN B CA  1 
ATOM   418 C C   . ASN B 1 7  ? -2.985  -3.229  -21.629 1.00 125.06 ? 33  ASN B C   1 
ATOM   419 O O   . ASN B 1 7  ? -3.574  -2.964  -22.696 1.00 127.04 ? 33  ASN B O   1 
ATOM   420 N N   . TRP B 1 8  ? -1.937  -2.549  -21.147 1.00 121.90 ? 34  TRP B N   1 
ATOM   421 C CA  . TRP B 1 8  ? -1.242  -1.414  -21.823 1.00 111.81 ? 34  TRP B CA  1 
ATOM   422 C C   . TRP B 1 8  ? 0.138   -1.206  -21.190 1.00 102.36 ? 34  TRP B C   1 
ATOM   423 O O   . TRP B 1 8  ? 0.816   -0.215  -21.529 1.00 86.32  ? 34  TRP B O   1 
ATOM   424 C CB  . TRP B 1 8  ? -2.087  -0.135  -21.730 1.00 106.58 ? 34  TRP B CB  1 
ATOM   425 C CG  . TRP B 1 8  ? -2.529  0.177   -20.334 1.00 105.58 ? 34  TRP B CG  1 
ATOM   426 C CD1 . TRP B 1 8  ? -3.727  -0.136  -19.760 1.00 105.70 ? 34  TRP B CD1 1 
ATOM   427 C CD2 . TRP B 1 8  ? -1.766  0.859   -19.325 1.00 102.98 ? 34  TRP B CD2 1 
ATOM   428 N NE1 . TRP B 1 8  ? -3.767  0.306   -18.467 1.00 103.24 ? 34  TRP B NE1 1 
ATOM   429 C CE2 . TRP B 1 8  ? -2.578  0.919   -18.171 1.00 110.37 ? 34  TRP B CE2 1 
ATOM   430 C CE3 . TRP B 1 8  ? -0.491  1.435   -19.286 1.00 96.78  ? 34  TRP B CE3 1 
ATOM   431 C CZ2 . TRP B 1 8  ? -2.144  1.519   -16.989 1.00 109.07 ? 34  TRP B CZ2 1 
ATOM   432 C CZ3 . TRP B 1 8  ? -0.064  2.026   -18.116 1.00 106.46 ? 34  TRP B CZ3 1 
ATOM   433 C CH2 . TRP B 1 8  ? -0.879  2.063   -16.984 1.00 102.80 ? 34  TRP B CH2 1 
ATOM   434 N N   . LEU B 1 9  ? 0.544   -2.134  -20.326 1.00 89.98  ? 35  LEU B N   1 
ATOM   435 C CA  . LEU B 1 9  ? 1.571   -1.909  -19.286 1.00 95.74  ? 35  LEU B CA  1 
ATOM   436 C C   . LEU B 1 9  ? 2.834   -2.628  -19.737 1.00 83.53  ? 35  LEU B C   1 
ATOM   437 O O   . LEU B 1 9  ? 2.791   -3.800  -20.096 1.00 86.86  ? 35  LEU B O   1 
ATOM   438 C CB  . LEU B 1 9  ? 1.030   -2.423  -17.940 1.00 100.60 ? 35  LEU B CB  1 
ATOM   439 C CG  . LEU B 1 9  ? 1.729   -1.919  -16.671 1.00 95.55  ? 35  LEU B CG  1 
ATOM   440 C CD1 . LEU B 1 9  ? 1.507   -0.430  -16.460 1.00 93.21  ? 35  LEU B CD1 1 
ATOM   441 C CD2 . LEU B 1 9  ? 1.256   -2.688  -15.443 1.00 93.52  ? 35  LEU B CD2 1 
ATOM   442 N N   . PRO B 1 10 ? 3.985   -1.931  -19.785 1.00 100.22 ? 36  PRO B N   1 
ATOM   443 C CA  . PRO B 1 10 ? 5.249   -2.563  -20.161 1.00 111.39 ? 36  PRO B CA  1 
ATOM   444 C C   . PRO B 1 10 ? 5.551   -3.838  -19.378 1.00 120.43 ? 36  PRO B C   1 
ATOM   445 O O   . PRO B 1 10 ? 4.950   -4.089  -18.334 1.00 116.98 ? 36  PRO B O   1 
ATOM   446 C CB  . PRO B 1 10 ? 6.301   -1.480  -19.868 1.00 116.58 ? 36  PRO B CB  1 
ATOM   447 C CG  . PRO B 1 10 ? 5.537   -0.175  -20.001 1.00 119.45 ? 36  PRO B CG  1 
ATOM   448 C CD  . PRO B 1 10 ? 4.126   -0.488  -19.537 1.00 111.59 ? 36  PRO B CD  1 
ATOM   449 N N   . PRO B 1 11 ? 6.496   -4.672  -19.879 1.00 138.73 ? 37  PRO B N   1 
ATOM   450 C CA  . PRO B 1 11 ? 6.740   -6.025  -19.363 1.00 131.94 ? 37  PRO B CA  1 
ATOM   451 C C   . PRO B 1 11 ? 6.792   -6.245  -17.840 1.00 117.87 ? 37  PRO B C   1 
ATOM   452 O O   . PRO B 1 11 ? 5.900   -6.910  -17.338 1.00 108.23 ? 37  PRO B O   1 
ATOM   453 C CB  . PRO B 1 11 ? 8.112   -6.355  -19.978 1.00 132.17 ? 37  PRO B CB  1 
ATOM   454 C CG  . PRO B 1 11 ? 8.060   -5.680  -21.326 1.00 131.23 ? 37  PRO B CG  1 
ATOM   455 C CD  . PRO B 1 11 ? 7.348   -4.374  -21.047 1.00 136.61 ? 37  PRO B CD  1 
ATOM   456 N N   . ASP B 1 12 ? 7.813   -5.725  -17.148 1.00 105.89 ? 38  ASP B N   1 
ATOM   457 C CA  . ASP B 1 12 ? 8.179   -6.165  -15.769 1.00 109.35 ? 38  ASP B CA  1 
ATOM   458 C C   . ASP B 1 12 ? 7.430   -5.345  -14.694 1.00 100.87 ? 38  ASP B C   1 
ATOM   459 O O   . ASP B 1 12 ? 7.857   -5.378  -13.514 1.00 84.37  ? 38  ASP B O   1 
ATOM   460 C CB  . ASP B 1 12 ? 9.702   -6.127  -15.594 1.00 96.44  ? 38  ASP B CB  1 
ATOM   461 N N   . TRP B 1 13 ? 6.332   -4.667  -15.050 1.00 96.99  ? 39  TRP B N   1 
ATOM   462 C CA  . TRP B 1 13 ? 5.651   -3.680  -14.165 1.00 101.63 ? 39  TRP B CA  1 
ATOM   463 C C   . TRP B 1 13 ? 4.713   -4.406  -13.202 1.00 84.54  ? 39  TRP B C   1 
ATOM   464 O O   . TRP B 1 13 ? 3.811   -5.094  -13.680 1.00 84.73  ? 39  TRP B O   1 
ATOM   465 C CB  . TRP B 1 13 ? 4.942   -2.590  -14.983 1.00 103.39 ? 39  TRP B CB  1 
ATOM   466 C CG  . TRP B 1 13 ? 5.891   -1.498  -15.368 1.00 119.30 ? 39  TRP B CG  1 
ATOM   467 C CD1 . TRP B 1 13 ? 6.927   -1.588  -16.254 1.00 121.75 ? 39  TRP B CD1 1 
ATOM   468 C CD2 . TRP B 1 13 ? 5.952   -0.168  -14.820 1.00 122.10 ? 39  TRP B CD2 1 
ATOM   469 N NE1 . TRP B 1 13 ? 7.609   -0.403  -16.312 1.00 116.60 ? 39  TRP B NE1 1 
ATOM   470 C CE2 . TRP B 1 13 ? 7.032   0.488   -15.448 1.00 125.41 ? 39  TRP B CE2 1 
ATOM   471 C CE3 . TRP B 1 13 ? 5.191   0.537   -13.879 1.00 120.02 ? 39  TRP B CE3 1 
ATOM   472 C CZ2 . TRP B 1 13 ? 7.362   1.812   -15.163 1.00 134.16 ? 39  TRP B CZ2 1 
ATOM   473 C CZ3 . TRP B 1 13 ? 5.521   1.843   -13.593 1.00 122.21 ? 39  TRP B CZ3 1 
ATOM   474 C CH2 . TRP B 1 13 ? 6.590   2.471   -14.232 1.00 132.79 ? 39  TRP B CH2 1 
ATOM   475 N N   . ARG B 1 14 ? 4.978   -4.272  -11.900 1.00 73.55  ? 40  ARG B N   1 
ATOM   476 C CA  . ARG B 1 14 ? 4.174   -4.822  -10.779 1.00 78.58  ? 40  ARG B CA  1 
ATOM   477 C C   . ARG B 1 14 ? 2.934   -3.932  -10.582 1.00 74.43  ? 40  ARG B C   1 
ATOM   478 O O   . ARG B 1 14 ? 3.052   -2.717  -10.732 1.00 71.95  ? 40  ARG B O   1 
ATOM   479 C CB  . ARG B 1 14 ? 5.066   -4.889  -9.537  1.00 82.54  ? 40  ARG B CB  1 
ATOM   480 C CG  . ARG B 1 14 ? 4.400   -5.452  -8.290  1.00 99.24  ? 40  ARG B CG  1 
ATOM   481 C CD  . ARG B 1 14 ? 5.280   -5.339  -7.056  1.00 110.42 ? 40  ARG B CD  1 
ATOM   482 N NE  . ARG B 1 14 ? 6.673   -5.007  -7.363  1.00 128.57 ? 40  ARG B NE  1 
ATOM   483 C CZ  . ARG B 1 14 ? 7.345   -3.945  -6.902  1.00 136.02 ? 40  ARG B CZ  1 
ATOM   484 N NH1 . ARG B 1 14 ? 6.777   -3.081  -6.071  1.00 129.76 ? 40  ARG B NH1 1 
ATOM   485 N NH2 . ARG B 1 14 ? 8.603   -3.757  -7.273  1.00 132.55 ? 40  ARG B NH2 1 
ATOM   486 N N   . THR B 1 15 ? 1.768   -4.523  -10.322 1.00 69.51  ? 41  THR B N   1 
ATOM   487 C CA  . THR B 1 15 ? 0.535   -3.819  -9.907  1.00 62.58  ? 41  THR B CA  1 
ATOM   488 C C   . THR B 1 15 ? 0.148   -4.320  -8.518  1.00 61.94  ? 41  THR B C   1 
ATOM   489 O O   . THR B 1 15 ? 0.546   -5.450  -8.144  1.00 58.79  ? 41  THR B O   1 
ATOM   490 C CB  . THR B 1 15 ? -0.623  -4.004  -10.892 1.00 56.83  ? 41  THR B CB  1 
ATOM   491 O OG1 . THR B 1 15 ? -0.891  -5.401  -11.004 1.00 59.48  ? 41  THR B OG1 1 
ATOM   492 C CG2 . THR B 1 15 ? -0.314  -3.426  -12.248 1.00 66.63  ? 41  THR B CG2 1 
ATOM   493 N N   . GLU B 1 16 ? -0.609  -3.502  -7.796  1.00 57.70  ? 42  GLU B N   1 
ATOM   494 C CA  . GLU B 1 16 ? -1.219  -3.878  -6.495  1.00 63.84  ? 42  GLU B CA  1 
ATOM   495 C C   . GLU B 1 16 ? -2.491  -3.065  -6.314  1.00 62.00  ? 42  GLU B C   1 
ATOM   496 O O   . GLU B 1 16 ? -2.674  -2.054  -7.030  1.00 61.25  ? 42  GLU B O   1 
ATOM   497 C CB  . GLU B 1 16 ? -0.261  -3.697  -5.316  1.00 56.63  ? 42  GLU B CB  1 
ATOM   498 C CG  . GLU B 1 16 ? -0.096  -2.273  -4.834  1.00 65.56  ? 42  GLU B CG  1 
ATOM   499 C CD  . GLU B 1 16 ? 0.882   -2.077  -3.671  1.00 63.99  ? 42  GLU B CD  1 
ATOM   500 O OE1 . GLU B 1 16 ? 1.712   -2.950  -3.437  1.00 69.78  ? 42  GLU B OE1 1 
ATOM   501 O OE2 . GLU B 1 16 ? 0.846   -1.021  -3.035  1.00 68.63  ? 42  GLU B OE2 1 
ATOM   502 N N   . ILE B 1 17 ? -3.344  -3.526  -5.409  1.00 59.92  ? 43  ILE B N   1 
ATOM   503 C CA  . ILE B 1 17 ? -4.415  -2.681  -4.831  1.00 55.60  ? 43  ILE B CA  1 
ATOM   504 C C   . ILE B 1 17 ? -4.110  -2.531  -3.344  1.00 56.37  ? 43  ILE B C   1 
ATOM   505 O O   . ILE B 1 17 ? -3.569  -3.458  -2.715  1.00 55.17  ? 43  ILE B O   1 
ATOM   506 C CB  . ILE B 1 17 ? -5.823  -3.268  -5.080  1.00 52.39  ? 43  ILE B CB  1 
ATOM   507 C CG1 . ILE B 1 17 ? -5.961  -4.686  -4.533  1.00 54.61  ? 43  ILE B CG1 1 
ATOM   508 C CG2 . ILE B 1 17 ? -6.223  -3.191  -6.544  1.00 56.55  ? 43  ILE B CG2 1 
ATOM   509 C CD1 . ILE B 1 17 ? -7.397  -5.132  -4.428  1.00 57.46  ? 43  ILE B CD1 1 
ATOM   510 N N   A ARG B 1 18 ? -4.442  -1.357  -2.814  0.50 56.45  ? 44  ARG B N   1 
ATOM   511 N N   B ARG B 1 18 ? -4.436  -1.373  -2.788  0.50 57.13  ? 44  ARG B N   1 
ATOM   512 C CA  A ARG B 1 18 ? -4.523  -1.050  -1.366  0.50 53.21  ? 44  ARG B CA  1 
ATOM   513 C CA  B ARG B 1 18 ? -4.492  -1.171  -1.323  0.50 54.41  ? 44  ARG B CA  1 
ATOM   514 C C   A ARG B 1 18 ? -6.016  -0.924  -1.066  0.50 53.51  ? 44  ARG B C   1 
ATOM   515 C C   B ARG B 1 18 ? -5.967  -0.907  -1.025  0.50 54.48  ? 44  ARG B C   1 
ATOM   516 O O   A ARG B 1 18 ? -6.694  -0.218  -1.828  0.50 53.06  ? 44  ARG B O   1 
ATOM   517 O O   B ARG B 1 18 ? -6.586  -0.131  -1.771  0.50 54.40  ? 44  ARG B O   1 
ATOM   518 C CB  A ARG B 1 18 ? -3.736  0.226   -1.050  0.50 56.52  ? 44  ARG B CB  1 
ATOM   519 C CB  B ARG B 1 18 ? -3.481  -0.106  -0.890  0.50 59.33  ? 44  ARG B CB  1 
ATOM   520 C CG  A ARG B 1 18 ? -2.242  0.128   -1.350  0.50 61.97  ? 44  ARG B CG  1 
ATOM   521 C CG  B ARG B 1 18 ? -2.030  -0.591  -0.906  0.50 60.63  ? 44  ARG B CG  1 
ATOM   522 C CD  A ARG B 1 18 ? -1.465  1.393   -1.014  0.50 60.68  ? 44  ARG B CD  1 
ATOM   523 C CD  B ARG B 1 18 ? -1.039  0.466   -0.459  0.50 62.97  ? 44  ARG B CD  1 
ATOM   524 N NE  A ARG B 1 18 ? -0.119  1.421   -1.576  0.50 61.11  ? 44  ARG B NE  1 
ATOM   525 N NE  B ARG B 1 18 ? 0.395   0.193   -0.606  0.50 66.36  ? 44  ARG B NE  1 
ATOM   526 C CZ  A ARG B 1 18 ? 0.836   2.273   -1.213  0.50 58.27  ? 44  ARG B CZ  1 
ATOM   527 C CZ  B ARG B 1 18 ? 1.225   -0.101  0.399   0.50 63.82  ? 44  ARG B CZ  1 
ATOM   528 N NH1 A ARG B 1 18 ? 0.602   3.179   -0.283  0.50 55.04  ? 44  ARG B NH1 1 
ATOM   529 N NH1 B ARG B 1 18 ? 0.772   -0.225  1.630   0.50 52.55  ? 44  ARG B NH1 1 
ATOM   530 N NH2 A ARG B 1 18 ? 2.020   2.226   -1.787  0.50 61.83  ? 44  ARG B NH2 1 
ATOM   531 N NH2 B ARG B 1 18 ? 2.514   -0.277  0.168   0.50 65.59  ? 44  ARG B NH2 1 
ATOM   532 N N   . VAL B 1 19 ? -6.527  -1.646  -0.070  1.00 55.19  ? 45  VAL B N   1 
ATOM   533 C CA  . VAL B 1 19 ? -7.958  -1.564  0.313   1.00 53.38  ? 45  VAL B CA  1 
ATOM   534 C C   . VAL B 1 19 ? -7.976  -0.955  1.708   1.00 56.00  ? 45  VAL B C   1 
ATOM   535 O O   . VAL B 1 19 ? -7.302  -1.523  2.609   1.00 49.38  ? 45  VAL B O   1 
ATOM   536 C CB  . VAL B 1 19 ? -8.643  -2.938  0.291   1.00 54.35  ? 45  VAL B CB  1 
ATOM   537 C CG1 . VAL B 1 19 ? -10.109 -2.821  0.663   1.00 55.37  ? 45  VAL B CG1 1 
ATOM   538 C CG2 . VAL B 1 19 ? -8.465  -3.648  -1.041  1.00 58.03  ? 45  VAL B CG2 1 
ATOM   539 N N   . ARG B 1 20 ? -8.688  0.158   1.859   1.00 48.15  ? 46  ARG B N   1 
ATOM   540 C CA  . ARG B 1 20 ? -8.731  0.907   3.127   1.00 50.20  ? 46  ARG B CA  1 
ATOM   541 C C   . ARG B 1 20 ? -9.633  0.085   4.031   1.00 49.46  ? 46  ARG B C   1 
ATOM   542 O O   . ARG B 1 20 ? -10.709 -0.317  3.561   1.00 50.76  ? 46  ARG B O   1 
ATOM   543 C CB  . ARG B 1 20 ? -9.190  2.355   2.899   1.00 53.66  ? 46  ARG B CB  1 
ATOM   544 C CG  . ARG B 1 20 ? -9.257  3.190   4.171   1.00 54.55  ? 46  ARG B CG  1 
ATOM   545 C CD  . ARG B 1 20 ? -7.874  3.580   4.673   1.00 51.70  ? 46  ARG B CD  1 
ATOM   546 N NE  . ARG B 1 20 ? -7.064  4.206   3.627   1.00 50.73  ? 46  ARG B NE  1 
ATOM   547 C CZ  . ARG B 1 20 ? -7.203  5.459   3.212   1.00 56.28  ? 46  ARG B CZ  1 
ATOM   548 N NH1 . ARG B 1 20 ? -8.123  6.278   3.722   1.00 49.55  ? 46  ARG B NH1 1 
ATOM   549 N NH2 . ARG B 1 20 ? -6.444  5.889   2.228   1.00 60.78  ? 46  ARG B NH2 1 
ATOM   550 N N   . THR B 1 21 ? -9.215  -0.172  5.263   1.00 47.86  ? 47  THR B N   1 
ATOM   551 C CA  . THR B 1 21 ? -9.985  -1.032  6.189   1.00 50.77  ? 47  THR B CA  1 
ATOM   552 C C   . THR B 1 21 ? -10.365 -0.294  7.477   1.00 52.47  ? 47  THR B C   1 
ATOM   553 O O   . THR B 1 21 ? -10.952 -0.966  8.355   1.00 55.02  ? 47  THR B O   1 
ATOM   554 C CB  . THR B 1 21 ? -9.195  -2.319  6.472   1.00 52.99  ? 47  THR B CB  1 
ATOM   555 O OG1 . THR B 1 21 ? -7.956  -1.921  7.036   1.00 55.24  ? 47  THR B OG1 1 
ATOM   556 C CG2 . THR B 1 21 ? -8.918  -3.131  5.223   1.00 54.13  ? 47  THR B CG2 1 
ATOM   557 N N   . SER B 1 22 ? -10.034 0.995   7.614   1.00 52.58  ? 48  SER B N   1 
ATOM   558 C CA  . SER B 1 22 ? -10.481 1.848   8.744   1.00 53.31  ? 48  SER B CA  1 
ATOM   559 C C   . SER B 1 22 ? -10.914 3.229   8.263   1.00 55.85  ? 48  SER B C   1 
ATOM   560 O O   . SER B 1 22 ? -10.530 3.674   7.161   1.00 49.99  ? 48  SER B O   1 
ATOM   561 C CB  . SER B 1 22 ? -9.418  2.007   9.790   1.00 50.91  ? 48  SER B CB  1 
ATOM   562 O OG  . SER B 1 22 ? -8.247  2.563   9.223   1.00 52.09  ? 48  SER B OG  1 
ATOM   563 N N   . GLY B 1 23 ? -11.633 3.926   9.131   1.00 52.24  ? 49  GLY B N   1 
ATOM   564 C CA  . GLY B 1 23 ? -11.839 5.375   9.004   1.00 56.38  ? 49  GLY B CA  1 
ATOM   565 C C   . GLY B 1 23 ? -12.887 5.736   7.976   1.00 51.01  ? 49  GLY B C   1 
ATOM   566 O O   . GLY B 1 23 ? -13.645 4.842   7.496   1.00 48.70  ? 49  GLY B O   1 
ATOM   567 N N   . THR B 1 24 ? -12.925 7.017   7.626   1.00 48.77  ? 50  THR B N   1 
ATOM   568 C CA  . THR B 1 24 ? -13.987 7.596   6.760   1.00 49.93  ? 50  THR B CA  1 
ATOM   569 C C   . THR B 1 24 ? -14.033 6.890   5.411   1.00 53.42  ? 50  THR B C   1 
ATOM   570 O O   . THR B 1 24 ? -15.118 6.934   4.779   1.00 49.01  ? 50  THR B O   1 
ATOM   571 C CB  . THR B 1 24 ? -13.712 9.064   6.440   1.00 58.15  ? 50  THR B CB  1 
ATOM   572 O OG1 . THR B 1 24 ? -13.213 9.631   7.649   1.00 67.98  ? 50  THR B OG1 1 
ATOM   573 C CG2 . THR B 1 24 ? -14.935 9.788   5.945   1.00 64.05  ? 50  THR B CG2 1 
ATOM   574 N N   . LYS B 1 25 ? -12.923 6.323   4.901   1.00 46.61  ? 51  LYS B N   1 
ATOM   575 C CA  . LYS B 1 25 ? -12.989 5.754   3.515   1.00 48.58  ? 51  LYS B CA  1 
ATOM   576 C C   . LYS B 1 25 ? -12.785 4.237   3.493   1.00 49.62  ? 51  LYS B C   1 
ATOM   577 O O   . LYS B 1 25 ? -12.355 3.719   2.462   1.00 49.61  ? 51  LYS B O   1 
ATOM   578 C CB  . LYS B 1 25 ? -12.023 6.548   2.628   1.00 54.21  ? 51  LYS B CB  1 
ATOM   579 C CG  . LYS B 1 25 ? -12.517 7.950   2.303   1.00 56.55  ? 51  LYS B CG  1 
ATOM   580 C CD  . LYS B 1 25 ? -12.300 8.366   0.867   1.00 68.98  ? 51  LYS B CD  1 
ATOM   581 C CE  . LYS B 1 25 ? -10.856 8.208   0.431   1.00 82.82  ? 51  LYS B CE  1 
ATOM   582 N NZ  . LYS B 1 25 ? -10.748 8.178   -1.045  1.00 92.46  ? 51  LYS B NZ  1 
ATOM   583 N N   . ALA B 1 26 ? -13.141 3.554   4.579   1.00 49.84  ? 52  ALA B N   1 
ATOM   584 C CA  . ALA B 1 26 ? -13.082 2.086   4.723   1.00 47.81  ? 52  ALA B CA  1 
ATOM   585 C C   . ALA B 1 26 ? -13.851 1.466   3.569   1.00 48.09  ? 52  ALA B C   1 
ATOM   586 O O   . ALA B 1 26 ? -15.030 1.814   3.363   1.00 51.83  ? 52  ALA B O   1 
ATOM   587 C CB  . ALA B 1 26 ? -13.672 1.667   6.063   1.00 49.44  ? 52  ALA B CB  1 
ATOM   588 N N   . GLY B 1 27 ? -13.194 0.567   2.854   1.00 50.73  ? 53  GLY B N   1 
ATOM   589 C CA  . GLY B 1 27 ? -13.766 -0.151  1.714   1.00 54.52  ? 53  GLY B CA  1 
ATOM   590 C C   . GLY B 1 27 ? -13.260 0.363   0.379   1.00 49.92  ? 53  GLY B C   1 
ATOM   591 O O   . GLY B 1 27 ? -13.460 -0.333  -0.606  1.00 53.58  ? 53  GLY B O   1 
ATOM   592 N N   . THR B 1 28 ? -12.683 1.553   0.335   1.00 55.00  ? 54  THR B N   1 
ATOM   593 C CA  . THR B 1 28 ? -12.109 2.151   -0.901  1.00 51.66  ? 54  THR B CA  1 
ATOM   594 C C   . THR B 1 28 ? -10.917 1.306   -1.358  1.00 53.46  ? 54  THR B C   1 
ATOM   595 O O   . THR B 1 28 ? -10.056 0.945   -0.516  1.00 49.79  ? 54  THR B O   1 
ATOM   596 C CB  . THR B 1 28 ? -11.636 3.589   -0.650  1.00 51.52  ? 54  THR B CB  1 
ATOM   597 O OG1 . THR B 1 28 ? -12.734 4.283   -0.078  1.00 55.69  ? 54  THR B OG1 1 
ATOM   598 C CG2 . THR B 1 28 ? -11.195 4.332   -1.895  1.00 52.03  ? 54  THR B CG2 1 
ATOM   599 N N   . VAL B 1 29 ? -10.824 1.105   -2.664  1.00 54.64  ? 55  VAL B N   1 
ATOM   600 C CA  . VAL B 1 29 ? -9.751  0.360   -3.379  1.00 57.86  ? 55  VAL B CA  1 
ATOM   601 C C   . VAL B 1 29 ? -8.953  1.366   -4.199  1.00 57.50  ? 55  VAL B C   1 
ATOM   602 O O   . VAL B 1 29 ? -9.602  2.057   -4.978  1.00 64.26  ? 55  VAL B O   1 
ATOM   603 C CB  . VAL B 1 29 ? -10.387 -0.681  -4.313  1.00 58.04  ? 55  VAL B CB  1 
ATOM   604 C CG1 . VAL B 1 29 ? -9.345  -1.315  -5.210  1.00 60.63  ? 55  VAL B CG1 1 
ATOM   605 C CG2 . VAL B 1 29 ? -11.160 -1.733  -3.532  1.00 56.51  ? 55  VAL B CG2 1 
ATOM   606 N N   . ASP B 1 30 ? -7.626  1.429   -4.040  1.00 51.81  ? 56  ASP B N   1 
ATOM   607 C CA  . ASP B 1 30 ? -6.719  2.277   -4.861  1.00 55.12  ? 56  ASP B CA  1 
ATOM   608 C C   . ASP B 1 30 ? -5.713  1.361   -5.579  1.00 60.07  ? 56  ASP B C   1 
ATOM   609 O O   . ASP B 1 30 ? -5.174  0.443   -4.926  1.00 55.00  ? 56  ASP B O   1 
ATOM   610 C CB  . ASP B 1 30 ? -6.047  3.363   -4.001  1.00 57.12  ? 56  ASP B CB  1 
ATOM   611 C CG  . ASP B 1 30 ? -7.036  4.349   -3.365  1.00 68.47  ? 56  ASP B CG  1 
ATOM   612 O OD1 . ASP B 1 30 ? -7.897  4.918   -4.102  1.00 68.37  ? 56  ASP B OD1 1 
ATOM   613 O OD2 . ASP B 1 30 ? -6.964  4.540   -2.135  1.00 81.00  ? 56  ASP B OD2 1 
ATOM   614 N N   . LYS B 1 31 ? -5.492  1.566   -6.878  1.00 62.63  ? 57  LYS B N   1 
ATOM   615 C CA  . LYS B 1 31 ? -4.530  0.767   -7.686  1.00 62.48  ? 57  LYS B CA  1 
ATOM   616 C C   . LYS B 1 31 ? -3.216  1.534   -7.753  1.00 58.75  ? 57  LYS B C   1 
ATOM   617 O O   . LYS B 1 31 ? -3.268  2.751   -7.898  1.00 56.18  ? 57  LYS B O   1 
ATOM   618 C CB  . LYS B 1 31 ? -5.026  0.532   -9.114  1.00 72.21  ? 57  LYS B CB  1 
ATOM   619 C CG  . LYS B 1 31 ? -6.419  -0.059  -9.271  1.00 87.08  ? 57  LYS B CG  1 
ATOM   620 C CD  . LYS B 1 31 ? -6.619  -0.741  -10.628 1.00 95.58  ? 57  LYS B CD  1 
ATOM   621 C CE  . LYS B 1 31 ? -8.076  -0.918  -11.013 1.00 95.54  ? 57  LYS B CE  1 
ATOM   622 N NZ  . LYS B 1 31 ? -8.615  0.293   -11.672 1.00 99.50  ? 57  LYS B NZ  1 
ATOM   623 N N   . PHE B 1 32 ? -2.094  0.833   -7.646  1.00 60.58  ? 58  PHE B N   1 
ATOM   624 C CA  . PHE B 1 32 ? -0.726  1.396   -7.716  1.00 63.09  ? 58  PHE B CA  1 
ATOM   625 C C   . PHE B 1 32 ? 0.076   0.602   -8.746  1.00 75.01  ? 58  PHE B C   1 
ATOM   626 O O   . PHE B 1 32 ? -0.184  -0.612  -8.925  1.00 67.03  ? 58  PHE B O   1 
ATOM   627 C CB  . PHE B 1 32 ? -0.072  1.389   -6.336  1.00 62.91  ? 58  PHE B CB  1 
ATOM   628 C CG  . PHE B 1 32 ? -0.725  2.367   -5.399  1.00 66.79  ? 58  PHE B CG  1 
ATOM   629 C CD1 . PHE B 1 32 ? -1.776  1.980   -4.588  1.00 57.79  ? 58  PHE B CD1 1 
ATOM   630 C CD2 . PHE B 1 32 ? -0.340  3.702   -5.393  1.00 78.33  ? 58  PHE B CD2 1 
ATOM   631 C CE1 . PHE B 1 32 ? -2.416  2.897   -3.775  1.00 67.71  ? 58  PHE B CE1 1 
ATOM   632 C CE2 . PHE B 1 32 ? -0.961  4.616   -4.550  1.00 77.10  ? 58  PHE B CE2 1 
ATOM   633 C CZ  . PHE B 1 32 ? -2.007  4.214   -3.755  1.00 65.33  ? 58  PHE B CZ  1 
ATOM   634 N N   . TYR B 1 33 ? 1.003   1.287   -9.421  1.00 71.81  ? 59  TYR B N   1 
ATOM   635 C CA  . TYR B 1 33 ? 1.900   0.720   -10.461 1.00 68.27  ? 59  TYR B CA  1 
ATOM   636 C C   . TYR B 1 33 ? 3.337   0.955   -10.022 1.00 70.93  ? 59  TYR B C   1 
ATOM   637 O O   . TYR B 1 33 ? 3.627   2.095   -9.636  1.00 72.93  ? 59  TYR B O   1 
ATOM   638 C CB  . TYR B 1 33 ? 1.602   1.387   -11.799 1.00 64.94  ? 59  TYR B CB  1 
ATOM   639 C CG  . TYR B 1 33 ? 0.151   1.363   -12.189 1.00 64.36  ? 59  TYR B CG  1 
ATOM   640 C CD1 . TYR B 1 33 ? -0.688  2.409   -11.862 1.00 65.10  ? 59  TYR B CD1 1 
ATOM   641 C CD2 . TYR B 1 33 ? -0.390  0.290   -12.872 1.00 68.07  ? 59  TYR B CD2 1 
ATOM   642 C CE1 . TYR B 1 33 ? -2.023  2.406   -12.223 1.00 70.11  ? 59  TYR B CE1 1 
ATOM   643 C CE2 . TYR B 1 33 ? -1.724  0.272   -13.244 1.00 65.50  ? 59  TYR B CE2 1 
ATOM   644 C CZ  . TYR B 1 33 ? -2.549  1.327   -12.906 1.00 70.77  ? 59  TYR B CZ  1 
ATOM   645 O OH  . TYR B 1 33 ? -3.869  1.328   -13.247 1.00 79.16  ? 59  TYR B OH  1 
ATOM   646 N N   . TYR B 1 34 ? 4.175   -0.079  -10.011 1.00 66.13  ? 60  TYR B N   1 
ATOM   647 C CA  . TYR B 1 34 ? 5.610   0.039   -9.655  1.00 74.13  ? 60  TYR B CA  1 
ATOM   648 C C   . TYR B 1 34 ? 6.476   -0.246  -10.889 1.00 81.44  ? 60  TYR B C   1 
ATOM   649 O O   . TYR B 1 34 ? 6.208   -1.206  -11.611 1.00 78.25  ? 60  TYR B O   1 
ATOM   650 C CB  . TYR B 1 34 ? 5.963   -0.854  -8.471  1.00 72.57  ? 60  TYR B CB  1 
ATOM   651 C CG  . TYR B 1 34 ? 5.193   -0.495  -7.229  1.00 83.51  ? 60  TYR B CG  1 
ATOM   652 C CD1 . TYR B 1 34 ? 3.888   -0.928  -7.064  1.00 78.07  ? 60  TYR B CD1 1 
ATOM   653 C CD2 . TYR B 1 34 ? 5.744   0.312   -6.246  1.00 82.43  ? 60  TYR B CD2 1 
ATOM   654 C CE1 . TYR B 1 34 ? 3.157   -0.587  -5.940  1.00 86.13  ? 60  TYR B CE1 1 
ATOM   655 C CE2 . TYR B 1 34 ? 5.025   0.665   -5.116  1.00 89.17  ? 60  TYR B CE2 1 
ATOM   656 C CZ  . TYR B 1 34 ? 3.727   0.204   -4.960  1.00 93.58  ? 60  TYR B CZ  1 
ATOM   657 O OH  . TYR B 1 34 ? 2.994   0.528   -3.860  1.00 92.83  ? 60  TYR B OH  1 
ATOM   658 N N   . GLU B 1 35 ? 7.483   0.604   -11.110 1.00 92.15  ? 61  GLU B N   1 
ATOM   659 C CA  . GLU B 1 35 ? 8.531   0.435   -12.149 1.00 96.68  ? 61  GLU B CA  1 
ATOM   660 C C   . GLU B 1 35 ? 9.488   -0.691  -11.748 1.00 88.72  ? 61  GLU B C   1 
ATOM   661 O O   . GLU B 1 35 ? 9.854   -0.822  -10.579 1.00 84.31  ? 61  GLU B O   1 
ATOM   662 C CB  . GLU B 1 35 ? 9.293   1.747   -12.323 1.00 104.80 ? 61  GLU B CB  1 
ATOM   663 C CG  . GLU B 1 35 ? 10.477  1.645   -13.268 1.00 116.47 ? 61  GLU B CG  1 
ATOM   664 C CD  . GLU B 1 35 ? 11.186  2.965   -13.489 1.00 117.05 ? 61  GLU B CD  1 
ATOM   665 O OE1 . GLU B 1 35 ? 11.553  3.615   -12.484 1.00 103.19 ? 61  GLU B OE1 1 
ATOM   666 O OE2 . GLU B 1 35 ? 11.333  3.351   -14.663 1.00 119.79 ? 61  GLU B OE2 1 
ATOM   667 N N   . PRO B 1 36 ? 9.931   -1.526  -12.716 1.00 85.05  ? 62  PRO B N   1 
ATOM   668 C CA  . PRO B 1 36 ? 10.915  -2.583  -12.444 1.00 95.05  ? 62  PRO B CA  1 
ATOM   669 C C   . PRO B 1 36 ? 12.356  -2.118  -12.150 1.00 100.66 ? 62  PRO B C   1 
ATOM   670 O O   . PRO B 1 36 ? 12.762  -1.066  -12.636 1.00 95.18  ? 62  PRO B O   1 
ATOM   671 C CB  . PRO B 1 36 ? 10.890  -3.432  -13.727 1.00 91.91  ? 62  PRO B CB  1 
ATOM   672 C CG  . PRO B 1 36 ? 10.389  -2.490  -14.811 1.00 88.90  ? 62  PRO B CG  1 
ATOM   673 C CD  . PRO B 1 36 ? 9.440   -1.545  -14.104 1.00 87.89  ? 62  PRO B CD  1 
ATOM   674 N N   . ILE B 1 37 ? 13.082  -2.932  -11.366 1.00 108.12 ? 63  ILE B N   1 
ATOM   675 C CA  . ILE B 1 37 ? 14.463  -2.693  -10.832 1.00 111.89 ? 63  ILE B CA  1 
ATOM   676 C C   . ILE B 1 37 ? 14.370  -1.689  -9.678  1.00 119.56 ? 63  ILE B C   1 
ATOM   677 O O   . ILE B 1 37 ? 14.684  -2.081  -8.527  1.00 117.57 ? 63  ILE B O   1 
ATOM   678 C CB  . ILE B 1 37 ? 15.442  -2.219  -11.928 1.00 104.44 ? 63  ILE B CB  1 
ATOM   679 N N   . THR B 1 38 ? 13.936  -0.458  -9.990  1.00 118.32 ? 64  THR B N   1 
ATOM   680 C CA  . THR B 1 38 ? 13.840  0.716   -9.077  1.00 110.04 ? 64  THR B CA  1 
ATOM   681 C C   . THR B 1 38 ? 12.767  0.488   -8.002  1.00 116.54 ? 64  THR B C   1 
ATOM   682 O O   . THR B 1 38 ? 13.078  0.699   -6.807  1.00 108.40 ? 64  THR B O   1 
ATOM   683 C CB  . THR B 1 38 ? 13.527  1.990   -9.876  1.00 109.39 ? 64  THR B CB  1 
ATOM   684 O OG1 . THR B 1 38 ? 12.357  1.752   -10.656 1.00 96.30  ? 64  THR B OG1 1 
ATOM   685 C CG2 . THR B 1 38 ? 14.651  2.401   -10.801 1.00 111.67 ? 64  THR B CG2 1 
ATOM   686 N N   . GLY B 1 39 ? 11.559  0.083   -8.421  1.00 120.04 ? 65  GLY B N   1 
ATOM   687 C CA  . GLY B 1 39 ? 10.381  -0.120  -7.551  1.00 110.22 ? 65  GLY B CA  1 
ATOM   688 C C   . GLY B 1 39 ? 9.604   1.171   -7.356  1.00 103.60 ? 65  GLY B C   1 
ATOM   689 O O   . GLY B 1 39 ? 8.963   1.315   -6.296  1.00 98.51  ? 65  GLY B O   1 
ATOM   690 N N   . ARG B 1 40 ? 9.644   2.067   -8.351  1.00 91.24  ? 66  ARG B N   1 
ATOM   691 C CA  . ARG B 1 40 ? 9.128   3.459   -8.253  1.00 95.23  ? 66  ARG B CA  1 
ATOM   692 C C   . ARG B 1 40 ? 7.597   3.460   -8.297  1.00 83.15  ? 66  ARG B C   1 
ATOM   693 O O   . ARG B 1 40 ? 7.071   2.990   -9.305  1.00 71.74  ? 66  ARG B O   1 
ATOM   694 C CB  . ARG B 1 40 ? 9.663   4.320   -9.402  1.00 97.21  ? 66  ARG B CB  1 
ATOM   695 C CG  . ARG B 1 40 ? 9.393   5.806   -9.216  1.00 103.71 ? 66  ARG B CG  1 
ATOM   696 C CD  . ARG B 1 40 ? 9.761   6.650   -10.423 1.00 107.06 ? 66  ARG B CD  1 
ATOM   697 N NE  . ARG B 1 40 ? 9.494   8.055   -10.151 1.00 106.99 ? 66  ARG B NE  1 
ATOM   698 C CZ  . ARG B 1 40 ? 9.422   9.023   -11.060 1.00 113.66 ? 66  ARG B CZ  1 
ATOM   699 N NH1 . ARG B 1 40 ? 9.602   8.763   -12.345 1.00 118.04 ? 66  ARG B NH1 1 
ATOM   700 N NH2 . ARG B 1 40 ? 9.168   10.259  -10.669 1.00 118.10 ? 66  ARG B NH2 1 
ATOM   701 N N   . LYS B 1 41 ? 6.944   4.072   -7.296  1.00 80.66  ? 67  LYS B N   1 
ATOM   702 C CA  . LYS B 1 41 ? 5.463   4.086   -7.094  1.00 80.65  ? 67  LYS B CA  1 
ATOM   703 C C   . LYS B 1 41 ? 4.781   5.167   -7.962  1.00 72.56  ? 67  LYS B C   1 
ATOM   704 O O   . LYS B 1 41 ? 5.116   6.337   -7.835  1.00 80.45  ? 67  LYS B O   1 
ATOM   705 C CB  . LYS B 1 41 ? 5.175   4.274   -5.601  1.00 85.41  ? 67  LYS B CB  1 
ATOM   706 C CG  . LYS B 1 41 ? 3.713   4.167   -5.184  1.00 97.31  ? 67  LYS B CG  1 
ATOM   707 C CD  . LYS B 1 41 ? 3.489   4.465   -3.703  1.00 107.71 ? 67  LYS B CD  1 
ATOM   708 C CE  . LYS B 1 41 ? 3.892   5.877   -3.316  1.00 114.14 ? 67  LYS B CE  1 
ATOM   709 N NZ  . LYS B 1 41 ? 3.378   6.264   -1.983  1.00 112.24 ? 67  LYS B NZ  1 
ATOM   710 N N   . PHE B 1 42 ? 3.825   4.768   -8.797  1.00 65.95  ? 68  PHE B N   1 
ATOM   711 C CA  . PHE B 1 42 ? 2.899   5.632   -9.565  1.00 69.69  ? 68  PHE B CA  1 
ATOM   712 C C   . PHE B 1 42 ? 1.453   5.374   -9.112  1.00 72.30  ? 68  PHE B C   1 
ATOM   713 O O   . PHE B 1 42 ? 1.132   4.238   -8.715  1.00 62.08  ? 68  PHE B O   1 
ATOM   714 C CB  . PHE B 1 42 ? 3.038   5.364   -11.062 1.00 69.13  ? 68  PHE B CB  1 
ATOM   715 C CG  . PHE B 1 42 ? 4.386   5.738   -11.609 1.00 79.00  ? 68  PHE B CG  1 
ATOM   716 C CD1 . PHE B 1 42 ? 5.486   4.936   -11.370 1.00 80.97  ? 68  PHE B CD1 1 
ATOM   717 C CD2 . PHE B 1 42 ? 4.549   6.896   -12.350 1.00 86.82  ? 68  PHE B CD2 1 
ATOM   718 C CE1 . PHE B 1 42 ? 6.733   5.282   -11.865 1.00 98.38  ? 68  PHE B CE1 1 
ATOM   719 C CE2 . PHE B 1 42 ? 5.797   7.245   -12.839 1.00 98.27  ? 68  PHE B CE2 1 
ATOM   720 C CZ  . PHE B 1 42 ? 6.886   6.438   -12.598 1.00 96.53  ? 68  PHE B CZ  1 
ATOM   721 N N   . ARG B 1 43 ? 0.602   6.396   -9.225  1.00 70.28  ? 69  ARG B N   1 
ATOM   722 C CA  . ARG B 1 43 ? -0.735  6.451   -8.588  1.00 66.77  ? 69  ARG B CA  1 
ATOM   723 C C   . ARG B 1 43 ? -1.843  6.437   -9.634  1.00 59.65  ? 69  ARG B C   1 
ATOM   724 O O   . ARG B 1 43 ? -2.996  6.470   -9.216  1.00 60.58  ? 69  ARG B O   1 
ATOM   725 C CB  . ARG B 1 43 ? -0.868  7.736   -7.760  1.00 76.54  ? 69  ARG B CB  1 
ATOM   726 C CG  . ARG B 1 43 ? -0.008  7.776   -6.506  1.00 85.29  ? 69  ARG B CG  1 
ATOM   727 C CD  . ARG B 1 43 ? -0.055  9.131   -5.807  1.00 85.59  ? 69  ARG B CD  1 
ATOM   728 N NE  . ARG B 1 43 ? 0.773   9.143   -4.604  1.00 93.01  ? 69  ARG B NE  1 
ATOM   729 C CZ  . ARG B 1 43 ? 0.438   8.617   -3.418  1.00 95.74  ? 69  ARG B CZ  1 
ATOM   730 N NH1 . ARG B 1 43 ? -0.732  8.021   -3.239  1.00 80.43  ? 69  ARG B NH1 1 
ATOM   731 N NH2 . ARG B 1 43 ? 1.289   8.683   -2.404  1.00 99.68  ? 69  ARG B NH2 1 
ATOM   732 N N   . SER B 1 44 ? -1.526  6.502   -10.929 1.00 62.74  ? 70  SER B N   1 
ATOM   733 C CA  . SER B 1 44 ? -2.550  6.528   -12.010 1.00 73.07  ? 70  SER B CA  1 
ATOM   734 C C   . SER B 1 44 ? -1.986  6.010   -13.341 1.00 78.45  ? 70  SER B C   1 
ATOM   735 O O   . SER B 1 44 ? -0.751  5.975   -13.492 1.00 71.68  ? 70  SER B O   1 
ATOM   736 C CB  . SER B 1 44 ? -3.131  7.907   -12.181 1.00 76.13  ? 70  SER B CB  1 
ATOM   737 O OG  . SER B 1 44 ? -2.198  8.788   -12.786 1.00 76.32  ? 70  SER B OG  1 
ATOM   738 N N   . LYS B 1 45 ? -2.880  5.634   -14.264 1.00 84.45  ? 71  LYS B N   1 
ATOM   739 C CA  . LYS B 1 45 ? -2.532  5.177   -15.636 1.00 83.63  ? 71  LYS B CA  1 
ATOM   740 C C   . LYS B 1 45 ? -1.637  6.241   -16.266 1.00 80.92  ? 71  LYS B C   1 
ATOM   741 O O   . LYS B 1 45 ? -0.479  5.925   -16.585 1.00 81.78  ? 71  LYS B O   1 
ATOM   742 C CB  . LYS B 1 45 ? -3.780  4.945   -16.499 1.00 85.27  ? 71  LYS B CB  1 
ATOM   743 N N   . ASN B 1 46 ? -2.132  7.476   -16.337 1.00 83.39  ? 72  ASN B N   1 
ATOM   744 C CA  . ASN B 1 46 ? -1.495  8.572   -17.112 1.00 84.73  ? 72  ASN B CA  1 
ATOM   745 C C   . ASN B 1 46 ? -0.125  8.939   -16.527 1.00 82.49  ? 72  ASN B C   1 
ATOM   746 O O   . ASN B 1 46 ? 0.736   9.312   -17.313 1.00 89.68  ? 72  ASN B O   1 
ATOM   747 C CB  . ASN B 1 46 ? -2.440  9.762   -17.241 1.00 90.49  ? 72  ASN B CB  1 
ATOM   748 C CG  . ASN B 1 46 ? -3.700  9.391   -17.995 1.00 88.76  ? 72  ASN B CG  1 
ATOM   749 O OD1 . ASN B 1 46 ? -4.730  10.043  -17.859 1.00 88.65  ? 72  ASN B OD1 1 
ATOM   750 N ND2 . ASN B 1 46 ? -3.632  8.328   -18.779 1.00 85.25  ? 72  ASN B ND2 1 
ATOM   751 N N   . GLU B 1 47 ? 0.089   8.813   -15.215 1.00 73.33  ? 73  GLU B N   1 
ATOM   752 C CA  . GLU B 1 47 ? 1.395   9.119   -14.570 1.00 82.14  ? 73  GLU B CA  1 
ATOM   753 C C   . GLU B 1 47 ? 2.457   8.147   -15.088 1.00 82.37  ? 73  GLU B C   1 
ATOM   754 O O   . GLU B 1 47 ? 3.652   8.427   -14.951 1.00 82.33  ? 73  GLU B O   1 
ATOM   755 C CB  . GLU B 1 47 ? 1.323   8.976   -13.046 1.00 83.64  ? 73  GLU B CB  1 
ATOM   756 C CG  . GLU B 1 47 ? 1.103   10.272  -12.285 1.00 91.20  ? 73  GLU B CG  1 
ATOM   757 C CD  . GLU B 1 47 ? 0.671   10.035  -10.848 1.00 88.09  ? 73  GLU B CD  1 
ATOM   758 O OE1 . GLU B 1 47 ? 1.501   9.523   -10.040 1.00 84.47  ? 73  GLU B OE1 1 
ATOM   759 O OE2 . GLU B 1 47 ? -0.516  10.291  -10.563 1.00 82.68  ? 73  GLU B OE2 1 
ATOM   760 N N   . VAL B 1 48 ? 2.019   6.986   -15.555 1.00 94.22  ? 74  VAL B N   1 
ATOM   761 C CA  . VAL B 1 48 ? 2.906   5.938   -16.121 1.00 102.48 ? 74  VAL B CA  1 
ATOM   762 C C   . VAL B 1 48 ? 3.048   6.226   -17.623 1.00 86.44  ? 74  VAL B C   1 
ATOM   763 O O   . VAL B 1 48 ? 4.194   6.409   -18.074 1.00 88.76  ? 74  VAL B O   1 
ATOM   764 C CB  . VAL B 1 48 ? 2.360   4.530   -15.800 1.00 105.43 ? 74  VAL B CB  1 
ATOM   765 C CG1 . VAL B 1 48 ? 3.279   3.436   -16.320 1.00 117.72 ? 74  VAL B CG1 1 
ATOM   766 C CG2 . VAL B 1 48 ? 2.125   4.343   -14.304 1.00 102.60 ? 74  VAL B CG2 1 
ATOM   767 N N   . LEU B 1 49 ? 1.928   6.322   -18.354 1.00 78.43  ? 75  LEU B N   1 
ATOM   768 C CA  . LEU B 1 49 ? 1.919   6.693   -19.795 1.00 90.04  ? 75  LEU B CA  1 
ATOM   769 C C   . LEU B 1 49 ? 2.827   7.913   -20.007 1.00 100.85 ? 75  LEU B C   1 
ATOM   770 O O   . LEU B 1 49 ? 3.732   7.832   -20.860 1.00 119.74 ? 75  LEU B O   1 
ATOM   771 C CB  . LEU B 1 49 ? 0.488   6.997   -20.254 1.00 85.46  ? 75  LEU B CB  1 
ATOM   772 C CG  . LEU B 1 49 ? -0.472  5.806   -20.327 1.00 91.83  ? 75  LEU B CG  1 
ATOM   773 C CD1 . LEU B 1 49 ? -1.855  6.242   -20.803 1.00 84.55  ? 75  LEU B CD1 1 
ATOM   774 C CD2 . LEU B 1 49 ? 0.079   4.714   -21.233 1.00 100.18 ? 75  LEU B CD2 1 
ATOM   775 N N   . TYR B 1 50 ? 2.597   8.991   -19.245 1.00 103.98 ? 76  TYR B N   1 
ATOM   776 C CA  . TYR B 1 50 ? 3.371   10.258  -19.314 1.00 105.16 ? 76  TYR B CA  1 
ATOM   777 C C   . TYR B 1 50 ? 4.867   9.947   -19.162 1.00 101.35 ? 76  TYR B C   1 
ATOM   778 O O   . TYR B 1 50 ? 5.633   10.403  -20.023 1.00 96.93  ? 76  TYR B O   1 
ATOM   779 C CB  . TYR B 1 50 ? 2.919   11.295  -18.275 1.00 107.21 ? 76  TYR B CB  1 
ATOM   780 C CG  . TYR B 1 50 ? 3.775   12.540  -18.248 1.00 99.68  ? 76  TYR B CG  1 
ATOM   781 C CD1 . TYR B 1 50 ? 4.928   12.585  -17.480 1.00 99.44  ? 76  TYR B CD1 1 
ATOM   782 C CD2 . TYR B 1 50 ? 3.480   13.648  -19.039 1.00 102.41 ? 76  TYR B CD2 1 
ATOM   783 C CE1 . TYR B 1 50 ? 5.754   13.700  -17.473 1.00 106.26 ? 76  TYR B CE1 1 
ATOM   784 C CE2 . TYR B 1 50 ? 4.296   14.770  -19.047 1.00 100.82 ? 76  TYR B CE2 1 
ATOM   785 C CZ  . TYR B 1 50 ? 5.436   14.797  -18.255 1.00 105.37 ? 76  TYR B CZ  1 
ATOM   786 O OH  . TYR B 1 50 ? 6.266   15.881  -18.230 1.00 100.62 ? 76  TYR B OH  1 
ATOM   787 N N   . TYR B 1 51 ? 5.261   9.203   -18.122 1.00 88.28  ? 77  TYR B N   1 
ATOM   788 C CA  . TYR B 1 51 ? 6.685   8.975   -17.738 1.00 96.49  ? 77  TYR B CA  1 
ATOM   789 C C   . TYR B 1 51 ? 7.414   8.028   -18.704 1.00 105.74 ? 77  TYR B C   1 
ATOM   790 O O   . TYR B 1 51 ? 8.660   8.130   -18.796 1.00 107.80 ? 77  TYR B O   1 
ATOM   791 C CB  . TYR B 1 51 ? 6.791   8.393   -16.333 1.00 89.21  ? 77  TYR B CB  1 
ATOM   792 C CG  . TYR B 1 51 ? 8.075   7.659   -16.048 1.00 85.67  ? 77  TYR B CG  1 
ATOM   793 C CD1 . TYR B 1 51 ? 8.187   6.293   -16.273 1.00 82.66  ? 77  TYR B CD1 1 
ATOM   794 C CD2 . TYR B 1 51 ? 9.171   8.329   -15.531 1.00 82.90  ? 77  TYR B CD2 1 
ATOM   795 C CE1 . TYR B 1 51 ? 9.362   5.614   -15.995 1.00 83.80  ? 77  TYR B CE1 1 
ATOM   796 C CE2 . TYR B 1 51 ? 10.350  7.665   -15.244 1.00 83.06  ? 77  TYR B CE2 1 
ATOM   797 C CZ  . TYR B 1 51 ? 10.447  6.304   -15.477 1.00 90.74  ? 77  TYR B CZ  1 
ATOM   798 O OH  . TYR B 1 51 ? 11.606  5.648   -15.178 1.00 89.24  ? 77  TYR B OH  1 
ATOM   799 N N   . LEU B 1 52 ? 6.703   7.102   -19.354 1.00 118.63 ? 78  LEU B N   1 
ATOM   800 C CA  . LEU B 1 52 ? 7.277   6.286   -20.459 1.00 122.82 ? 78  LEU B CA  1 
ATOM   801 C C   . LEU B 1 52 ? 7.831   7.251   -21.518 1.00 122.91 ? 78  LEU B C   1 
ATOM   802 O O   . LEU B 1 52 ? 9.007   7.076   -21.890 1.00 121.36 ? 78  LEU B O   1 
ATOM   803 C CB  . LEU B 1 52 ? 6.218   5.342   -21.044 1.00 122.32 ? 78  LEU B CB  1 
ATOM   804 C CG  . LEU B 1 52 ? 5.734   4.206   -20.134 1.00 120.37 ? 78  LEU B CG  1 
ATOM   805 C CD1 . LEU B 1 52 ? 4.789   3.273   -20.883 1.00 117.56 ? 78  LEU B CD1 1 
ATOM   806 C CD2 . LEU B 1 52 ? 6.892   3.413   -19.542 1.00 112.13 ? 78  LEU B CD2 1 
ATOM   807 N N   . GLU B 1 53 ? 7.026   8.253   -21.921 1.00 120.39 ? 79  GLU B N   1 
ATOM   808 C CA  . GLU B 1 53 ? 7.369   9.339   -22.893 1.00 109.86 ? 79  GLU B CA  1 
ATOM   809 C C   . GLU B 1 53 ? 8.605   10.128  -22.419 1.00 107.64 ? 79  GLU B C   1 
ATOM   810 O O   . GLU B 1 53 ? 9.481   10.371  -23.265 1.00 107.46 ? 79  GLU B O   1 
ATOM   811 C CB  . GLU B 1 53 ? 6.189   10.299  -23.105 1.00 102.15 ? 79  GLU B CB  1 
ATOM   812 C CG  . GLU B 1 53 ? 4.968   9.676   -23.778 1.00 105.14 ? 79  GLU B CG  1 
ATOM   813 C CD  . GLU B 1 53 ? 3.747   10.587  -23.880 1.00 111.95 ? 79  GLU B CD  1 
ATOM   814 O OE1 . GLU B 1 53 ? 3.788   11.702  -23.310 1.00 118.79 ? 79  GLU B OE1 1 
ATOM   815 O OE2 . GLU B 1 53 ? 2.751   10.187  -24.524 1.00 102.30 ? 79  GLU B OE2 1 
ATOM   816 N N   . HIS B 1 54 ? 8.677   10.497  -21.129 1.00 100.68 ? 80  HIS B N   1 
ATOM   817 C CA  . HIS B 1 54 ? 9.688   11.418  -20.526 1.00 95.85  ? 80  HIS B CA  1 
ATOM   818 C C   . HIS B 1 54 ? 10.450  10.720  -19.383 1.00 103.80 ? 80  HIS B C   1 
ATOM   819 O O   . HIS B 1 54 ? 10.305  11.146  -18.223 1.00 101.99 ? 80  HIS B O   1 
ATOM   820 C CB  . HIS B 1 54 ? 8.993   12.704  -20.046 1.00 94.15  ? 80  HIS B CB  1 
ATOM   821 C CG  . HIS B 1 54 ? 8.093   13.346  -21.056 1.00 105.08 ? 80  HIS B CG  1 
ATOM   822 N ND1 . HIS B 1 54 ? 6.864   12.812  -21.414 1.00 112.84 ? 80  HIS B ND1 1 
ATOM   823 C CD2 . HIS B 1 54 ? 8.216   14.489  -21.768 1.00 106.92 ? 80  HIS B CD2 1 
ATOM   824 C CE1 . HIS B 1 54 ? 6.276   13.591  -22.303 1.00 108.19 ? 80  HIS B CE1 1 
ATOM   825 N NE2 . HIS B 1 54 ? 7.087   14.622  -22.539 1.00 116.18 ? 80  HIS B NE2 1 
ATOM   826 N N   . GLY B 1 55 ? 11.251  9.694   -19.696 1.00 110.84 ? 81  GLY B N   1 
ATOM   827 C CA  . GLY B 1 55 ? 11.985  8.869   -18.711 1.00 110.06 ? 81  GLY B CA  1 
ATOM   828 C C   . GLY B 1 55 ? 13.144  9.621   -18.077 1.00 114.01 ? 81  GLY B C   1 
ATOM   829 O O   . GLY B 1 55 ? 12.954  10.434  -17.165 1.00 114.05 ? 81  GLY B O   1 
HETATM 830 S S   . SO4 C 2 .  ? -1.431  -8.857  12.101  1.00 83.97  ? 101 SO4 A S   1 
HETATM 831 O O1  . SO4 C 2 .  ? -1.081  -7.501  11.801  1.00 90.81  ? 101 SO4 A O1  1 
HETATM 832 O O2  . SO4 C 2 .  ? -0.905  -9.223  13.396  1.00 73.11  ? 101 SO4 A O2  1 
HETATM 833 O O3  . SO4 C 2 .  ? -2.869  -8.994  12.083  1.00 100.15 ? 101 SO4 A O3  1 
HETATM 834 O O4  . SO4 C 2 .  ? -0.862  -9.717  11.096  1.00 107.01 ? 101 SO4 A O4  1 
HETATM 835 S S   . SO4 D 2 .  ? -7.446  9.442   2.041   0.49 52.98  ? 101 SO4 B S   1 
HETATM 836 O O1  . SO4 D 2 .  ? -8.095  10.494  1.297   0.49 55.61  ? 101 SO4 B O1  1 
HETATM 837 O O2  . SO4 D 2 .  ? -6.659  10.009  3.097   0.49 54.35  ? 101 SO4 B O2  1 
HETATM 838 O O3  . SO4 D 2 .  ? -8.438  8.568   2.604   0.49 53.97  ? 101 SO4 B O3  1 
HETATM 839 O O4  . SO4 D 2 .  ? -6.611  8.679   1.161   0.49 50.08  ? 101 SO4 B O4  1 
HETATM 840 S S   . SO4 E 2 .  ? -9.557  9.635   7.861   0.59 55.72  ? 102 SO4 B S   1 
HETATM 841 O O1  . SO4 E 2 .  ? -10.211 10.948  7.864   0.59 72.07  ? 102 SO4 B O1  1 
HETATM 842 O O2  . SO4 E 2 .  ? -8.239  9.750   8.480   0.59 61.05  ? 102 SO4 B O2  1 
HETATM 843 O O3  . SO4 E 2 .  ? -10.358 8.731   8.598   0.59 32.43  ? 102 SO4 B O3  1 
HETATM 844 O O4  . SO4 E 2 .  ? -9.417  9.164   6.502   0.59 75.08  ? 102 SO4 B O4  1 
HETATM 845 O O   . HOH F 3 .  ? -5.677  2.266   2.169   1.00 50.21  ? 201 HOH A O   1 
HETATM 846 O O   . HOH F 3 .  ? 2.385   6.732   5.400   1.00 71.50  ? 202 HOH A O   1 
HETATM 847 O O   . HOH F 3 .  ? 4.269   3.040   0.936   1.00 70.52  ? 203 HOH A O   1 
HETATM 848 O O   . HOH F 3 .  ? 6.909   8.231   14.570  1.00 70.87  ? 204 HOH A O   1 
HETATM 849 O O   . HOH F 3 .  ? -0.064  -9.230  6.939   1.00 59.56  ? 205 HOH A O   1 
HETATM 850 O O   . HOH F 3 .  ? 5.287   5.374   21.265  1.00 60.05  ? 206 HOH A O   1 
HETATM 851 O O   . HOH F 3 .  ? -2.779  -0.219  22.270  0.50 63.29  ? 207 HOH A O   1 
HETATM 852 O O   . HOH F 3 .  ? -2.261  5.672   4.682   1.00 70.90  ? 208 HOH A O   1 
HETATM 853 O O   . HOH F 3 .  ? 2.726   -5.197  -0.045  1.00 69.64  ? 209 HOH A O   1 
HETATM 854 O O   . HOH F 3 .  ? 7.018   -3.833  1.323   1.00 78.53  ? 210 HOH A O   1 
HETATM 855 O O   . HOH G 3 .  ? -2.488  11.013  -9.357  0.50 61.83  ? 201 HOH B O   1 
HETATM 856 O O   . HOH G 3 .  ? -7.373  12.053  7.682   1.00 45.62  ? 202 HOH B O   1 
# 
loop_
_pdbx_poly_seq_scheme.asym_id 
_pdbx_poly_seq_scheme.entity_id 
_pdbx_poly_seq_scheme.seq_id 
_pdbx_poly_seq_scheme.mon_id 
_pdbx_poly_seq_scheme.ndb_seq_num 
_pdbx_poly_seq_scheme.pdb_seq_num 
_pdbx_poly_seq_scheme.auth_seq_num 
_pdbx_poly_seq_scheme.pdb_mon_id 
_pdbx_poly_seq_scheme.auth_mon_id 
_pdbx_poly_seq_scheme.pdb_strand_id 
_pdbx_poly_seq_scheme.pdb_ins_code 
_pdbx_poly_seq_scheme.hetero 
A 1 1  GLY 1  27 ?  ?   ?   A . n 
A 1 2  THR 2  28 ?  ?   ?   A . n 
A 1 3  PRO 3  29 ?  ?   ?   A . n 
A 1 4  GLY 4  30 ?  ?   ?   A . n 
A 1 5  ASP 5  31 ?  ?   ?   A . n 
A 1 6  ASP 6  32 32 ASP ASP A . n 
A 1 7  ASN 7  33 33 ASN ASN A . n 
A 1 8  TRP 8  34 34 TRP TRP A . n 
A 1 9  LEU 9  35 35 LEU LEU A . n 
A 1 10 PRO 10 36 36 PRO PRO A . n 
A 1 11 PRO 11 37 37 PRO PRO A . n 
A 1 12 ASP 12 38 38 ASP ASP A . n 
A 1 13 TRP 13 39 39 TRP TRP A . n 
A 1 14 ARG 14 40 40 ARG ARG A . n 
A 1 15 THR 15 41 41 THR THR A . n 
A 1 16 GLU 16 42 42 GLU GLU A . n 
A 1 17 ILE 17 43 43 ILE ILE A . n 
A 1 18 ARG 18 44 44 ARG ARG A . n 
A 1 19 VAL 19 45 45 VAL VAL A . n 
A 1 20 ARG 20 46 46 ARG ARG A . n 
A 1 21 THR 21 47 47 THR THR A . n 
A 1 22 SER 22 48 48 SER SER A . n 
A 1 23 GLY 23 49 49 GLY GLY A . n 
A 1 24 THR 24 50 50 THR THR A . n 
A 1 25 LYS 25 51 51 LYS LYS A . n 
A 1 26 ALA 26 52 52 ALA ALA A . n 
A 1 27 GLY 27 53 53 GLY GLY A . n 
A 1 28 THR 28 54 54 THR THR A . n 
A 1 29 VAL 29 55 55 VAL VAL A . n 
A 1 30 ASP 30 56 56 ASP ASP A . n 
A 1 31 LYS 31 57 57 LYS LYS A . n 
A 1 32 PHE 32 58 58 PHE PHE A . n 
A 1 33 TYR 33 59 59 TYR TYR A . n 
A 1 34 TYR 34 60 60 TYR TYR A . n 
A 1 35 GLU 35 61 61 GLU GLU A . n 
A 1 36 PRO 36 62 62 PRO PRO A . n 
A 1 37 ILE 37 63 63 ILE ILE A . n 
A 1 38 THR 38 64 64 THR THR A . n 
A 1 39 GLY 39 65 65 GLY GLY A . n 
A 1 40 ARG 40 66 66 ARG ARG A . n 
A 1 41 LYS 41 67 67 LYS LYS A . n 
A 1 42 PHE 42 68 68 PHE PHE A . n 
A 1 43 ARG 43 69 69 ARG ARG A . n 
A 1 44 SER 44 70 70 SER SER A . n 
A 1 45 LYS 45 71 71 LYS LYS A . n 
A 1 46 ASN 46 72 72 ASN ASN A . n 
A 1 47 GLU 47 73 73 GLU GLU A . n 
A 1 48 VAL 48 74 74 VAL VAL A . n 
A 1 49 LEU 49 75 75 LEU LEU A . n 
A 1 50 TYR 50 76 76 TYR TYR A . n 
A 1 51 TYR 51 77 77 TYR TYR A . n 
A 1 52 LEU 52 78 78 LEU LEU A . n 
A 1 53 GLU 53 79 79 GLU GLU A . n 
A 1 54 HIS 54 80 80 HIS HIS A . n 
A 1 55 GLY 55 81 81 GLY GLY A . n 
A 1 56 THR 56 82 ?  ?   ?   A . n 
A 1 57 PRO 57 83 ?  ?   ?   A . n 
A 1 58 LYS 58 84 ?  ?   ?   A . n 
A 1 59 LYS 59 85 ?  ?   ?   A . n 
A 1 60 LYS 60 86 ?  ?   ?   A . n 
A 1 61 SER 61 87 ?  ?   ?   A . n 
A 1 62 VAL 62 88 ?  ?   ?   A . n 
A 1 63 LYS 63 89 ?  ?   ?   A . n 
A 1 64 THR 64 90 ?  ?   ?   A . n 
A 1 65 ALA 65 91 ?  ?   ?   A . n 
A 1 66 GLU 66 92 ?  ?   ?   A . n 
A 1 67 ASN 67 93 ?  ?   ?   A . n 
A 1 68 GLY 68 94 ?  ?   ?   A . n 
A 1 69 ASP 69 95 ?  ?   ?   A . n 
A 1 70 SER 70 96 ?  ?   ?   A . n 
A 1 71 HIS 71 97 ?  ?   ?   A . n 
A 1 72 SER 72 98 ?  ?   ?   A . n 
B 1 1  GLY 1  27 ?  ?   ?   B . n 
B 1 2  THR 2  28 ?  ?   ?   B . n 
B 1 3  PRO 3  29 ?  ?   ?   B . n 
B 1 4  GLY 4  30 ?  ?   ?   B . n 
B 1 5  ASP 5  31 ?  ?   ?   B . n 
B 1 6  ASP 6  32 ?  ?   ?   B . n 
B 1 7  ASN 7  33 33 ASN ASN B . n 
B 1 8  TRP 8  34 34 TRP TRP B . n 
B 1 9  LEU 9  35 35 LEU LEU B . n 
B 1 10 PRO 10 36 36 PRO PRO B . n 
B 1 11 PRO 11 37 37 PRO PRO B . n 
B 1 12 ASP 12 38 38 ASP ASP B . n 
B 1 13 TRP 13 39 39 TRP TRP B . n 
B 1 14 ARG 14 40 40 ARG ARG B . n 
B 1 15 THR 15 41 41 THR THR B . n 
B 1 16 GLU 16 42 42 GLU GLU B . n 
B 1 17 ILE 17 43 43 ILE ILE B . n 
B 1 18 ARG 18 44 44 ARG ARG B . n 
B 1 19 VAL 19 45 45 VAL VAL B . n 
B 1 20 ARG 20 46 46 ARG ARG B . n 
B 1 21 THR 21 47 47 THR THR B . n 
B 1 22 SER 22 48 48 SER SER B . n 
B 1 23 GLY 23 49 49 GLY GLY B . n 
B 1 24 THR 24 50 50 THR THR B . n 
B 1 25 LYS 25 51 51 LYS LYS B . n 
B 1 26 ALA 26 52 52 ALA ALA B . n 
B 1 27 GLY 27 53 53 GLY GLY B . n 
B 1 28 THR 28 54 54 THR THR B . n 
B 1 29 VAL 29 55 55 VAL VAL B . n 
B 1 30 ASP 30 56 56 ASP ASP B . n 
B 1 31 LYS 31 57 57 LYS LYS B . n 
B 1 32 PHE 32 58 58 PHE PHE B . n 
B 1 33 TYR 33 59 59 TYR TYR B . n 
B 1 34 TYR 34 60 60 TYR TYR B . n 
B 1 35 GLU 35 61 61 GLU GLU B . n 
B 1 36 PRO 36 62 62 PRO PRO B . n 
B 1 37 ILE 37 63 63 ILE ILE B . n 
B 1 38 THR 38 64 64 THR THR B . n 
B 1 39 GLY 39 65 65 GLY GLY B . n 
B 1 40 ARG 40 66 66 ARG ARG B . n 
B 1 41 LYS 41 67 67 LYS LYS B . n 
B 1 42 PHE 42 68 68 PHE PHE B . n 
B 1 43 ARG 43 69 69 ARG ARG B . n 
B 1 44 SER 44 70 70 SER SER B . n 
B 1 45 LYS 45 71 71 LYS LYS B . n 
B 1 46 ASN 46 72 72 ASN ASN B . n 
B 1 47 GLU 47 73 73 GLU GLU B . n 
B 1 48 VAL 48 74 74 VAL VAL B . n 
B 1 49 LEU 49 75 75 LEU LEU B . n 
B 1 50 TYR 50 76 76 TYR TYR B . n 
B 1 51 TYR 51 77 77 TYR TYR B . n 
B 1 52 LEU 52 78 78 LEU LEU B . n 
B 1 53 GLU 53 79 79 GLU GLU B . n 
B 1 54 HIS 54 80 80 HIS HIS B . n 
B 1 55 GLY 55 81 81 GLY GLY B . n 
B 1 56 THR 56 82 ?  ?   ?   B . n 
B 1 57 PRO 57 83 ?  ?   ?   B . n 
B 1 58 LYS 58 84 ?  ?   ?   B . n 
B 1 59 LYS 59 85 ?  ?   ?   B . n 
B 1 60 LYS 60 86 ?  ?   ?   B . n 
B 1 61 SER 61 87 ?  ?   ?   B . n 
B 1 62 VAL 62 88 ?  ?   ?   B . n 
B 1 63 LYS 63 89 ?  ?   ?   B . n 
B 1 64 THR 64 90 ?  ?   ?   B . n 
B 1 65 ALA 65 91 ?  ?   ?   B . n 
B 1 66 GLU 66 92 ?  ?   ?   B . n 
B 1 67 ASN 67 93 ?  ?   ?   B . n 
B 1 68 GLY 68 94 ?  ?   ?   B . n 
B 1 69 ASP 69 95 ?  ?   ?   B . n 
B 1 70 SER 70 96 ?  ?   ?   B . n 
B 1 71 HIS 71 97 ?  ?   ?   B . n 
B 1 72 SER 72 98 ?  ?   ?   B . n 
# 
_pdbx_SG_project.id                    1 
_pdbx_SG_project.project_name          ? 
_pdbx_SG_project.full_name_of_center   'Structural Genomics Consortium' 
_pdbx_SG_project.initial_of_center     SGC 
# 
loop_
_pdbx_nonpoly_scheme.asym_id 
_pdbx_nonpoly_scheme.entity_id 
_pdbx_nonpoly_scheme.mon_id 
_pdbx_nonpoly_scheme.ndb_seq_num 
_pdbx_nonpoly_scheme.pdb_seq_num 
_pdbx_nonpoly_scheme.auth_seq_num 
_pdbx_nonpoly_scheme.pdb_mon_id 
_pdbx_nonpoly_scheme.auth_mon_id 
_pdbx_nonpoly_scheme.pdb_strand_id 
_pdbx_nonpoly_scheme.pdb_ins_code 
C 2 SO4 1  101 3  SO4 SO4 A . 
D 2 SO4 1  101 1  SO4 SO4 B . 
E 2 SO4 1  102 2  SO4 SO4 B . 
F 3 HOH 1  201 3  HOH HOH A . 
F 3 HOH 2  202 6  HOH HOH A . 
F 3 HOH 3  203 12 HOH HOH A . 
F 3 HOH 4  204 5  HOH HOH A . 
F 3 HOH 5  205 9  HOH HOH A . 
F 3 HOH 6  206 7  HOH HOH A . 
F 3 HOH 7  207 10 HOH HOH A . 
F 3 HOH 8  208 4  HOH HOH A . 
F 3 HOH 9  209 1  HOH HOH A . 
F 3 HOH 10 210 13 HOH HOH A . 
G 3 HOH 1  201 8  HOH HOH B . 
G 3 HOH 2  202 2  HOH HOH B . 
# 
_pdbx_struct_assembly.id                   1 
_pdbx_struct_assembly.details              author_and_software_defined_assembly 
_pdbx_struct_assembly.method_details       PISA 
_pdbx_struct_assembly.oligomeric_details   dimeric 
_pdbx_struct_assembly.oligomeric_count     2 
# 
_pdbx_struct_assembly_gen.assembly_id       1 
_pdbx_struct_assembly_gen.oper_expression   1 
_pdbx_struct_assembly_gen.asym_id_list      A,B,C,D,E,F,G 
# 
loop_
_pdbx_struct_assembly_prop.biol_id 
_pdbx_struct_assembly_prop.type 
_pdbx_struct_assembly_prop.value 
_pdbx_struct_assembly_prop.details 
1 'ABSA (A^2)' 1070 ? 
1 MORE         -13  ? 
1 'SSA (A^2)'  6960 ? 
# 
_pdbx_struct_oper_list.id                   1 
_pdbx_struct_oper_list.type                 'identity operation' 
_pdbx_struct_oper_list.name                 1_555 
_pdbx_struct_oper_list.symmetry_operation   x,y,z 
_pdbx_struct_oper_list.matrix[1][1]         1.0000000000 
_pdbx_struct_oper_list.matrix[1][2]         0.0000000000 
_pdbx_struct_oper_list.matrix[1][3]         0.0000000000 
_pdbx_struct_oper_list.vector[1]            0.0000000000 
_pdbx_struct_oper_list.matrix[2][1]         0.0000000000 
_pdbx_struct_oper_list.matrix[2][2]         1.0000000000 
_pdbx_struct_oper_list.matrix[2][3]         0.0000000000 
_pdbx_struct_oper_list.vector[2]            0.0000000000 
_pdbx_struct_oper_list.matrix[3][1]         0.0000000000 
_pdbx_struct_oper_list.matrix[3][2]         0.0000000000 
_pdbx_struct_oper_list.matrix[3][3]         1.0000000000 
_pdbx_struct_oper_list.vector[3]            0.0000000000 
# 
loop_
_pdbx_struct_special_symmetry.id 
_pdbx_struct_special_symmetry.PDB_model_num 
_pdbx_struct_special_symmetry.auth_asym_id 
_pdbx_struct_special_symmetry.auth_comp_id 
_pdbx_struct_special_symmetry.auth_seq_id 
_pdbx_struct_special_symmetry.PDB_ins_code 
_pdbx_struct_special_symmetry.label_asym_id 
_pdbx_struct_special_symmetry.label_comp_id 
_pdbx_struct_special_symmetry.label_seq_id 
1 1 A HOH 207 ? F HOH . 
2 1 B HOH 201 ? G HOH . 
# 
loop_
_pdbx_audit_revision_history.ordinal 
_pdbx_audit_revision_history.data_content_type 
_pdbx_audit_revision_history.major_revision 
_pdbx_audit_revision_history.minor_revision 
_pdbx_audit_revision_history.revision_date 
1 'Structure model' 1 0 2021-12-29 
2 'Structure model' 1 1 2022-07-13 
3 'Structure model' 1 2 2023-11-29 
# 
_pdbx_audit_revision_details.ordinal             1 
_pdbx_audit_revision_details.revision_ordinal    1 
_pdbx_audit_revision_details.data_content_type   'Structure model' 
_pdbx_audit_revision_details.provider            repository 
_pdbx_audit_revision_details.type                'Initial release' 
_pdbx_audit_revision_details.description         ? 
_pdbx_audit_revision_details.details             ? 
# 
loop_
_pdbx_audit_revision_group.ordinal 
_pdbx_audit_revision_group.revision_ordinal 
_pdbx_audit_revision_group.data_content_type 
_pdbx_audit_revision_group.group 
1 2 'Structure model' 'Database references'    
2 3 'Structure model' 'Data collection'        
3 3 'Structure model' 'Refinement description' 
# 
loop_
_pdbx_audit_revision_category.ordinal 
_pdbx_audit_revision_category.revision_ordinal 
_pdbx_audit_revision_category.data_content_type 
_pdbx_audit_revision_category.category 
1 2 'Structure model' citation                      
2 2 'Structure model' citation_author               
3 3 'Structure model' chem_comp_atom                
4 3 'Structure model' chem_comp_bond                
5 3 'Structure model' pdbx_initial_refinement_model 
# 
loop_
_pdbx_audit_revision_item.ordinal 
_pdbx_audit_revision_item.revision_ordinal 
_pdbx_audit_revision_item.data_content_type 
_pdbx_audit_revision_item.item 
1  2 'Structure model' '_citation.country'                 
2  2 'Structure model' '_citation.journal_abbrev'          
3  2 'Structure model' '_citation.journal_id_ASTM'         
4  2 'Structure model' '_citation.journal_id_CSD'          
5  2 'Structure model' '_citation.journal_id_ISSN'         
6  2 'Structure model' '_citation.journal_volume'          
7  2 'Structure model' '_citation.page_first'              
8  2 'Structure model' '_citation.page_last'               
9  2 'Structure model' '_citation.pdbx_database_id_DOI'    
10 2 'Structure model' '_citation.pdbx_database_id_PubMed' 
11 2 'Structure model' '_citation.title'                   
12 2 'Structure model' '_citation.year'                    
# 
loop_
_software.citation_id 
_software.classification 
_software.compiler_name 
_software.compiler_version 
_software.contact_author 
_software.contact_author_email 
_software.date 
_software.description 
_software.dependencies 
_software.hardware 
_software.language 
_software.location 
_software.mods 
_software.name 
_software.os 
_software.os_version 
_software.type 
_software.version 
_software.pdbx_ordinal 
? refinement        ? ? ? ? ? ? ? ? ? ? ? REFMAC      ? ? ? 5.8.0267 1 
? 'data extraction' ? ? ? ? ? ? ? ? ? ? ? PDB_EXTRACT ? ? ? 3.27     2 
? 'data reduction'  ? ? ? ? ? ? ? ? ? ? ? XDS         ? ? ? .        3 
? 'data scaling'    ? ? ? ? ? ? ? ? ? ? ? XDS         ? ? ? .        4 
? phasing           ? ? ? ? ? ? ? ? ? ? ? PHASER      ? ? ? .        5 
# 
_pdbx_entry_details.entry_id                 7FEO 
_pdbx_entry_details.has_ligand_of_interest   N 
_pdbx_entry_details.compound_details         ? 
_pdbx_entry_details.source_details           ? 
_pdbx_entry_details.nonpolymer_details       ? 
_pdbx_entry_details.sequence_details         ? 
# 
_pdbx_validate_symm_contact.id                1 
_pdbx_validate_symm_contact.PDB_model_num     1 
_pdbx_validate_symm_contact.auth_atom_id_1    NH2 
_pdbx_validate_symm_contact.auth_asym_id_1    A 
_pdbx_validate_symm_contact.auth_comp_id_1    ARG 
_pdbx_validate_symm_contact.auth_seq_id_1     40 
_pdbx_validate_symm_contact.PDB_ins_code_1    ? 
_pdbx_validate_symm_contact.label_alt_id_1    ? 
_pdbx_validate_symm_contact.site_symmetry_1   1_555 
_pdbx_validate_symm_contact.auth_atom_id_2    O4 
_pdbx_validate_symm_contact.auth_asym_id_2    B 
_pdbx_validate_symm_contact.auth_comp_id_2    SO4 
_pdbx_validate_symm_contact.auth_seq_id_2     102 
_pdbx_validate_symm_contact.PDB_ins_code_2    ? 
_pdbx_validate_symm_contact.label_alt_id_2    ? 
_pdbx_validate_symm_contact.site_symmetry_2   15_645 
_pdbx_validate_symm_contact.dist              2.08 
# 
loop_
_pdbx_validate_torsion.id 
_pdbx_validate_torsion.PDB_model_num 
_pdbx_validate_torsion.auth_comp_id 
_pdbx_validate_torsion.auth_asym_id 
_pdbx_validate_torsion.auth_seq_id 
_pdbx_validate_torsion.PDB_ins_code 
_pdbx_validate_torsion.label_alt_id 
_pdbx_validate_torsion.phi 
_pdbx_validate_torsion.psi 
1 1 ILE A 63 ? ? 72.13   -47.92 
2 1 TRP B 34 ? ? -162.15 8.84   
3 1 ILE B 63 ? ? 75.89   -63.73 
# 
loop_
_pdbx_unobs_or_zero_occ_atoms.id 
_pdbx_unobs_or_zero_occ_atoms.PDB_model_num 
_pdbx_unobs_or_zero_occ_atoms.polymer_flag 
_pdbx_unobs_or_zero_occ_atoms.occupancy_flag 
_pdbx_unobs_or_zero_occ_atoms.auth_asym_id 
_pdbx_unobs_or_zero_occ_atoms.auth_comp_id 
_pdbx_unobs_or_zero_occ_atoms.auth_seq_id 
_pdbx_unobs_or_zero_occ_atoms.PDB_ins_code 
_pdbx_unobs_or_zero_occ_atoms.auth_atom_id 
_pdbx_unobs_or_zero_occ_atoms.label_alt_id 
_pdbx_unobs_or_zero_occ_atoms.label_asym_id 
_pdbx_unobs_or_zero_occ_atoms.label_comp_id 
_pdbx_unobs_or_zero_occ_atoms.label_seq_id 
_pdbx_unobs_or_zero_occ_atoms.label_atom_id 
1  1 Y 1 A ARG 44 ? CG  ? A ARG 18 CG  
2  1 Y 1 A ARG 44 ? CD  ? A ARG 18 CD  
3  1 Y 1 A ARG 44 ? NE  ? A ARG 18 NE  
4  1 Y 1 A ARG 44 ? CZ  ? A ARG 18 CZ  
5  1 Y 1 A ARG 44 ? NH1 ? A ARG 18 NH1 
6  1 Y 1 A ARG 44 ? NH2 ? A ARG 18 NH2 
7  1 Y 1 A LYS 51 ? CG  ? A LYS 25 CG  
8  1 Y 1 A LYS 51 ? CD  ? A LYS 25 CD  
9  1 Y 1 A LYS 51 ? CE  ? A LYS 25 CE  
10 1 Y 1 A LYS 51 ? NZ  ? A LYS 25 NZ  
11 1 Y 1 B ASN 33 ? CB  ? B ASN 7  CB  
12 1 Y 1 B ASN 33 ? CG  ? B ASN 7  CG  
13 1 Y 1 B ASN 33 ? OD1 ? B ASN 7  OD1 
14 1 Y 1 B ASN 33 ? ND2 ? B ASN 7  ND2 
15 1 Y 1 B ASP 38 ? CG  ? B ASP 12 CG  
16 1 Y 1 B ASP 38 ? OD1 ? B ASP 12 OD1 
17 1 Y 1 B ASP 38 ? OD2 ? B ASP 12 OD2 
18 1 Y 1 B ILE 63 ? CG1 ? B ILE 37 CG1 
19 1 Y 1 B ILE 63 ? CG2 ? B ILE 37 CG2 
20 1 Y 1 B ILE 63 ? CD1 ? B ILE 37 CD1 
21 1 Y 1 B LYS 71 ? CG  ? B LYS 45 CG  
22 1 Y 1 B LYS 71 ? CD  ? B LYS 45 CD  
23 1 Y 1 B LYS 71 ? CE  ? B LYS 45 CE  
24 1 Y 1 B LYS 71 ? NZ  ? B LYS 45 NZ  
# 
loop_
_pdbx_unobs_or_zero_occ_residues.id 
_pdbx_unobs_or_zero_occ_residues.PDB_model_num 
_pdbx_unobs_or_zero_occ_residues.polymer_flag 
_pdbx_unobs_or_zero_occ_residues.occupancy_flag 
_pdbx_unobs_or_zero_occ_residues.auth_asym_id 
_pdbx_unobs_or_zero_occ_residues.auth_comp_id 
_pdbx_unobs_or_zero_occ_residues.auth_seq_id 
_pdbx_unobs_or_zero_occ_residues.PDB_ins_code 
_pdbx_unobs_or_zero_occ_residues.label_asym_id 
_pdbx_unobs_or_zero_occ_residues.label_comp_id 
_pdbx_unobs_or_zero_occ_residues.label_seq_id 
1  1 Y 1 A GLY 27 ? A GLY 1  
2  1 Y 1 A THR 28 ? A THR 2  
3  1 Y 1 A PRO 29 ? A PRO 3  
4  1 Y 1 A GLY 30 ? A GLY 4  
5  1 Y 1 A ASP 31 ? A ASP 5  
6  1 Y 1 A THR 82 ? A THR 56 
7  1 Y 1 A PRO 83 ? A PRO 57 
8  1 Y 1 A LYS 84 ? A LYS 58 
9  1 Y 1 A LYS 85 ? A LYS 59 
10 1 Y 1 A LYS 86 ? A LYS 60 
11 1 Y 1 A SER 87 ? A SER 61 
12 1 Y 1 A VAL 88 ? A VAL 62 
13 1 Y 1 A LYS 89 ? A LYS 63 
14 1 Y 1 A THR 90 ? A THR 64 
15 1 Y 1 A ALA 91 ? A ALA 65 
16 1 Y 1 A GLU 92 ? A GLU 66 
17 1 Y 1 A ASN 93 ? A ASN 67 
18 1 Y 1 A GLY 94 ? A GLY 68 
19 1 Y 1 A ASP 95 ? A ASP 69 
20 1 Y 1 A SER 96 ? A SER 70 
21 1 Y 1 A HIS 97 ? A HIS 71 
22 1 Y 1 A SER 98 ? A SER 72 
23 1 Y 1 B GLY 27 ? B GLY 1  
24 1 Y 1 B THR 28 ? B THR 2  
25 1 Y 1 B PRO 29 ? B PRO 3  
26 1 Y 1 B GLY 30 ? B GLY 4  
27 1 Y 1 B ASP 31 ? B ASP 5  
28 1 Y 1 B ASP 32 ? B ASP 6  
29 1 Y 1 B THR 82 ? B THR 56 
30 1 Y 1 B PRO 83 ? B PRO 57 
31 1 Y 1 B LYS 84 ? B LYS 58 
32 1 Y 1 B LYS 85 ? B LYS 59 
33 1 Y 1 B LYS 86 ? B LYS 60 
34 1 Y 1 B SER 87 ? B SER 61 
35 1 Y 1 B VAL 88 ? B VAL 62 
36 1 Y 1 B LYS 89 ? B LYS 63 
37 1 Y 1 B THR 90 ? B THR 64 
38 1 Y 1 B ALA 91 ? B ALA 65 
39 1 Y 1 B GLU 92 ? B GLU 66 
40 1 Y 1 B ASN 93 ? B ASN 67 
41 1 Y 1 B GLY 94 ? B GLY 68 
42 1 Y 1 B ASP 95 ? B ASP 69 
43 1 Y 1 B SER 96 ? B SER 70 
44 1 Y 1 B HIS 97 ? B HIS 71 
45 1 Y 1 B SER 98 ? B SER 72 
# 
loop_
_chem_comp_atom.comp_id 
_chem_comp_atom.atom_id 
_chem_comp_atom.type_symbol 
_chem_comp_atom.pdbx_aromatic_flag 
_chem_comp_atom.pdbx_stereo_config 
_chem_comp_atom.pdbx_ordinal 
ALA N    N N N 1   
ALA CA   C N S 2   
ALA C    C N N 3   
ALA O    O N N 4   
ALA CB   C N N 5   
ALA OXT  O N N 6   
ALA H    H N N 7   
ALA H2   H N N 8   
ALA HA   H N N 9   
ALA HB1  H N N 10  
ALA HB2  H N N 11  
ALA HB3  H N N 12  
ALA HXT  H N N 13  
ARG N    N N N 14  
ARG CA   C N S 15  
ARG C    C N N 16  
ARG O    O N N 17  
ARG CB   C N N 18  
ARG CG   C N N 19  
ARG CD   C N N 20  
ARG NE   N N N 21  
ARG CZ   C N N 22  
ARG NH1  N N N 23  
ARG NH2  N N N 24  
ARG OXT  O N N 25  
ARG H    H N N 26  
ARG H2   H N N 27  
ARG HA   H N N 28  
ARG HB2  H N N 29  
ARG HB3  H N N 30  
ARG HG2  H N N 31  
ARG HG3  H N N 32  
ARG HD2  H N N 33  
ARG HD3  H N N 34  
ARG HE   H N N 35  
ARG HH11 H N N 36  
ARG HH12 H N N 37  
ARG HH21 H N N 38  
ARG HH22 H N N 39  
ARG HXT  H N N 40  
ASN N    N N N 41  
ASN CA   C N S 42  
ASN C    C N N 43  
ASN O    O N N 44  
ASN CB   C N N 45  
ASN CG   C N N 46  
ASN OD1  O N N 47  
ASN ND2  N N N 48  
ASN OXT  O N N 49  
ASN H    H N N 50  
ASN H2   H N N 51  
ASN HA   H N N 52  
ASN HB2  H N N 53  
ASN HB3  H N N 54  
ASN HD21 H N N 55  
ASN HD22 H N N 56  
ASN HXT  H N N 57  
ASP N    N N N 58  
ASP CA   C N S 59  
ASP C    C N N 60  
ASP O    O N N 61  
ASP CB   C N N 62  
ASP CG   C N N 63  
ASP OD1  O N N 64  
ASP OD2  O N N 65  
ASP OXT  O N N 66  
ASP H    H N N 67  
ASP H2   H N N 68  
ASP HA   H N N 69  
ASP HB2  H N N 70  
ASP HB3  H N N 71  
ASP HD2  H N N 72  
ASP HXT  H N N 73  
GLU N    N N N 74  
GLU CA   C N S 75  
GLU C    C N N 76  
GLU O    O N N 77  
GLU CB   C N N 78  
GLU CG   C N N 79  
GLU CD   C N N 80  
GLU OE1  O N N 81  
GLU OE2  O N N 82  
GLU OXT  O N N 83  
GLU H    H N N 84  
GLU H2   H N N 85  
GLU HA   H N N 86  
GLU HB2  H N N 87  
GLU HB3  H N N 88  
GLU HG2  H N N 89  
GLU HG3  H N N 90  
GLU HE2  H N N 91  
GLU HXT  H N N 92  
GLY N    N N N 93  
GLY CA   C N N 94  
GLY C    C N N 95  
GLY O    O N N 96  
GLY OXT  O N N 97  
GLY H    H N N 98  
GLY H2   H N N 99  
GLY HA2  H N N 100 
GLY HA3  H N N 101 
GLY HXT  H N N 102 
HIS N    N N N 103 
HIS CA   C N S 104 
HIS C    C N N 105 
HIS O    O N N 106 
HIS CB   C N N 107 
HIS CG   C Y N 108 
HIS ND1  N Y N 109 
HIS CD2  C Y N 110 
HIS CE1  C Y N 111 
HIS NE2  N Y N 112 
HIS OXT  O N N 113 
HIS H    H N N 114 
HIS H2   H N N 115 
HIS HA   H N N 116 
HIS HB2  H N N 117 
HIS HB3  H N N 118 
HIS HD1  H N N 119 
HIS HD2  H N N 120 
HIS HE1  H N N 121 
HIS HE2  H N N 122 
HIS HXT  H N N 123 
HOH O    O N N 124 
HOH H1   H N N 125 
HOH H2   H N N 126 
ILE N    N N N 127 
ILE CA   C N S 128 
ILE C    C N N 129 
ILE O    O N N 130 
ILE CB   C N S 131 
ILE CG1  C N N 132 
ILE CG2  C N N 133 
ILE CD1  C N N 134 
ILE OXT  O N N 135 
ILE H    H N N 136 
ILE H2   H N N 137 
ILE HA   H N N 138 
ILE HB   H N N 139 
ILE HG12 H N N 140 
ILE HG13 H N N 141 
ILE HG21 H N N 142 
ILE HG22 H N N 143 
ILE HG23 H N N 144 
ILE HD11 H N N 145 
ILE HD12 H N N 146 
ILE HD13 H N N 147 
ILE HXT  H N N 148 
LEU N    N N N 149 
LEU CA   C N S 150 
LEU C    C N N 151 
LEU O    O N N 152 
LEU CB   C N N 153 
LEU CG   C N N 154 
LEU CD1  C N N 155 
LEU CD2  C N N 156 
LEU OXT  O N N 157 
LEU H    H N N 158 
LEU H2   H N N 159 
LEU HA   H N N 160 
LEU HB2  H N N 161 
LEU HB3  H N N 162 
LEU HG   H N N 163 
LEU HD11 H N N 164 
LEU HD12 H N N 165 
LEU HD13 H N N 166 
LEU HD21 H N N 167 
LEU HD22 H N N 168 
LEU HD23 H N N 169 
LEU HXT  H N N 170 
LYS N    N N N 171 
LYS CA   C N S 172 
LYS C    C N N 173 
LYS O    O N N 174 
LYS CB   C N N 175 
LYS CG   C N N 176 
LYS CD   C N N 177 
LYS CE   C N N 178 
LYS NZ   N N N 179 
LYS OXT  O N N 180 
LYS H    H N N 181 
LYS H2   H N N 182 
LYS HA   H N N 183 
LYS HB2  H N N 184 
LYS HB3  H N N 185 
LYS HG2  H N N 186 
LYS HG3  H N N 187 
LYS HD2  H N N 188 
LYS HD3  H N N 189 
LYS HE2  H N N 190 
LYS HE3  H N N 191 
LYS HZ1  H N N 192 
LYS HZ2  H N N 193 
LYS HZ3  H N N 194 
LYS HXT  H N N 195 
PHE N    N N N 196 
PHE CA   C N S 197 
PHE C    C N N 198 
PHE O    O N N 199 
PHE CB   C N N 200 
PHE CG   C Y N 201 
PHE CD1  C Y N 202 
PHE CD2  C Y N 203 
PHE CE1  C Y N 204 
PHE CE2  C Y N 205 
PHE CZ   C Y N 206 
PHE OXT  O N N 207 
PHE H    H N N 208 
PHE H2   H N N 209 
PHE HA   H N N 210 
PHE HB2  H N N 211 
PHE HB3  H N N 212 
PHE HD1  H N N 213 
PHE HD2  H N N 214 
PHE HE1  H N N 215 
PHE HE2  H N N 216 
PHE HZ   H N N 217 
PHE HXT  H N N 218 
PRO N    N N N 219 
PRO CA   C N S 220 
PRO C    C N N 221 
PRO O    O N N 222 
PRO CB   C N N 223 
PRO CG   C N N 224 
PRO CD   C N N 225 
PRO OXT  O N N 226 
PRO H    H N N 227 
PRO HA   H N N 228 
PRO HB2  H N N 229 
PRO HB3  H N N 230 
PRO HG2  H N N 231 
PRO HG3  H N N 232 
PRO HD2  H N N 233 
PRO HD3  H N N 234 
PRO HXT  H N N 235 
SER N    N N N 236 
SER CA   C N S 237 
SER C    C N N 238 
SER O    O N N 239 
SER CB   C N N 240 
SER OG   O N N 241 
SER OXT  O N N 242 
SER H    H N N 243 
SER H2   H N N 244 
SER HA   H N N 245 
SER HB2  H N N 246 
SER HB3  H N N 247 
SER HG   H N N 248 
SER HXT  H N N 249 
SO4 S    S N N 250 
SO4 O1   O N N 251 
SO4 O2   O N N 252 
SO4 O3   O N N 253 
SO4 O4   O N N 254 
THR N    N N N 255 
THR CA   C N S 256 
THR C    C N N 257 
THR O    O N N 258 
THR CB   C N R 259 
THR OG1  O N N 260 
THR CG2  C N N 261 
THR OXT  O N N 262 
THR H    H N N 263 
THR H2   H N N 264 
THR HA   H N N 265 
THR HB   H N N 266 
THR HG1  H N N 267 
THR HG21 H N N 268 
THR HG22 H N N 269 
THR HG23 H N N 270 
THR HXT  H N N 271 
TRP N    N N N 272 
TRP CA   C N S 273 
TRP C    C N N 274 
TRP O    O N N 275 
TRP CB   C N N 276 
TRP CG   C Y N 277 
TRP CD1  C Y N 278 
TRP CD2  C Y N 279 
TRP NE1  N Y N 280 
TRP CE2  C Y N 281 
TRP CE3  C Y N 282 
TRP CZ2  C Y N 283 
TRP CZ3  C Y N 284 
TRP CH2  C Y N 285 
TRP OXT  O N N 286 
TRP H    H N N 287 
TRP H2   H N N 288 
TRP HA   H N N 289 
TRP HB2  H N N 290 
TRP HB3  H N N 291 
TRP HD1  H N N 292 
TRP HE1  H N N 293 
TRP HE3  H N N 294 
TRP HZ2  H N N 295 
TRP HZ3  H N N 296 
TRP HH2  H N N 297 
TRP HXT  H N N 298 
TYR N    N N N 299 
TYR CA   C N S 300 
TYR C    C N N 301 
TYR O    O N N 302 
TYR CB   C N N 303 
TYR CG   C Y N 304 
TYR CD1  C Y N 305 
TYR CD2  C Y N 306 
TYR CE1  C Y N 307 
TYR CE2  C Y N 308 
TYR CZ   C Y N 309 
TYR OH   O N N 310 
TYR OXT  O N N 311 
TYR H    H N N 312 
TYR H2   H N N 313 
TYR HA   H N N 314 
TYR HB2  H N N 315 
TYR HB3  H N N 316 
TYR HD1  H N N 317 
TYR HD2  H N N 318 
TYR HE1  H N N 319 
TYR HE2  H N N 320 
TYR HH   H N N 321 
TYR HXT  H N N 322 
VAL N    N N N 323 
VAL CA   C N S 324 
VAL C    C N N 325 
VAL O    O N N 326 
VAL CB   C N N 327 
VAL CG1  C N N 328 
VAL CG2  C N N 329 
VAL OXT  O N N 330 
VAL H    H N N 331 
VAL H2   H N N 332 
VAL HA   H N N 333 
VAL HB   H N N 334 
VAL HG11 H N N 335 
VAL HG12 H N N 336 
VAL HG13 H N N 337 
VAL HG21 H N N 338 
VAL HG22 H N N 339 
VAL HG23 H N N 340 
VAL HXT  H N N 341 
# 
loop_
_chem_comp_bond.comp_id 
_chem_comp_bond.atom_id_1 
_chem_comp_bond.atom_id_2 
_chem_comp_bond.value_order 
_chem_comp_bond.pdbx_aromatic_flag 
_chem_comp_bond.pdbx_stereo_config 
_chem_comp_bond.pdbx_ordinal 
ALA N   CA   sing N N 1   
ALA N   H    sing N N 2   
ALA N   H2   sing N N 3   
ALA CA  C    sing N N 4   
ALA CA  CB   sing N N 5   
ALA CA  HA   sing N N 6   
ALA C   O    doub N N 7   
ALA C   OXT  sing N N 8   
ALA CB  HB1  sing N N 9   
ALA CB  HB2  sing N N 10  
ALA CB  HB3  sing N N 11  
ALA OXT HXT  sing N N 12  
ARG N   CA   sing N N 13  
ARG N   H    sing N N 14  
ARG N   H2   sing N N 15  
ARG CA  C    sing N N 16  
ARG CA  CB   sing N N 17  
ARG CA  HA   sing N N 18  
ARG C   O    doub N N 19  
ARG C   OXT  sing N N 20  
ARG CB  CG   sing N N 21  
ARG CB  HB2  sing N N 22  
ARG CB  HB3  sing N N 23  
ARG CG  CD   sing N N 24  
ARG CG  HG2  sing N N 25  
ARG CG  HG3  sing N N 26  
ARG CD  NE   sing N N 27  
ARG CD  HD2  sing N N 28  
ARG CD  HD3  sing N N 29  
ARG NE  CZ   sing N N 30  
ARG NE  HE   sing N N 31  
ARG CZ  NH1  sing N N 32  
ARG CZ  NH2  doub N N 33  
ARG NH1 HH11 sing N N 34  
ARG NH1 HH12 sing N N 35  
ARG NH2 HH21 sing N N 36  
ARG NH2 HH22 sing N N 37  
ARG OXT HXT  sing N N 38  
ASN N   CA   sing N N 39  
ASN N   H    sing N N 40  
ASN N   H2   sing N N 41  
ASN CA  C    sing N N 42  
ASN CA  CB   sing N N 43  
ASN CA  HA   sing N N 44  
ASN C   O    doub N N 45  
ASN C   OXT  sing N N 46  
ASN CB  CG   sing N N 47  
ASN CB  HB2  sing N N 48  
ASN CB  HB3  sing N N 49  
ASN CG  OD1  doub N N 50  
ASN CG  ND2  sing N N 51  
ASN ND2 HD21 sing N N 52  
ASN ND2 HD22 sing N N 53  
ASN OXT HXT  sing N N 54  
ASP N   CA   sing N N 55  
ASP N   H    sing N N 56  
ASP N   H2   sing N N 57  
ASP CA  C    sing N N 58  
ASP CA  CB   sing N N 59  
ASP CA  HA   sing N N 60  
ASP C   O    doub N N 61  
ASP C   OXT  sing N N 62  
ASP CB  CG   sing N N 63  
ASP CB  HB2  sing N N 64  
ASP CB  HB3  sing N N 65  
ASP CG  OD1  doub N N 66  
ASP CG  OD2  sing N N 67  
ASP OD2 HD2  sing N N 68  
ASP OXT HXT  sing N N 69  
GLU N   CA   sing N N 70  
GLU N   H    sing N N 71  
GLU N   H2   sing N N 72  
GLU CA  C    sing N N 73  
GLU CA  CB   sing N N 74  
GLU CA  HA   sing N N 75  
GLU C   O    doub N N 76  
GLU C   OXT  sing N N 77  
GLU CB  CG   sing N N 78  
GLU CB  HB2  sing N N 79  
GLU CB  HB3  sing N N 80  
GLU CG  CD   sing N N 81  
GLU CG  HG2  sing N N 82  
GLU CG  HG3  sing N N 83  
GLU CD  OE1  doub N N 84  
GLU CD  OE2  sing N N 85  
GLU OE2 HE2  sing N N 86  
GLU OXT HXT  sing N N 87  
GLY N   CA   sing N N 88  
GLY N   H    sing N N 89  
GLY N   H2   sing N N 90  
GLY CA  C    sing N N 91  
GLY CA  HA2  sing N N 92  
GLY CA  HA3  sing N N 93  
GLY C   O    doub N N 94  
GLY C   OXT  sing N N 95  
GLY OXT HXT  sing N N 96  
HIS N   CA   sing N N 97  
HIS N   H    sing N N 98  
HIS N   H2   sing N N 99  
HIS CA  C    sing N N 100 
HIS CA  CB   sing N N 101 
HIS CA  HA   sing N N 102 
HIS C   O    doub N N 103 
HIS C   OXT  sing N N 104 
HIS CB  CG   sing N N 105 
HIS CB  HB2  sing N N 106 
HIS CB  HB3  sing N N 107 
HIS CG  ND1  sing Y N 108 
HIS CG  CD2  doub Y N 109 
HIS ND1 CE1  doub Y N 110 
HIS ND1 HD1  sing N N 111 
HIS CD2 NE2  sing Y N 112 
HIS CD2 HD2  sing N N 113 
HIS CE1 NE2  sing Y N 114 
HIS CE1 HE1  sing N N 115 
HIS NE2 HE2  sing N N 116 
HIS OXT HXT  sing N N 117 
HOH O   H1   sing N N 118 
HOH O   H2   sing N N 119 
ILE N   CA   sing N N 120 
ILE N   H    sing N N 121 
ILE N   H2   sing N N 122 
ILE CA  C    sing N N 123 
ILE CA  CB   sing N N 124 
ILE CA  HA   sing N N 125 
ILE C   O    doub N N 126 
ILE C   OXT  sing N N 127 
ILE CB  CG1  sing N N 128 
ILE CB  CG2  sing N N 129 
ILE CB  HB   sing N N 130 
ILE CG1 CD1  sing N N 131 
ILE CG1 HG12 sing N N 132 
ILE CG1 HG13 sing N N 133 
ILE CG2 HG21 sing N N 134 
ILE CG2 HG22 sing N N 135 
ILE CG2 HG23 sing N N 136 
ILE CD1 HD11 sing N N 137 
ILE CD1 HD12 sing N N 138 
ILE CD1 HD13 sing N N 139 
ILE OXT HXT  sing N N 140 
LEU N   CA   sing N N 141 
LEU N   H    sing N N 142 
LEU N   H2   sing N N 143 
LEU CA  C    sing N N 144 
LEU CA  CB   sing N N 145 
LEU CA  HA   sing N N 146 
LEU C   O    doub N N 147 
LEU C   OXT  sing N N 148 
LEU CB  CG   sing N N 149 
LEU CB  HB2  sing N N 150 
LEU CB  HB3  sing N N 151 
LEU CG  CD1  sing N N 152 
LEU CG  CD2  sing N N 153 
LEU CG  HG   sing N N 154 
LEU CD1 HD11 sing N N 155 
LEU CD1 HD12 sing N N 156 
LEU CD1 HD13 sing N N 157 
LEU CD2 HD21 sing N N 158 
LEU CD2 HD22 sing N N 159 
LEU CD2 HD23 sing N N 160 
LEU OXT HXT  sing N N 161 
LYS N   CA   sing N N 162 
LYS N   H    sing N N 163 
LYS N   H2   sing N N 164 
LYS CA  C    sing N N 165 
LYS CA  CB   sing N N 166 
LYS CA  HA   sing N N 167 
LYS C   O    doub N N 168 
LYS C   OXT  sing N N 169 
LYS CB  CG   sing N N 170 
LYS CB  HB2  sing N N 171 
LYS CB  HB3  sing N N 172 
LYS CG  CD   sing N N 173 
LYS CG  HG2  sing N N 174 
LYS CG  HG3  sing N N 175 
LYS CD  CE   sing N N 176 
LYS CD  HD2  sing N N 177 
LYS CD  HD3  sing N N 178 
LYS CE  NZ   sing N N 179 
LYS CE  HE2  sing N N 180 
LYS CE  HE3  sing N N 181 
LYS NZ  HZ1  sing N N 182 
LYS NZ  HZ2  sing N N 183 
LYS NZ  HZ3  sing N N 184 
LYS OXT HXT  sing N N 185 
PHE N   CA   sing N N 186 
PHE N   H    sing N N 187 
PHE N   H2   sing N N 188 
PHE CA  C    sing N N 189 
PHE CA  CB   sing N N 190 
PHE CA  HA   sing N N 191 
PHE C   O    doub N N 192 
PHE C   OXT  sing N N 193 
PHE CB  CG   sing N N 194 
PHE CB  HB2  sing N N 195 
PHE CB  HB3  sing N N 196 
PHE CG  CD1  doub Y N 197 
PHE CG  CD2  sing Y N 198 
PHE CD1 CE1  sing Y N 199 
PHE CD1 HD1  sing N N 200 
PHE CD2 CE2  doub Y N 201 
PHE CD2 HD2  sing N N 202 
PHE CE1 CZ   doub Y N 203 
PHE CE1 HE1  sing N N 204 
PHE CE2 CZ   sing Y N 205 
PHE CE2 HE2  sing N N 206 
PHE CZ  HZ   sing N N 207 
PHE OXT HXT  sing N N 208 
PRO N   CA   sing N N 209 
PRO N   CD   sing N N 210 
PRO N   H    sing N N 211 
PRO CA  C    sing N N 212 
PRO CA  CB   sing N N 213 
PRO CA  HA   sing N N 214 
PRO C   O    doub N N 215 
PRO C   OXT  sing N N 216 
PRO CB  CG   sing N N 217 
PRO CB  HB2  sing N N 218 
PRO CB  HB3  sing N N 219 
PRO CG  CD   sing N N 220 
PRO CG  HG2  sing N N 221 
PRO CG  HG3  sing N N 222 
PRO CD  HD2  sing N N 223 
PRO CD  HD3  sing N N 224 
PRO OXT HXT  sing N N 225 
SER N   CA   sing N N 226 
SER N   H    sing N N 227 
SER N   H2   sing N N 228 
SER CA  C    sing N N 229 
SER CA  CB   sing N N 230 
SER CA  HA   sing N N 231 
SER C   O    doub N N 232 
SER C   OXT  sing N N 233 
SER CB  OG   sing N N 234 
SER CB  HB2  sing N N 235 
SER CB  HB3  sing N N 236 
SER OG  HG   sing N N 237 
SER OXT HXT  sing N N 238 
SO4 S   O1   doub N N 239 
SO4 S   O2   doub N N 240 
SO4 S   O3   sing N N 241 
SO4 S   O4   sing N N 242 
THR N   CA   sing N N 243 
THR N   H    sing N N 244 
THR N   H2   sing N N 245 
THR CA  C    sing N N 246 
THR CA  CB   sing N N 247 
THR CA  HA   sing N N 248 
THR C   O    doub N N 249 
THR C   OXT  sing N N 250 
THR CB  OG1  sing N N 251 
THR CB  CG2  sing N N 252 
THR CB  HB   sing N N 253 
THR OG1 HG1  sing N N 254 
THR CG2 HG21 sing N N 255 
THR CG2 HG22 sing N N 256 
THR CG2 HG23 sing N N 257 
THR OXT HXT  sing N N 258 
TRP N   CA   sing N N 259 
TRP N   H    sing N N 260 
TRP N   H2   sing N N 261 
TRP CA  C    sing N N 262 
TRP CA  CB   sing N N 263 
TRP CA  HA   sing N N 264 
TRP C   O    doub N N 265 
TRP C   OXT  sing N N 266 
TRP CB  CG   sing N N 267 
TRP CB  HB2  sing N N 268 
TRP CB  HB3  sing N N 269 
TRP CG  CD1  doub Y N 270 
TRP CG  CD2  sing Y N 271 
TRP CD1 NE1  sing Y N 272 
TRP CD1 HD1  sing N N 273 
TRP CD2 CE2  doub Y N 274 
TRP CD2 CE3  sing Y N 275 
TRP NE1 CE2  sing Y N 276 
TRP NE1 HE1  sing N N 277 
TRP CE2 CZ2  sing Y N 278 
TRP CE3 CZ3  doub Y N 279 
TRP CE3 HE3  sing N N 280 
TRP CZ2 CH2  doub Y N 281 
TRP CZ2 HZ2  sing N N 282 
TRP CZ3 CH2  sing Y N 283 
TRP CZ3 HZ3  sing N N 284 
TRP CH2 HH2  sing N N 285 
TRP OXT HXT  sing N N 286 
TYR N   CA   sing N N 287 
TYR N   H    sing N N 288 
TYR N   H2   sing N N 289 
TYR CA  C    sing N N 290 
TYR CA  CB   sing N N 291 
TYR CA  HA   sing N N 292 
TYR C   O    doub N N 293 
TYR C   OXT  sing N N 294 
TYR CB  CG   sing N N 295 
TYR CB  HB2  sing N N 296 
TYR CB  HB3  sing N N 297 
TYR CG  CD1  doub Y N 298 
TYR CG  CD2  sing Y N 299 
TYR CD1 CE1  sing Y N 300 
TYR CD1 HD1  sing N N 301 
TYR CD2 CE2  doub Y N 302 
TYR CD2 HD2  sing N N 303 
TYR CE1 CZ   doub Y N 304 
TYR CE1 HE1  sing N N 305 
TYR CE2 CZ   sing Y N 306 
TYR CE2 HE2  sing N N 307 
TYR CZ  OH   sing N N 308 
TYR OH  HH   sing N N 309 
TYR OXT HXT  sing N N 310 
VAL N   CA   sing N N 311 
VAL N   H    sing N N 312 
VAL N   H2   sing N N 313 
VAL CA  C    sing N N 314 
VAL CA  CB   sing N N 315 
VAL CA  HA   sing N N 316 
VAL C   O    doub N N 317 
VAL C   OXT  sing N N 318 
VAL CB  CG1  sing N N 319 
VAL CB  CG2  sing N N 320 
VAL CB  HB   sing N N 321 
VAL CG1 HG11 sing N N 322 
VAL CG1 HG12 sing N N 323 
VAL CG1 HG13 sing N N 324 
VAL CG2 HG21 sing N N 325 
VAL CG2 HG22 sing N N 326 
VAL CG2 HG23 sing N N 327 
VAL OXT HXT  sing N N 328 
# 
loop_
_pdbx_entity_nonpoly.entity_id 
_pdbx_entity_nonpoly.name 
_pdbx_entity_nonpoly.comp_id 
2 'SULFATE ION' SO4 
3 water         HOH 
# 
_pdbx_initial_refinement_model.id               1 
_pdbx_initial_refinement_model.entity_id_list   ? 
_pdbx_initial_refinement_model.type             'experimental model' 
_pdbx_initial_refinement_model.source_name      PDB 
_pdbx_initial_refinement_model.accession_code   6C1T 
_pdbx_initial_refinement_model.details          ? 
# 
_pdbx_struct_assembly_auth_evidence.id                     1 
_pdbx_struct_assembly_auth_evidence.assembly_id            1 
_pdbx_struct_assembly_auth_evidence.experimental_support   'gel filtration' 
_pdbx_struct_assembly_auth_evidence.details                ? 
# 
